data_5N77
#
_entry.id   5N77
#
_cell.length_a   73.313
_cell.length_b   117.453
_cell.length_c   91.114
_cell.angle_alpha   90.00
_cell.angle_beta   103.27
_cell.angle_gamma   90.00
#
_symmetry.space_group_name_H-M   'P 1 21 1'
#
loop_
_entity.id
_entity.type
_entity.pdbx_description
1 polymer 'Magnesium transport protein CorA'
2 non-polymer 'MAGNESIUM ION'
3 non-polymer 2-(2-METHOXYETHOXY)ETHANOL
4 water water
#
_entity_poly.entity_id   1
_entity_poly.type   'polypeptide(L)'
_entity_poly.pdbx_seq_one_letter_code
;MLSAFQLENNRLTRLEVEESQPLVNAVWIDLVEPDDDERLRVQSELGQSLATRPELEDIEASARFFEDDDGLHIHSFFFF
EDAEDHAGNSTVAFTIRDGRLFTLRERELPAFRLYRMRARSQSMVDGNAYELLLDLFETKIEQLADEIENIYSDLEQLSR
VIMEGHQGDEYDEALSTLAELEDIGWKVRLCLMDTQRALNFLVRKARLPGGQLEQAREILRDIESLLPHNESLFQKVNFL
MQAAMGFINIEQNRIIK
;
_entity_poly.pdbx_strand_id   A,B,C,D,E
#
loop_
_chem_comp.id
_chem_comp.type
_chem_comp.name
_chem_comp.formula
MG non-polymer 'MAGNESIUM ION' 'Mg 2'
PG0 non-polymer 2-(2-METHOXYETHOXY)ETHANOL 'C5 H12 O3'
#
# COMPACT_ATOMS: atom_id res chain seq x y z
N MET A 1 -38.42 -24.19 -1.42
CA MET A 1 -39.19 -23.30 -0.51
C MET A 1 -39.53 -22.00 -1.21
N LEU A 2 -40.82 -21.78 -1.46
CA LEU A 2 -41.27 -20.58 -2.13
C LEU A 2 -42.13 -19.75 -1.18
N SER A 3 -41.72 -18.51 -0.96
CA SER A 3 -42.50 -17.52 -0.21
C SER A 3 -42.73 -16.36 -1.14
N ALA A 4 -43.89 -15.75 -1.01
CA ALA A 4 -44.24 -14.58 -1.82
C ALA A 4 -44.87 -13.51 -0.94
N PHE A 5 -44.61 -12.26 -1.29
CA PHE A 5 -45.07 -11.10 -0.51
C PHE A 5 -45.72 -10.08 -1.40
N GLN A 6 -46.82 -9.51 -0.90
CA GLN A 6 -47.48 -8.38 -1.60
C GLN A 6 -47.56 -7.17 -0.71
N LEU A 7 -47.86 -6.04 -1.33
CA LEU A 7 -47.82 -4.75 -0.65
C LEU A 7 -49.21 -4.26 -0.25
N GLU A 8 -49.34 -3.80 0.99
CA GLU A 8 -50.61 -3.25 1.52
C GLU A 8 -50.36 -2.04 2.43
N ASN A 9 -50.50 -0.83 1.86
CA ASN A 9 -50.12 0.42 2.53
C ASN A 9 -48.64 0.50 2.83
N ASN A 10 -47.85 0.24 1.81
CA ASN A 10 -46.40 0.12 1.95
C ASN A 10 -46.03 -0.83 3.11
N ARG A 11 -46.76 -1.94 3.25
CA ARG A 11 -46.42 -2.98 4.23
C ARG A 11 -46.35 -4.33 3.56
N LEU A 12 -45.17 -4.97 3.62
CA LEU A 12 -45.01 -6.29 3.04
C LEU A 12 -45.84 -7.27 3.80
N THR A 13 -46.80 -7.89 3.12
CA THR A 13 -47.65 -8.91 3.74
C THR A 13 -47.49 -10.25 3.03
N ARG A 14 -47.34 -11.28 3.85
CA ARG A 14 -46.99 -12.61 3.39
C ARG A 14 -48.17 -13.24 2.67
N LEU A 15 -48.07 -13.43 1.37
CA LEU A 15 -49.19 -13.97 0.59
C LEU A 15 -49.16 -15.50 0.58
N GLU A 16 -50.26 -16.14 0.94
CA GLU A 16 -50.23 -17.60 1.12
C GLU A 16 -50.14 -18.21 -0.30
N VAL A 17 -49.21 -19.15 -0.49
CA VAL A 17 -48.87 -19.66 -1.84
C VAL A 17 -49.30 -21.11 -2.11
N GLU A 18 -49.25 -21.96 -1.09
CA GLU A 18 -49.88 -23.30 -1.17
C GLU A 18 -51.34 -23.18 -1.63
N GLU A 19 -52.03 -22.20 -1.04
CA GLU A 19 -53.46 -21.94 -1.27
C GLU A 19 -53.77 -20.84 -2.32
N SER A 20 -53.26 -19.62 -2.11
CA SER A 20 -53.63 -18.47 -2.95
C SER A 20 -52.70 -18.42 -4.17
N GLN A 21 -53.09 -19.17 -5.19
CA GLN A 21 -52.25 -19.42 -6.35
C GLN A 21 -51.71 -18.15 -7.04
N PRO A 22 -52.57 -17.15 -7.29
CA PRO A 22 -52.06 -15.96 -8.02
C PRO A 22 -50.80 -15.34 -7.41
N LEU A 23 -49.69 -15.56 -8.11
CA LEU A 23 -48.39 -14.98 -7.78
C LEU A 23 -48.26 -13.60 -8.38
N VAL A 24 -49.10 -13.30 -9.37
CA VAL A 24 -49.00 -12.03 -10.12
C VAL A 24 -49.14 -10.82 -9.19
N ASN A 25 -49.82 -11.00 -8.06
CA ASN A 25 -50.04 -9.90 -7.10
C ASN A 25 -48.82 -9.63 -6.20
N ALA A 26 -47.78 -10.45 -6.30
CA ALA A 26 -46.61 -10.28 -5.42
C ALA A 26 -45.64 -9.23 -5.95
N VAL A 27 -45.04 -8.48 -5.03
CA VAL A 27 -43.91 -7.59 -5.32
C VAL A 27 -42.56 -8.29 -5.12
N TRP A 28 -42.53 -9.30 -4.27
CA TRP A 28 -41.30 -10.03 -3.90
C TRP A 28 -41.54 -11.54 -3.86
N ILE A 29 -40.80 -12.25 -4.69
CA ILE A 29 -40.76 -13.71 -4.61
C ILE A 29 -39.39 -14.12 -4.10
N ASP A 30 -39.41 -14.94 -3.05
CA ASP A 30 -38.21 -15.35 -2.33
C ASP A 30 -38.06 -16.87 -2.40
N LEU A 31 -37.04 -17.35 -3.11
CA LEU A 31 -36.80 -18.77 -3.22
C LEU A 31 -35.59 -19.25 -2.43
N VAL A 32 -35.79 -20.30 -1.64
CA VAL A 32 -34.71 -20.96 -0.88
C VAL A 32 -34.61 -22.42 -1.32
N GLU A 33 -33.53 -22.76 -2.01
CA GLU A 33 -33.29 -24.15 -2.47
C GLU A 33 -34.52 -24.66 -3.18
N PRO A 34 -34.98 -23.92 -4.18
CA PRO A 34 -36.22 -24.27 -4.79
C PRO A 34 -36.12 -25.49 -5.70
N ASP A 35 -37.10 -26.40 -5.58
CA ASP A 35 -37.19 -27.57 -6.47
C ASP A 35 -37.75 -27.17 -7.83
N ASP A 36 -37.70 -28.09 -8.79
CA ASP A 36 -38.04 -27.78 -10.19
C ASP A 36 -39.51 -27.45 -10.36
N ASP A 37 -40.34 -27.93 -9.42
CA ASP A 37 -41.75 -27.57 -9.38
C ASP A 37 -41.97 -26.09 -9.06
N GLU A 38 -41.17 -25.55 -8.15
CA GLU A 38 -41.22 -24.12 -7.78
C GLU A 38 -40.62 -23.21 -8.85
N ARG A 39 -39.52 -23.67 -9.47
CA ARG A 39 -38.85 -22.92 -10.53
C ARG A 39 -39.80 -22.75 -11.70
N LEU A 40 -40.36 -23.88 -12.15
CA LEU A 40 -41.32 -23.92 -13.25
C LEU A 40 -42.57 -23.09 -12.99
N ARG A 41 -43.00 -23.06 -11.73
CA ARG A 41 -44.15 -22.27 -11.35
C ARG A 41 -43.90 -20.78 -11.56
N VAL A 42 -42.69 -20.34 -11.25
CA VAL A 42 -42.29 -18.94 -11.45
C VAL A 42 -42.13 -18.66 -12.93
N GLN A 43 -41.57 -19.63 -13.64
CA GLN A 43 -41.39 -19.56 -15.09
C GLN A 43 -42.69 -19.34 -15.83
N SER A 44 -43.74 -20.07 -15.44
CA SER A 44 -45.02 -20.03 -16.18
C SER A 44 -45.95 -18.91 -15.70
N GLU A 45 -46.06 -18.71 -14.39
CA GLU A 45 -46.95 -17.69 -13.83
C GLU A 45 -46.40 -16.27 -13.98
N LEU A 46 -45.09 -16.12 -13.89
CA LEU A 46 -44.43 -14.87 -14.26
C LEU A 46 -43.52 -15.19 -15.44
N GLY A 47 -42.78 -14.23 -15.95
CA GLY A 47 -41.99 -14.50 -17.14
C GLY A 47 -40.65 -15.13 -16.83
N GLN A 48 -40.45 -15.52 -15.58
CA GLN A 48 -39.11 -15.45 -14.97
C GLN A 48 -38.24 -16.71 -14.94
N SER A 49 -37.20 -16.70 -15.76
CA SER A 49 -36.09 -17.64 -15.60
C SER A 49 -35.31 -17.24 -14.37
N LEU A 50 -34.74 -18.23 -13.72
CA LEU A 50 -33.92 -17.99 -12.55
C LEU A 50 -32.54 -18.54 -12.77
N ALA A 51 -31.56 -17.96 -12.09
CA ALA A 51 -30.20 -18.36 -12.27
C ALA A 51 -30.00 -19.81 -11.79
N THR A 52 -29.17 -20.57 -12.49
CA THR A 52 -28.87 -21.92 -12.05
C THR A 52 -27.82 -21.90 -10.93
N ARG A 53 -27.73 -23.03 -10.22
CA ARG A 53 -26.81 -23.19 -9.10
C ARG A 53 -25.35 -22.84 -9.45
N PRO A 54 -24.85 -23.32 -10.60
CA PRO A 54 -23.45 -23.02 -10.92
C PRO A 54 -23.21 -21.58 -11.36
N GLU A 55 -24.26 -20.87 -11.76
CA GLU A 55 -24.14 -19.47 -12.16
C GLU A 55 -23.97 -18.57 -10.93
N LEU A 56 -24.33 -19.07 -9.75
CA LEU A 56 -24.13 -18.34 -8.52
C LEU A 56 -22.70 -18.49 -7.98
N GLU A 57 -21.91 -19.35 -8.60
CA GLU A 57 -20.53 -19.55 -8.21
C GLU A 57 -19.63 -18.56 -8.92
N ASP A 58 -20.12 -18.02 -10.03
CA ASP A 58 -19.31 -17.13 -10.85
C ASP A 58 -19.07 -15.80 -10.12
N ILE A 59 -17.80 -15.39 -10.03
CA ILE A 59 -17.38 -14.21 -9.26
C ILE A 59 -16.98 -12.96 -10.08
N GLU A 60 -16.63 -13.19 -11.33
CA GLU A 60 -16.51 -12.18 -12.39
C GLU A 60 -17.66 -11.15 -12.41
N ALA A 61 -17.33 -9.87 -12.42
CA ALA A 61 -18.32 -8.78 -12.48
C ALA A 61 -19.44 -9.03 -13.50
N SER A 62 -19.04 -9.42 -14.71
CA SER A 62 -19.99 -9.56 -15.80
C SER A 62 -20.95 -10.73 -15.59
N ALA A 63 -20.68 -11.55 -14.58
CA ALA A 63 -21.55 -12.67 -14.27
C ALA A 63 -22.40 -12.40 -13.06
N ARG A 64 -22.15 -11.28 -12.40
CA ARG A 64 -22.86 -10.89 -11.19
C ARG A 64 -23.70 -9.61 -11.33
N PHE A 65 -23.25 -8.66 -12.15
CA PHE A 65 -23.93 -7.36 -12.26
C PHE A 65 -24.17 -7.09 -13.74
N PHE A 66 -25.39 -7.38 -14.17
CA PHE A 66 -25.72 -7.34 -15.57
C PHE A 66 -27.22 -7.17 -15.82
N GLU A 67 -27.55 -6.70 -17.01
CA GLU A 67 -28.94 -6.50 -17.49
C GLU A 67 -29.19 -7.33 -18.72
N ASP A 68 -30.35 -7.94 -18.82
CA ASP A 68 -30.70 -8.68 -20.03
C ASP A 68 -32.20 -8.82 -20.18
N ASP A 69 -32.65 -9.61 -21.15
CA ASP A 69 -34.08 -9.78 -21.35
C ASP A 69 -34.83 -10.27 -20.09
N ASP A 70 -34.14 -10.98 -19.21
CA ASP A 70 -34.74 -11.45 -17.96
C ASP A 70 -34.74 -10.41 -16.84
N GLY A 71 -34.20 -9.23 -17.11
CA GLY A 71 -34.29 -8.13 -16.17
C GLY A 71 -32.95 -7.63 -15.65
N LEU A 72 -32.98 -7.07 -14.45
CA LEU A 72 -31.79 -6.52 -13.80
C LEU A 72 -31.27 -7.48 -12.72
N HIS A 73 -30.02 -7.90 -12.87
CA HIS A 73 -29.45 -8.94 -12.03
C HIS A 73 -28.33 -8.41 -11.13
N ILE A 74 -28.46 -8.66 -9.83
CA ILE A 74 -27.37 -8.38 -8.90
C ILE A 74 -27.11 -9.60 -8.06
N HIS A 75 -25.92 -10.20 -8.22
CA HIS A 75 -25.53 -11.32 -7.38
C HIS A 75 -24.62 -10.79 -6.29
N SER A 76 -24.92 -11.16 -5.05
CA SER A 76 -24.22 -10.55 -3.90
C SER A 76 -23.98 -11.55 -2.77
N PHE A 77 -22.75 -11.55 -2.25
CA PHE A 77 -22.42 -12.36 -1.08
C PHE A 77 -23.19 -11.89 0.15
N PHE A 78 -23.77 -12.85 0.86
CA PHE A 78 -24.38 -12.63 2.15
C PHE A 78 -23.67 -13.50 3.18
N PHE A 79 -23.52 -12.96 4.38
CA PHE A 79 -22.68 -13.58 5.40
C PHE A 79 -23.48 -14.51 6.30
N PHE A 80 -22.87 -15.65 6.67
CA PHE A 80 -23.53 -16.58 7.58
C PHE A 80 -22.54 -17.48 8.30
N GLU A 81 -23.05 -18.21 9.29
CA GLU A 81 -22.29 -19.19 10.04
C GLU A 81 -22.96 -20.53 9.88
N ASP A 82 -22.18 -21.53 9.45
CA ASP A 82 -22.74 -22.85 9.17
C ASP A 82 -22.98 -23.64 10.45
N ALA A 83 -23.41 -24.88 10.30
CA ALA A 83 -23.83 -25.68 11.44
C ALA A 83 -22.71 -25.93 12.47
N GLU A 84 -21.47 -26.00 11.98
CA GLU A 84 -20.28 -26.18 12.83
C GLU A 84 -19.56 -24.87 13.19
N ASP A 85 -20.32 -23.77 13.17
CA ASP A 85 -19.85 -22.44 13.56
C ASP A 85 -18.67 -21.91 12.76
N HIS A 86 -18.66 -22.22 11.46
CA HIS A 86 -17.66 -21.69 10.56
C HIS A 86 -18.26 -20.61 9.70
N ALA A 87 -17.60 -19.46 9.64
CA ALA A 87 -18.10 -18.35 8.83
C ALA A 87 -18.11 -18.69 7.35
N GLY A 88 -19.05 -18.14 6.65
CA GLY A 88 -19.12 -18.30 5.21
C GLY A 88 -19.85 -17.16 4.51
N ASN A 89 -19.65 -17.11 3.20
CA ASN A 89 -20.42 -16.22 2.33
C ASN A 89 -21.32 -17.01 1.36
N SER A 90 -22.58 -16.65 1.26
CA SER A 90 -23.50 -17.33 0.34
C SER A 90 -24.02 -16.33 -0.65
N THR A 91 -23.83 -16.62 -1.94
CA THR A 91 -24.26 -15.75 -3.02
C THR A 91 -25.78 -15.84 -3.20
N VAL A 92 -26.40 -14.68 -3.33
CA VAL A 92 -27.84 -14.57 -3.50
C VAL A 92 -28.04 -13.84 -4.81
N ALA A 93 -28.86 -14.40 -5.66
CA ALA A 93 -29.17 -13.75 -6.92
C ALA A 93 -30.41 -12.87 -6.79
N PHE A 94 -30.22 -11.55 -6.88
CA PHE A 94 -31.32 -10.59 -6.91
C PHE A 94 -31.67 -10.31 -8.35
N THR A 95 -32.95 -10.31 -8.67
CA THR A 95 -33.41 -10.01 -10.03
C THR A 95 -34.63 -9.12 -9.97
N ILE A 96 -34.58 -8.01 -10.69
CA ILE A 96 -35.70 -7.07 -10.70
C ILE A 96 -36.25 -6.98 -12.11
N ARG A 97 -37.56 -7.19 -12.23
CA ARG A 97 -38.21 -7.13 -13.53
C ARG A 97 -39.69 -6.81 -13.44
N ASP A 98 -40.09 -5.85 -14.26
CA ASP A 98 -41.46 -5.33 -14.23
C ASP A 98 -41.90 -5.07 -12.78
N GLY A 99 -41.10 -4.28 -12.05
CA GLY A 99 -41.46 -3.82 -10.70
C GLY A 99 -41.50 -4.88 -9.61
N ARG A 100 -41.09 -6.11 -9.95
CA ARG A 100 -41.03 -7.24 -9.01
C ARG A 100 -39.61 -7.70 -8.70
N LEU A 101 -39.36 -7.96 -7.44
CA LEU A 101 -38.07 -8.46 -7.00
C LEU A 101 -38.08 -9.96 -6.82
N PHE A 102 -37.07 -10.63 -7.37
CA PHE A 102 -36.85 -12.06 -7.15
C PHE A 102 -35.53 -12.29 -6.39
N THR A 103 -35.59 -13.00 -5.27
CA THR A 103 -34.40 -13.41 -4.59
C THR A 103 -34.29 -14.90 -4.61
N LEU A 104 -33.18 -15.38 -5.14
CA LEU A 104 -32.89 -16.80 -5.20
C LEU A 104 -31.68 -17.09 -4.34
N ARG A 105 -31.85 -17.98 -3.37
CA ARG A 105 -30.75 -18.36 -2.49
C ARG A 105 -30.64 -19.85 -2.12
N GLU A 106 -29.45 -20.21 -1.68
CA GLU A 106 -29.06 -21.60 -1.45
C GLU A 106 -29.41 -22.02 -0.03
N ARG A 107 -29.78 -21.08 0.82
CA ARG A 107 -29.93 -21.40 2.24
C ARG A 107 -30.58 -20.28 2.99
N GLU A 108 -31.01 -20.57 4.22
CA GLU A 108 -31.52 -19.56 5.13
C GLU A 108 -30.38 -18.60 5.46
N LEU A 109 -30.71 -17.33 5.65
CA LEU A 109 -29.68 -16.30 5.91
C LEU A 109 -30.15 -15.33 6.97
N PRO A 110 -29.23 -14.86 7.82
CA PRO A 110 -29.71 -14.09 8.97
C PRO A 110 -30.24 -12.73 8.58
N ALA A 111 -29.67 -12.13 7.55
CA ALA A 111 -30.21 -10.85 7.05
C ALA A 111 -31.65 -10.96 6.58
N PHE A 112 -31.94 -12.02 5.82
CA PHE A 112 -33.32 -12.24 5.32
C PHE A 112 -34.29 -12.58 6.44
N ARG A 113 -33.85 -13.45 7.32
CA ARG A 113 -34.65 -13.82 8.47
C ARG A 113 -34.99 -12.57 9.29
N LEU A 114 -34.01 -11.68 9.43
CA LEU A 114 -34.19 -10.46 10.18
C LEU A 114 -35.09 -9.45 9.46
N TYR A 115 -34.88 -9.29 8.17
CA TYR A 115 -35.70 -8.34 7.43
C TYR A 115 -37.16 -8.75 7.41
N ARG A 116 -37.41 -10.05 7.25
CA ARG A 116 -38.76 -10.58 7.26
C ARG A 116 -39.46 -10.39 8.59
N MET A 117 -38.75 -10.66 9.68
CA MET A 117 -39.31 -10.40 11.00
C MET A 117 -39.78 -8.95 11.09
N ARG A 118 -38.91 -8.00 10.74
CA ARG A 118 -39.22 -6.57 10.81
C ARG A 118 -40.34 -6.14 9.87
N ALA A 119 -40.29 -6.69 8.67
CA ALA A 119 -41.26 -6.35 7.64
C ALA A 119 -42.70 -6.68 8.03
N ARG A 120 -42.88 -7.59 9.00
CA ARG A 120 -44.22 -7.88 9.56
C ARG A 120 -44.89 -6.73 10.31
N SER A 121 -44.16 -5.70 10.68
CA SER A 121 -44.74 -4.61 11.47
C SER A 121 -43.98 -3.33 11.21
N GLN A 122 -43.81 -2.99 9.93
CA GLN A 122 -42.96 -1.85 9.56
C GLN A 122 -43.25 -1.45 8.13
N SER A 123 -43.44 -0.14 7.94
CA SER A 123 -43.86 0.39 6.65
C SER A 123 -42.65 0.74 5.78
N MET A 124 -42.73 0.36 4.52
CA MET A 124 -41.79 0.86 3.51
C MET A 124 -42.12 2.31 3.19
N VAL A 125 -41.18 3.02 2.55
CA VAL A 125 -41.38 4.44 2.20
C VAL A 125 -42.07 4.64 0.84
N ASP A 126 -41.40 4.25 -0.24
CA ASP A 126 -41.91 4.43 -1.62
C ASP A 126 -42.60 3.14 -2.07
N GLY A 127 -42.27 2.04 -1.40
CA GLY A 127 -42.92 0.76 -1.60
C GLY A 127 -42.65 0.07 -2.91
N ASN A 128 -41.39 -0.12 -3.26
CA ASN A 128 -41.07 -0.76 -4.54
C ASN A 128 -39.89 -1.71 -4.46
N ALA A 129 -39.71 -2.51 -5.52
CA ALA A 129 -38.68 -3.53 -5.60
C ALA A 129 -37.26 -3.03 -5.38
N TYR A 130 -36.94 -1.83 -5.85
CA TYR A 130 -35.61 -1.26 -5.66
C TYR A 130 -35.40 -0.92 -4.20
N GLU A 131 -36.41 -0.34 -3.56
CA GLU A 131 -36.30 -0.04 -2.13
C GLU A 131 -36.06 -1.35 -1.36
N LEU A 132 -36.82 -2.37 -1.74
CA LEU A 132 -36.79 -3.66 -1.05
C LEU A 132 -35.37 -4.26 -1.10
N LEU A 133 -34.78 -4.24 -2.29
CA LEU A 133 -33.42 -4.75 -2.49
C LEU A 133 -32.42 -4.01 -1.61
N LEU A 134 -32.51 -2.69 -1.58
CA LEU A 134 -31.65 -1.88 -0.74
C LEU A 134 -31.90 -2.09 0.75
N ASP A 135 -33.17 -2.29 1.14
CA ASP A 135 -33.51 -2.61 2.53
C ASP A 135 -32.76 -3.88 2.96
N LEU A 136 -32.74 -4.88 2.09
CA LEU A 136 -31.99 -6.12 2.38
C LEU A 136 -30.47 -5.89 2.52
N PHE A 137 -29.92 -5.03 1.68
CA PHE A 137 -28.51 -4.62 1.79
C PHE A 137 -28.22 -3.83 3.07
N GLU A 138 -29.10 -2.87 3.41
CA GLU A 138 -29.03 -2.14 4.69
C GLU A 138 -28.90 -3.11 5.88
N THR A 139 -29.76 -4.13 5.87
CA THR A 139 -29.81 -5.15 6.91
C THR A 139 -28.53 -5.96 6.94
N LYS A 140 -28.04 -6.34 5.76
CA LYS A 140 -26.75 -7.01 5.63
C LYS A 140 -25.63 -6.21 6.30
N ILE A 141 -25.50 -4.93 5.94
CA ILE A 141 -24.46 -4.06 6.50
C ILE A 141 -24.63 -3.96 8.02
N GLU A 142 -25.86 -3.82 8.50
CA GLU A 142 -26.09 -3.74 9.92
C GLU A 142 -25.44 -4.93 10.64
N GLN A 143 -25.54 -6.11 10.03
CA GLN A 143 -25.06 -7.34 10.65
C GLN A 143 -23.58 -7.48 10.50
N LEU A 144 -23.04 -7.08 9.37
CA LEU A 144 -21.58 -7.04 9.17
C LEU A 144 -20.87 -6.14 10.18
N ALA A 145 -21.49 -5.02 10.48
CA ALA A 145 -20.96 -4.10 11.47
C ALA A 145 -21.00 -4.69 12.86
N ASP A 146 -22.06 -5.41 13.16
CA ASP A 146 -22.12 -6.18 14.39
C ASP A 146 -21.02 -7.26 14.48
N GLU A 147 -20.76 -7.98 13.37
CA GLU A 147 -19.68 -8.96 13.36
C GLU A 147 -18.36 -8.31 13.72
N ILE A 148 -18.07 -7.17 13.11
CA ILE A 148 -16.80 -6.48 13.31
C ILE A 148 -16.71 -6.05 14.76
N GLU A 149 -17.78 -5.45 15.26
CA GLU A 149 -17.84 -5.07 16.67
C GLU A 149 -17.46 -6.22 17.56
N ASN A 150 -17.93 -7.41 17.25
CA ASN A 150 -17.65 -8.59 18.08
C ASN A 150 -16.27 -9.17 17.89
N ILE A 151 -15.72 -9.05 16.70
CA ILE A 151 -14.34 -9.40 16.51
C ILE A 151 -13.51 -8.54 17.47
N TYR A 152 -13.84 -7.26 17.60
CA TYR A 152 -13.07 -6.37 18.48
C TYR A 152 -13.06 -6.84 19.92
N SER A 153 -14.23 -7.18 20.44
CA SER A 153 -14.34 -7.52 21.85
C SER A 153 -13.75 -8.86 22.14
N ASP A 154 -13.91 -9.79 21.20
CA ASP A 154 -13.32 -11.13 21.33
C ASP A 154 -11.80 -11.05 21.28
N LEU A 155 -11.31 -10.15 20.44
CA LEU A 155 -9.88 -9.98 20.22
C LEU A 155 -9.22 -9.33 21.41
N GLU A 156 -10.01 -8.52 22.09
CA GLU A 156 -9.59 -7.84 23.30
C GLU A 156 -9.36 -8.87 24.40
N GLN A 157 -10.29 -9.81 24.56
CA GLN A 157 -10.16 -10.84 25.60
C GLN A 157 -9.02 -11.79 25.26
N LEU A 158 -8.98 -12.21 24.02
CA LEU A 158 -7.93 -13.08 23.54
C LEU A 158 -6.55 -12.45 23.70
N SER A 159 -6.48 -11.15 23.48
CA SER A 159 -5.23 -10.43 23.63
C SER A 159 -4.63 -10.67 25.00
N ARG A 160 -5.47 -10.70 26.03
CA ARG A 160 -5.02 -10.84 27.41
C ARG A 160 -4.61 -12.26 27.75
N VAL A 161 -5.29 -13.25 27.20
CA VAL A 161 -4.82 -14.64 27.29
C VAL A 161 -3.39 -14.81 26.74
N ILE A 162 -3.10 -14.15 25.61
CA ILE A 162 -1.79 -14.24 24.95
C ILE A 162 -0.66 -13.53 25.67
N MET A 163 -0.98 -12.55 26.53
CA MET A 163 0.03 -11.89 27.37
C MET A 163 0.19 -12.55 28.74
N GLU A 164 -0.91 -13.09 29.26
CA GLU A 164 -1.00 -13.58 30.64
C GLU A 164 -0.94 -15.12 30.84
N GLY A 165 -1.22 -15.91 29.80
CA GLY A 165 -1.06 -17.38 29.83
C GLY A 165 0.23 -17.94 29.20
N HIS A 166 0.78 -19.03 29.77
CA HIS A 166 1.96 -19.74 29.20
C HIS A 166 1.86 -21.26 29.27
N GLN A 167 0.71 -21.81 29.69
CA GLN A 167 0.44 -23.25 29.52
C GLN A 167 0.41 -23.56 28.02
N GLY A 168 0.72 -24.81 27.65
CA GLY A 168 0.67 -25.27 26.26
C GLY A 168 -0.75 -25.48 25.79
N ASP A 169 -1.64 -25.74 26.75
CA ASP A 169 -3.05 -26.09 26.46
C ASP A 169 -3.96 -24.88 26.17
N GLU A 170 -3.88 -23.84 27.00
CA GLU A 170 -4.64 -22.59 26.75
C GLU A 170 -4.08 -21.77 25.56
N TYR A 171 -2.98 -22.26 24.98
CA TYR A 171 -2.31 -21.59 23.86
C TYR A 171 -2.60 -22.21 22.50
N ASP A 172 -2.71 -23.53 22.41
CA ASP A 172 -3.38 -24.13 21.26
C ASP A 172 -4.69 -23.43 20.99
N GLU A 173 -5.46 -23.26 22.07
CA GLU A 173 -6.82 -22.67 22.04
C GLU A 173 -6.77 -21.23 21.56
N ALA A 174 -5.71 -20.53 21.94
CA ALA A 174 -5.56 -19.11 21.61
C ALA A 174 -5.28 -18.91 20.14
N LEU A 175 -4.31 -19.63 19.61
CA LEU A 175 -4.02 -19.64 18.18
C LEU A 175 -5.23 -20.01 17.33
N SER A 176 -5.98 -21.01 17.77
CA SER A 176 -7.21 -21.41 17.07
C SER A 176 -8.22 -20.29 17.01
N THR A 177 -8.45 -19.64 18.15
CA THR A 177 -9.38 -18.53 18.22
C THR A 177 -8.90 -17.39 17.33
N LEU A 178 -7.62 -17.04 17.42
CA LEU A 178 -7.06 -16.07 16.50
C LEU A 178 -7.40 -16.33 15.06
N ALA A 179 -7.23 -17.57 14.66
CA ALA A 179 -7.45 -17.98 13.28
C ALA A 179 -8.93 -17.95 12.92
N GLU A 180 -9.79 -18.19 13.89
CA GLU A 180 -11.22 -18.08 13.70
C GLU A 180 -11.63 -16.61 13.54
N LEU A 181 -11.00 -15.70 14.26
CA LEU A 181 -11.26 -14.27 14.12
C LEU A 181 -10.71 -13.70 12.81
N GLU A 182 -9.55 -14.17 12.41
CA GLU A 182 -8.97 -13.75 11.12
C GLU A 182 -9.91 -14.12 9.99
N ASP A 183 -10.41 -15.34 10.05
CA ASP A 183 -11.28 -15.84 9.00
C ASP A 183 -12.62 -15.09 8.93
N ILE A 184 -13.19 -14.74 10.08
CA ILE A 184 -14.43 -14.01 10.09
C ILE A 184 -14.18 -12.66 9.43
N GLY A 185 -13.19 -11.93 9.90
CA GLY A 185 -12.88 -10.63 9.31
C GLY A 185 -12.63 -10.68 7.82
N TRP A 186 -11.97 -11.73 7.37
CA TRP A 186 -11.62 -11.93 5.97
C TRP A 186 -12.86 -12.09 5.15
N LYS A 187 -13.78 -12.91 5.64
CA LYS A 187 -15.03 -13.15 4.96
C LYS A 187 -15.97 -11.95 5.03
N VAL A 188 -15.89 -11.19 6.11
CA VAL A 188 -16.66 -9.94 6.19
C VAL A 188 -16.17 -8.97 5.11
N ARG A 189 -14.86 -8.89 4.94
CA ARG A 189 -14.34 -7.98 3.91
C ARG A 189 -14.83 -8.36 2.56
N LEU A 190 -14.82 -9.65 2.22
CA LEU A 190 -15.27 -10.11 0.89
C LEU A 190 -16.72 -9.70 0.71
N CYS A 191 -17.51 -9.90 1.75
CA CYS A 191 -18.91 -9.55 1.73
C CYS A 191 -19.10 -8.03 1.48
N LEU A 192 -18.41 -7.20 2.24
CA LEU A 192 -18.41 -5.74 2.02
C LEU A 192 -17.98 -5.31 0.63
N MET A 193 -16.85 -5.81 0.17
CA MET A 193 -16.29 -5.43 -1.14
C MET A 193 -17.27 -5.69 -2.26
N ASP A 194 -17.98 -6.81 -2.13
CA ASP A 194 -18.89 -7.28 -3.14
C ASP A 194 -20.18 -6.48 -3.18
N THR A 195 -20.73 -6.20 -2.01
CA THR A 195 -21.82 -5.26 -1.88
C THR A 195 -21.45 -3.86 -2.42
N GLN A 196 -20.22 -3.43 -2.17
CA GLN A 196 -19.78 -2.16 -2.71
C GLN A 196 -19.84 -2.13 -4.25
N ARG A 197 -19.33 -3.18 -4.92
CA ARG A 197 -19.40 -3.25 -6.39
C ARG A 197 -20.85 -3.24 -6.84
N ALA A 198 -21.67 -3.96 -6.10
CA ALA A 198 -23.04 -4.15 -6.49
C ALA A 198 -23.74 -2.81 -6.50
N LEU A 199 -23.56 -2.06 -5.42
CA LEU A 199 -24.19 -0.74 -5.27
C LEU A 199 -23.62 0.28 -6.23
N ASN A 200 -22.34 0.22 -6.53
CA ASN A 200 -21.78 1.13 -7.54
C ASN A 200 -22.40 0.89 -8.90
N PHE A 201 -22.62 -0.38 -9.22
CA PHE A 201 -23.24 -0.77 -10.47
C PHE A 201 -24.66 -0.21 -10.51
N LEU A 202 -25.40 -0.45 -9.45
CA LEU A 202 -26.77 0.00 -9.35
C LEU A 202 -26.93 1.49 -9.56
N VAL A 203 -26.01 2.24 -9.00
CA VAL A 203 -26.10 3.68 -9.06
C VAL A 203 -25.99 4.16 -10.50
N ARG A 204 -25.18 3.51 -11.31
CA ARG A 204 -24.93 3.96 -12.67
C ARG A 204 -25.95 3.41 -13.68
N LYS A 205 -26.53 2.27 -13.31
CA LYS A 205 -27.30 1.43 -14.25
C LYS A 205 -28.80 1.55 -14.11
N ALA A 206 -29.34 1.32 -12.91
CA ALA A 206 -30.80 1.39 -12.76
C ALA A 206 -31.18 2.83 -12.65
N ARG A 207 -32.19 3.21 -13.42
CA ARG A 207 -33.04 4.32 -13.02
C ARG A 207 -33.35 3.90 -11.57
N LEU A 208 -32.93 4.73 -10.63
CA LEU A 208 -33.24 4.47 -9.24
C LEU A 208 -34.10 5.68 -8.87
N PRO A 209 -35.34 5.44 -8.45
CA PRO A 209 -36.07 6.58 -7.89
C PRO A 209 -35.24 7.33 -6.83
N GLY A 210 -35.24 8.66 -6.87
CA GLY A 210 -34.34 9.48 -6.07
C GLY A 210 -34.29 9.19 -4.57
N GLY A 211 -35.39 8.68 -4.02
CA GLY A 211 -35.44 8.24 -2.59
C GLY A 211 -34.56 7.01 -2.39
N GLN A 212 -34.58 6.15 -3.40
CA GLN A 212 -33.71 5.00 -3.47
C GLN A 212 -32.24 5.35 -3.70
N LEU A 213 -31.98 6.40 -4.46
CA LEU A 213 -30.61 6.79 -4.77
C LEU A 213 -29.86 7.22 -3.53
N GLU A 214 -30.51 8.02 -2.70
CA GLU A 214 -29.90 8.50 -1.47
C GLU A 214 -29.68 7.31 -0.51
N GLN A 215 -30.63 6.41 -0.47
CA GLN A 215 -30.54 5.19 0.34
C GLN A 215 -29.28 4.38 -0.02
N ALA A 216 -29.08 4.18 -1.30
CA ALA A 216 -27.93 3.49 -1.82
C ALA A 216 -26.64 4.19 -1.42
N ARG A 217 -26.61 5.51 -1.56
CA ARG A 217 -25.41 6.26 -1.22
C ARG A 217 -25.12 6.13 0.26
N GLU A 218 -26.17 6.11 1.07
CA GLU A 218 -26.02 5.93 2.52
C GLU A 218 -25.36 4.60 2.83
N ILE A 219 -25.76 3.56 2.12
CA ILE A 219 -25.16 2.24 2.30
C ILE A 219 -23.70 2.26 1.82
N LEU A 220 -23.45 2.88 0.69
CA LEU A 220 -22.09 3.02 0.22
C LEU A 220 -21.22 3.73 1.26
N ARG A 221 -21.76 4.77 1.87
CA ARG A 221 -21.04 5.55 2.88
C ARG A 221 -20.73 4.67 4.09
N ASP A 222 -21.65 3.78 4.44
CA ASP A 222 -21.43 2.88 5.57
C ASP A 222 -20.31 1.91 5.28
N ILE A 223 -20.34 1.35 4.08
CA ILE A 223 -19.30 0.45 3.66
C ILE A 223 -17.94 1.15 3.69
N GLU A 224 -17.85 2.36 3.16
CA GLU A 224 -16.57 3.09 3.15
C GLU A 224 -16.07 3.20 4.59
N SER A 225 -16.99 3.28 5.53
CA SER A 225 -16.62 3.46 6.92
C SER A 225 -16.31 2.16 7.68
N LEU A 226 -16.70 1.03 7.12
CA LEU A 226 -16.45 -0.26 7.79
C LEU A 226 -15.19 -0.94 7.28
N LEU A 227 -14.87 -0.77 6.00
CA LEU A 227 -13.68 -1.37 5.44
C LEU A 227 -12.39 -1.08 6.23
N PRO A 228 -12.10 0.19 6.58
CA PRO A 228 -10.90 0.42 7.41
C PRO A 228 -10.83 -0.36 8.73
N HIS A 229 -11.97 -0.50 9.42
CA HIS A 229 -11.99 -1.34 10.62
C HIS A 229 -11.51 -2.75 10.35
N ASN A 230 -12.01 -3.32 9.29
CA ASN A 230 -11.58 -4.62 8.87
C ASN A 230 -10.08 -4.69 8.77
N GLU A 231 -9.49 -3.68 8.16
CA GLU A 231 -8.04 -3.74 7.85
C GLU A 231 -7.21 -3.59 9.11
N SER A 232 -7.77 -2.85 10.04
CA SER A 232 -7.16 -2.62 11.32
C SER A 232 -7.10 -3.91 12.14
N LEU A 233 -8.15 -4.72 12.08
CA LEU A 233 -8.15 -5.99 12.77
C LEU A 233 -7.09 -6.90 12.26
N PHE A 234 -6.86 -6.94 10.95
CA PHE A 234 -5.79 -7.81 10.40
C PHE A 234 -4.42 -7.46 10.95
N GLN A 235 -4.12 -6.19 11.14
CA GLN A 235 -2.83 -5.82 11.74
C GLN A 235 -2.64 -6.39 13.12
N LYS A 236 -3.67 -6.20 13.95
CA LYS A 236 -3.70 -6.68 15.33
C LYS A 236 -3.57 -8.18 15.34
N VAL A 237 -4.39 -8.85 14.57
CA VAL A 237 -4.32 -10.29 14.49
C VAL A 237 -2.94 -10.80 14.14
N ASN A 238 -2.30 -10.16 13.16
CA ASN A 238 -0.97 -10.59 12.71
C ASN A 238 0.09 -10.35 13.74
N PHE A 239 -0.05 -9.26 14.48
CA PHE A 239 0.90 -8.91 15.51
C PHE A 239 0.75 -9.91 16.67
N LEU A 240 -0.49 -10.25 17.01
CA LEU A 240 -0.76 -11.20 18.09
C LEU A 240 -0.19 -12.58 17.77
N MET A 241 -0.31 -12.97 16.52
CA MET A 241 0.30 -14.20 16.04
C MET A 241 1.81 -14.17 16.30
N GLN A 242 2.43 -13.04 16.01
CA GLN A 242 3.88 -12.93 16.14
C GLN A 242 4.30 -13.00 17.58
N ALA A 243 3.55 -12.34 18.44
CA ALA A 243 3.88 -12.29 19.86
C ALA A 243 3.79 -13.68 20.48
N ALA A 244 2.74 -14.40 20.09
CA ALA A 244 2.53 -15.78 20.53
C ALA A 244 3.71 -16.66 20.20
N MET A 245 4.20 -16.56 18.98
CA MET A 245 5.35 -17.37 18.59
C MET A 245 6.55 -17.02 19.41
N GLY A 246 6.66 -15.75 19.79
CA GLY A 246 7.76 -15.33 20.65
C GLY A 246 7.67 -15.99 22.01
N PHE A 247 6.45 -16.04 22.53
CA PHE A 247 6.24 -16.60 23.85
C PHE A 247 6.43 -18.11 23.87
N ILE A 248 5.97 -18.77 22.83
CA ILE A 248 6.19 -20.17 22.64
C ILE A 248 7.67 -20.51 22.58
N ASN A 249 8.48 -19.65 21.95
CA ASN A 249 9.93 -19.90 21.85
C ASN A 249 10.64 -19.59 23.14
N ILE A 250 10.14 -18.61 23.88
CA ILE A 250 10.69 -18.33 25.18
C ILE A 250 10.40 -19.50 26.12
N GLU A 251 9.19 -20.03 26.04
CA GLU A 251 8.78 -21.20 26.80
C GLU A 251 9.61 -22.43 26.45
N GLN A 252 9.79 -22.67 25.16
CA GLN A 252 10.64 -23.76 24.70
C GLN A 252 12.01 -23.67 25.36
N ASN A 253 12.60 -22.49 25.39
CA ASN A 253 13.90 -22.29 26.04
C ASN A 253 13.87 -22.63 27.53
N ARG A 254 12.78 -22.28 28.19
CA ARG A 254 12.63 -22.55 29.60
C ARG A 254 12.66 -24.05 29.84
N ILE A 255 11.86 -24.74 29.03
CA ILE A 255 11.73 -26.19 29.08
C ILE A 255 13.05 -26.90 28.88
N ILE A 256 13.76 -26.54 27.84
CA ILE A 256 15.03 -27.18 27.52
C ILE A 256 16.02 -27.00 28.65
N LYS A 257 16.07 -25.80 29.24
CA LYS A 257 16.89 -25.53 30.44
C LYS A 257 16.54 -26.43 31.64
N MET B 1 1.79 -27.73 -36.22
CA MET B 1 0.32 -27.93 -36.31
C MET B 1 -0.35 -26.66 -36.81
N LEU B 2 -0.94 -26.75 -37.98
CA LEU B 2 -1.61 -25.61 -38.58
C LEU B 2 -3.08 -25.92 -38.72
N SER B 3 -3.89 -25.06 -38.14
CA SER B 3 -5.33 -25.08 -38.30
C SER B 3 -5.72 -23.73 -38.86
N ALA B 4 -6.76 -23.72 -39.67
CA ALA B 4 -7.28 -22.50 -40.24
C ALA B 4 -8.80 -22.50 -40.14
N PHE B 5 -9.38 -21.31 -39.98
CA PHE B 5 -10.84 -21.14 -39.87
C PHE B 5 -11.35 -20.05 -40.76
N GLN B 6 -12.50 -20.28 -41.36
CA GLN B 6 -13.18 -19.25 -42.15
C GLN B 6 -14.56 -18.97 -41.60
N LEU B 7 -15.15 -17.88 -42.08
CA LEU B 7 -16.42 -17.40 -41.57
C LEU B 7 -17.60 -17.76 -42.51
N GLU B 8 -18.69 -18.26 -41.93
CA GLU B 8 -19.92 -18.61 -42.67
C GLU B 8 -21.16 -18.24 -41.86
N ASN B 9 -21.73 -17.07 -42.15
CA ASN B 9 -22.83 -16.48 -41.36
C ASN B 9 -22.40 -16.17 -39.94
N ASN B 10 -21.29 -15.46 -39.84
CA ASN B 10 -20.66 -15.18 -38.55
C ASN B 10 -20.51 -16.47 -37.73
N ARG B 11 -20.13 -17.57 -38.37
CA ARG B 11 -19.84 -18.84 -37.67
C ARG B 11 -18.47 -19.36 -38.09
N LEU B 12 -17.55 -19.48 -37.14
CA LEU B 12 -16.22 -19.97 -37.45
C LEU B 12 -16.32 -21.42 -37.84
N THR B 13 -15.91 -21.72 -39.08
CA THR B 13 -15.91 -23.10 -39.58
C THR B 13 -14.50 -23.55 -39.98
N ARG B 14 -14.17 -24.76 -39.58
CA ARG B 14 -12.82 -25.27 -39.67
C ARG B 14 -12.47 -25.58 -41.11
N LEU B 15 -11.49 -24.86 -41.65
CA LEU B 15 -10.98 -25.15 -42.99
C LEU B 15 -10.10 -26.39 -42.98
N GLU B 16 -10.24 -27.23 -44.00
CA GLU B 16 -9.34 -28.36 -44.20
C GLU B 16 -8.09 -27.82 -44.86
N VAL B 17 -6.93 -28.08 -44.28
CA VAL B 17 -5.69 -27.46 -44.75
C VAL B 17 -4.68 -28.43 -45.40
N GLU B 18 -4.61 -29.66 -44.93
CA GLU B 18 -3.88 -30.73 -45.65
C GLU B 18 -4.35 -30.80 -47.10
N GLU B 19 -5.67 -30.71 -47.28
CA GLU B 19 -6.32 -30.81 -48.60
C GLU B 19 -6.66 -29.48 -49.27
N SER B 20 -7.44 -28.62 -48.59
CA SER B 20 -7.96 -27.38 -49.20
C SER B 20 -6.91 -26.27 -49.04
N GLN B 21 -5.99 -26.24 -49.98
CA GLN B 21 -4.80 -25.39 -49.91
C GLN B 21 -5.10 -23.90 -49.67
N PRO B 22 -6.04 -23.29 -50.42
CA PRO B 22 -6.24 -21.84 -50.24
C PRO B 22 -6.47 -21.41 -48.79
N LEU B 23 -5.43 -20.76 -48.25
CA LEU B 23 -5.45 -20.18 -46.91
C LEU B 23 -6.04 -18.78 -46.95
N VAL B 24 -6.07 -18.19 -48.14
CA VAL B 24 -6.50 -16.81 -48.32
C VAL B 24 -7.94 -16.59 -47.79
N ASN B 25 -8.72 -17.65 -47.77
CA ASN B 25 -10.11 -17.56 -47.32
C ASN B 25 -10.30 -17.59 -45.81
N ALA B 26 -9.21 -17.76 -45.07
CA ALA B 26 -9.31 -17.86 -43.63
C ALA B 26 -9.31 -16.49 -42.96
N VAL B 27 -10.10 -16.38 -41.90
CA VAL B 27 -10.09 -15.22 -41.02
C VAL B 27 -9.09 -15.43 -39.84
N TRP B 28 -8.85 -16.69 -39.49
CA TRP B 28 -8.01 -17.06 -38.36
C TRP B 28 -7.09 -18.22 -38.73
N ILE B 29 -5.79 -17.95 -38.64
CA ILE B 29 -4.80 -19.01 -38.72
C ILE B 29 -4.16 -19.24 -37.32
N ASP B 30 -4.19 -20.51 -36.88
CA ASP B 30 -3.79 -20.88 -35.53
C ASP B 30 -2.63 -21.86 -35.62
N LEU B 31 -1.46 -21.44 -35.16
CA LEU B 31 -0.28 -22.29 -35.18
C LEU B 31 0.15 -22.76 -33.80
N VAL B 32 0.37 -24.07 -33.68
CA VAL B 32 0.84 -24.69 -32.44
C VAL B 32 2.17 -25.41 -32.72
N GLU B 33 3.26 -24.88 -32.19
CA GLU B 33 4.60 -25.47 -32.38
C GLU B 33 4.83 -25.75 -33.86
N PRO B 34 4.70 -24.72 -34.69
CA PRO B 34 4.71 -24.96 -36.11
C PRO B 34 6.12 -25.21 -36.63
N ASP B 35 6.27 -26.19 -37.50
CA ASP B 35 7.54 -26.47 -38.17
C ASP B 35 7.77 -25.48 -39.33
N ASP B 36 8.97 -25.50 -39.90
CA ASP B 36 9.38 -24.48 -40.87
C ASP B 36 8.58 -24.58 -42.15
N ASP B 37 8.02 -25.75 -42.42
CA ASP B 37 7.12 -25.97 -43.57
C ASP B 37 5.83 -25.18 -43.40
N GLU B 38 5.32 -25.14 -42.19
CA GLU B 38 4.09 -24.42 -41.88
C GLU B 38 4.31 -22.89 -41.81
N ARG B 39 5.44 -22.49 -41.25
CA ARG B 39 5.81 -21.09 -41.16
C ARG B 39 5.93 -20.52 -42.56
N LEU B 40 6.72 -21.19 -43.40
CA LEU B 40 6.97 -20.79 -44.80
C LEU B 40 5.70 -20.75 -45.63
N ARG B 41 4.78 -21.67 -45.35
CA ARG B 41 3.51 -21.69 -46.01
C ARG B 41 2.68 -20.44 -45.74
N VAL B 42 2.73 -19.96 -44.50
CA VAL B 42 2.04 -18.74 -44.11
C VAL B 42 2.74 -17.53 -44.71
N GLN B 43 4.07 -17.58 -44.71
CA GLN B 43 4.94 -16.54 -45.29
C GLN B 43 4.64 -16.30 -46.76
N SER B 44 4.47 -17.38 -47.53
CA SER B 44 4.29 -17.25 -48.96
C SER B 44 2.82 -17.06 -49.37
N GLU B 45 1.91 -17.80 -48.77
CA GLU B 45 0.49 -17.71 -49.14
C GLU B 45 -0.17 -16.44 -48.61
N LEU B 46 0.25 -15.99 -47.45
CA LEU B 46 -0.17 -14.69 -46.94
C LEU B 46 1.09 -13.88 -46.82
N GLY B 47 1.02 -12.67 -46.31
CA GLY B 47 2.24 -11.85 -46.25
C GLY B 47 3.11 -12.08 -45.03
N GLN B 48 2.77 -13.11 -44.24
CA GLN B 48 2.98 -13.06 -42.81
C GLN B 48 4.22 -13.70 -42.23
N SER B 49 5.14 -12.86 -41.78
CA SER B 49 6.18 -13.28 -40.84
C SER B 49 5.55 -13.56 -39.49
N LEU B 50 6.12 -14.51 -38.78
CA LEU B 50 5.65 -14.85 -37.45
C LEU B 50 6.77 -14.68 -36.46
N ALA B 51 6.41 -14.43 -35.22
CA ALA B 51 7.40 -14.19 -34.19
C ALA B 51 8.22 -15.47 -33.93
N THR B 52 9.51 -15.32 -33.66
CA THR B 52 10.33 -16.46 -33.33
C THR B 52 10.18 -16.85 -31.86
N ARG B 53 10.62 -18.05 -31.54
CA ARG B 53 10.49 -18.64 -30.20
C ARG B 53 11.08 -17.75 -29.10
N PRO B 54 12.29 -17.21 -29.30
CA PRO B 54 12.86 -16.32 -28.27
C PRO B 54 12.21 -14.93 -28.16
N GLU B 55 11.48 -14.50 -29.18
CA GLU B 55 10.73 -13.24 -29.11
C GLU B 55 9.46 -13.36 -28.27
N LEU B 56 9.00 -14.57 -28.03
CA LEU B 56 7.89 -14.80 -27.10
C LEU B 56 8.29 -14.81 -25.62
N GLU B 57 9.59 -14.78 -25.36
CA GLU B 57 10.11 -14.75 -24.01
C GLU B 57 10.17 -13.33 -23.52
N ASP B 58 10.22 -12.39 -24.46
CA ASP B 58 10.42 -10.98 -24.12
C ASP B 58 9.18 -10.45 -23.39
N ILE B 59 9.40 -9.84 -22.23
CA ILE B 59 8.31 -9.37 -21.35
C ILE B 59 8.07 -7.86 -21.35
N GLU B 60 9.11 -7.11 -21.70
CA GLU B 60 9.05 -5.67 -22.00
C GLU B 60 7.84 -5.26 -22.88
N ALA B 61 7.07 -4.25 -22.44
CA ALA B 61 5.87 -3.76 -23.16
C ALA B 61 6.11 -3.56 -24.65
N SER B 62 7.23 -2.94 -24.98
CA SER B 62 7.56 -2.67 -26.37
C SER B 62 7.82 -3.94 -27.22
N ALA B 63 7.97 -5.08 -26.58
CA ALA B 63 8.23 -6.32 -27.27
C ALA B 63 6.98 -7.14 -27.36
N ARG B 64 5.95 -6.71 -26.66
CA ARG B 64 4.69 -7.44 -26.58
C ARG B 64 3.51 -6.71 -27.23
N PHE B 65 3.49 -5.38 -27.15
CA PHE B 65 2.35 -4.62 -27.61
C PHE B 65 2.90 -3.55 -28.54
N PHE B 66 2.79 -3.82 -29.85
CA PHE B 66 3.41 -2.97 -30.85
C PHE B 66 2.79 -3.14 -32.25
N GLU B 67 2.98 -2.11 -33.09
CA GLU B 67 2.50 -2.09 -34.47
C GLU B 67 3.67 -1.94 -35.42
N ASP B 68 3.66 -2.64 -36.54
CA ASP B 68 4.73 -2.51 -37.52
C ASP B 68 4.26 -2.97 -38.91
N ASP B 69 5.16 -3.06 -39.87
CA ASP B 69 4.78 -3.49 -41.22
C ASP B 69 4.08 -4.85 -41.25
N ASP B 70 4.38 -5.70 -40.27
CA ASP B 70 3.74 -7.01 -40.17
C ASP B 70 2.39 -7.02 -39.47
N GLY B 71 1.94 -5.85 -39.03
CA GLY B 71 0.57 -5.71 -38.51
C GLY B 71 0.50 -5.28 -37.07
N LEU B 72 -0.59 -5.66 -36.42
CA LEU B 72 -0.81 -5.36 -35.01
C LEU B 72 -0.52 -6.58 -34.12
N HIS B 73 0.42 -6.40 -33.19
CA HIS B 73 0.93 -7.50 -32.37
C HIS B 73 0.54 -7.38 -30.92
N ILE B 74 -0.06 -8.44 -30.38
CA ILE B 74 -0.32 -8.53 -28.94
C ILE B 74 0.20 -9.87 -28.42
N HIS B 75 1.22 -9.83 -27.57
CA HIS B 75 1.70 -11.03 -26.91
C HIS B 75 1.13 -11.09 -25.50
N SER B 76 0.58 -12.24 -25.14
CA SER B 76 -0.20 -12.35 -23.91
C SER B 76 -0.05 -13.71 -23.24
N PHE B 77 0.17 -13.69 -21.91
CA PHE B 77 0.20 -14.91 -21.12
C PHE B 77 -1.15 -15.58 -21.12
N PHE B 78 -1.13 -16.89 -21.37
CA PHE B 78 -2.28 -17.74 -21.19
C PHE B 78 -1.95 -18.80 -20.15
N PHE B 79 -2.94 -19.14 -19.32
CA PHE B 79 -2.72 -19.99 -18.16
C PHE B 79 -2.93 -21.47 -18.47
N PHE B 80 -2.08 -22.31 -17.90
CA PHE B 80 -2.23 -23.77 -18.12
C PHE B 80 -1.60 -24.57 -17.01
N GLU B 81 -1.88 -25.87 -17.02
CA GLU B 81 -1.32 -26.81 -16.07
C GLU B 81 -0.57 -27.85 -16.87
N ASP B 82 0.68 -28.09 -16.51
CA ASP B 82 1.52 -29.04 -17.23
C ASP B 82 1.17 -30.48 -16.81
N ALA B 83 1.93 -31.44 -17.32
CA ALA B 83 1.57 -32.85 -17.18
C ALA B 83 1.50 -33.31 -15.71
N GLU B 84 2.35 -32.70 -14.86
CA GLU B 84 2.40 -33.02 -13.41
C GLU B 84 1.61 -32.04 -12.55
N ASP B 85 0.58 -31.44 -13.15
CA ASP B 85 -0.34 -30.52 -12.47
C ASP B 85 0.30 -29.29 -11.86
N HIS B 86 1.33 -28.77 -12.51
CA HIS B 86 2.00 -27.58 -12.09
C HIS B 86 1.62 -26.40 -12.93
N ALA B 87 1.17 -25.35 -12.29
CA ALA B 87 0.61 -24.21 -13.00
C ALA B 87 1.67 -23.49 -13.79
N GLY B 88 1.27 -22.92 -14.92
CA GLY B 88 2.20 -22.16 -15.74
C GLY B 88 1.51 -21.14 -16.62
N ASN B 89 2.32 -20.21 -17.12
CA ASN B 89 1.88 -19.25 -18.11
C ASN B 89 2.58 -19.44 -19.46
N SER B 90 1.83 -19.49 -20.55
CA SER B 90 2.45 -19.64 -21.87
C SER B 90 2.08 -18.47 -22.71
N THR B 91 3.10 -17.80 -23.23
CA THR B 91 2.89 -16.61 -24.07
C THR B 91 2.39 -16.99 -25.46
N VAL B 92 1.39 -16.27 -25.90
CA VAL B 92 0.78 -16.49 -27.22
C VAL B 92 0.91 -15.20 -27.98
N ALA B 93 1.43 -15.28 -29.20
CA ALA B 93 1.57 -14.10 -30.05
C ALA B 93 0.33 -13.94 -30.94
N PHE B 94 -0.46 -12.92 -30.67
CA PHE B 94 -1.60 -12.54 -31.51
C PHE B 94 -1.12 -11.51 -32.50
N THR B 95 -1.50 -11.68 -33.77
CA THR B 95 -1.15 -10.73 -34.83
C THR B 95 -2.36 -10.51 -35.72
N ILE B 96 -2.72 -9.24 -35.93
CA ILE B 96 -3.86 -8.91 -36.78
C ILE B 96 -3.36 -8.11 -37.96
N ARG B 97 -3.71 -8.58 -39.16
CA ARG B 97 -3.29 -7.91 -40.38
C ARG B 97 -4.21 -8.19 -41.56
N ASP B 98 -4.61 -7.10 -42.22
CA ASP B 98 -5.59 -7.16 -43.31
C ASP B 98 -6.80 -8.01 -42.92
N GLY B 99 -7.42 -7.69 -41.78
CA GLY B 99 -8.65 -8.35 -41.32
C GLY B 99 -8.52 -9.81 -40.92
N ARG B 100 -7.29 -10.34 -40.88
CA ARG B 100 -7.00 -11.72 -40.47
C ARG B 100 -6.23 -11.81 -39.14
N LEU B 101 -6.67 -12.72 -38.29
CA LEU B 101 -5.99 -12.98 -37.01
C LEU B 101 -5.03 -14.18 -37.08
N PHE B 102 -3.81 -13.99 -36.60
CA PHE B 102 -2.85 -15.07 -36.47
C PHE B 102 -2.53 -15.31 -35.00
N THR B 103 -2.68 -16.55 -34.54
CA THR B 103 -2.27 -16.93 -33.22
C THR B 103 -1.17 -17.94 -33.31
N LEU B 104 -0.05 -17.60 -32.68
CA LEU B 104 1.13 -18.46 -32.65
C LEU B 104 1.41 -18.85 -31.23
N ARG B 105 1.41 -20.16 -30.97
CA ARG B 105 1.62 -20.66 -29.61
C ARG B 105 2.52 -21.89 -29.49
N GLU B 106 3.03 -22.07 -28.28
CA GLU B 106 4.02 -23.08 -27.97
C GLU B 106 3.37 -24.41 -27.59
N ARG B 107 2.06 -24.42 -27.37
CA ARG B 107 1.41 -25.61 -26.83
C ARG B 107 -0.10 -25.50 -26.89
N GLU B 108 -0.77 -26.63 -26.67
CA GLU B 108 -2.22 -26.65 -26.54
C GLU B 108 -2.62 -25.87 -25.29
N LEU B 109 -3.77 -25.22 -25.32
CA LEU B 109 -4.20 -24.36 -24.21
C LEU B 109 -5.67 -24.51 -23.95
N PRO B 110 -6.08 -24.48 -22.68
CA PRO B 110 -7.50 -24.77 -22.40
C PRO B 110 -8.49 -23.69 -22.91
N ALA B 111 -8.08 -22.43 -22.88
CA ALA B 111 -8.93 -21.37 -23.42
C ALA B 111 -9.22 -21.60 -24.90
N PHE B 112 -8.19 -21.92 -25.67
CA PHE B 112 -8.34 -22.16 -27.10
C PHE B 112 -9.19 -23.40 -27.34
N ARG B 113 -8.90 -24.48 -26.61
CA ARG B 113 -9.70 -25.71 -26.76
C ARG B 113 -11.16 -25.40 -26.50
N LEU B 114 -11.40 -24.57 -25.48
CA LEU B 114 -12.78 -24.24 -25.10
C LEU B 114 -13.45 -23.34 -26.12
N TYR B 115 -12.73 -22.35 -26.62
CA TYR B 115 -13.32 -21.43 -27.57
C TYR B 115 -13.67 -22.15 -28.84
N ARG B 116 -12.80 -23.04 -29.27
CA ARG B 116 -13.02 -23.81 -30.50
C ARG B 116 -14.25 -24.71 -30.35
N MET B 117 -14.39 -25.38 -29.20
CA MET B 117 -15.57 -26.22 -28.97
C MET B 117 -16.85 -25.40 -29.14
N ARG B 118 -16.90 -24.24 -28.50
CA ARG B 118 -18.07 -23.35 -28.56
C ARG B 118 -18.32 -22.77 -29.93
N ALA B 119 -17.24 -22.40 -30.59
CA ALA B 119 -17.29 -21.79 -31.91
C ALA B 119 -17.93 -22.70 -32.95
N ARG B 120 -17.93 -24.00 -32.68
CA ARG B 120 -18.63 -24.96 -33.50
C ARG B 120 -20.14 -24.82 -33.57
N SER B 121 -20.76 -24.09 -32.66
CA SER B 121 -22.22 -24.01 -32.63
C SER B 121 -22.61 -22.70 -31.97
N GLN B 122 -22.05 -21.61 -32.47
CA GLN B 122 -22.25 -20.32 -31.84
C GLN B 122 -21.83 -19.20 -32.78
N SER B 123 -22.69 -18.22 -32.92
CA SER B 123 -22.47 -17.16 -33.90
C SER B 123 -21.68 -16.01 -33.29
N MET B 124 -20.69 -15.51 -34.03
CA MET B 124 -20.05 -14.24 -33.72
C MET B 124 -21.02 -13.11 -34.03
N VAL B 125 -20.74 -11.92 -33.50
CA VAL B 125 -21.63 -10.76 -33.70
C VAL B 125 -21.29 -9.97 -34.98
N ASP B 126 -20.10 -9.36 -35.00
CA ASP B 126 -19.67 -8.49 -36.11
C ASP B 126 -18.81 -9.30 -37.07
N GLY B 127 -18.30 -10.41 -36.56
CA GLY B 127 -17.58 -11.37 -37.38
C GLY B 127 -16.24 -10.93 -37.91
N ASN B 128 -15.34 -10.48 -37.03
CA ASN B 128 -14.04 -10.01 -37.47
C ASN B 128 -12.91 -10.38 -36.53
N ALA B 129 -11.68 -10.23 -37.01
CA ALA B 129 -10.46 -10.58 -36.29
C ALA B 129 -10.29 -9.92 -34.92
N TYR B 130 -10.73 -8.68 -34.79
CA TYR B 130 -10.70 -8.00 -33.49
C TYR B 130 -11.69 -8.64 -32.51
N GLU B 131 -12.90 -8.95 -32.97
CA GLU B 131 -13.86 -9.63 -32.12
C GLU B 131 -13.27 -10.97 -31.66
N LEU B 132 -12.65 -11.67 -32.60
CA LEU B 132 -12.12 -13.01 -32.36
C LEU B 132 -11.06 -12.99 -31.25
N LEU B 133 -10.16 -12.02 -31.35
CA LEU B 133 -9.12 -11.84 -30.37
C LEU B 133 -9.67 -11.60 -28.99
N LEU B 134 -10.64 -10.70 -28.91
CA LEU B 134 -11.31 -10.44 -27.65
C LEU B 134 -12.11 -11.63 -27.13
N ASP B 135 -12.76 -12.38 -28.01
CA ASP B 135 -13.48 -13.60 -27.62
C ASP B 135 -12.53 -14.57 -26.91
N LEU B 136 -11.33 -14.72 -27.44
CA LEU B 136 -10.34 -15.56 -26.80
C LEU B 136 -9.93 -15.02 -25.42
N PHE B 137 -9.83 -13.71 -25.29
CA PHE B 137 -9.54 -13.06 -23.98
C PHE B 137 -10.69 -13.23 -22.96
N GLU B 138 -11.92 -13.03 -23.43
CA GLU B 138 -13.13 -13.34 -22.65
C GLU B 138 -13.06 -14.73 -22.05
N THR B 139 -12.70 -15.69 -22.89
CA THR B 139 -12.61 -17.10 -22.51
C THR B 139 -11.52 -17.30 -21.47
N LYS B 140 -10.36 -16.68 -21.70
CA LYS B 140 -9.26 -16.70 -20.77
C LYS B 140 -9.70 -16.24 -19.38
N ILE B 141 -10.34 -15.07 -19.31
CA ILE B 141 -10.82 -14.51 -18.04
C ILE B 141 -11.86 -15.44 -17.39
N GLU B 142 -12.76 -15.97 -18.18
CA GLU B 142 -13.72 -16.92 -17.64
C GLU B 142 -13.01 -18.05 -16.85
N GLN B 143 -11.89 -18.54 -17.39
CA GLN B 143 -11.18 -19.67 -16.82
C GLN B 143 -10.38 -19.24 -15.63
N LEU B 144 -9.74 -18.07 -15.73
CA LEU B 144 -9.02 -17.51 -14.58
C LEU B 144 -9.93 -17.33 -13.39
N ALA B 145 -11.16 -16.93 -13.63
CA ALA B 145 -12.14 -16.75 -12.56
C ALA B 145 -12.53 -18.07 -11.96
N ASP B 146 -12.64 -19.09 -12.79
CA ASP B 146 -12.85 -20.45 -12.30
C ASP B 146 -11.67 -20.92 -11.45
N GLU B 147 -10.44 -20.64 -11.87
CA GLU B 147 -9.26 -20.98 -11.05
C GLU B 147 -9.32 -20.35 -9.66
N ILE B 148 -9.66 -19.08 -9.60
CA ILE B 148 -9.73 -18.36 -8.36
C ILE B 148 -10.82 -18.98 -7.49
N GLU B 149 -11.99 -19.20 -8.08
CA GLU B 149 -13.09 -19.86 -7.35
C GLU B 149 -12.66 -21.14 -6.69
N ASN B 150 -11.84 -21.92 -7.37
CA ASN B 150 -11.35 -23.18 -6.82
C ASN B 150 -10.24 -23.04 -5.79
N ILE B 151 -9.39 -22.04 -5.95
CA ILE B 151 -8.43 -21.74 -4.91
C ILE B 151 -9.23 -21.48 -3.62
N TYR B 152 -10.34 -20.74 -3.70
CA TYR B 152 -11.13 -20.45 -2.51
C TYR B 152 -11.63 -21.69 -1.82
N SER B 153 -12.21 -22.61 -2.58
CA SER B 153 -12.82 -23.78 -1.97
C SER B 153 -11.79 -24.75 -1.45
N ASP B 154 -10.69 -24.90 -2.15
CA ASP B 154 -9.55 -25.71 -1.67
C ASP B 154 -8.92 -25.15 -0.41
N LEU B 155 -8.85 -23.81 -0.34
CA LEU B 155 -8.21 -23.09 0.75
C LEU B 155 -9.09 -23.15 1.99
N GLU B 156 -10.39 -23.23 1.75
CA GLU B 156 -11.37 -23.37 2.79
C GLU B 156 -11.22 -24.72 3.49
N GLN B 157 -11.05 -25.79 2.73
CA GLN B 157 -10.88 -27.11 3.31
C GLN B 157 -9.54 -27.21 4.03
N LEU B 158 -8.50 -26.74 3.36
CA LEU B 158 -7.16 -26.74 3.90
C LEU B 158 -7.07 -25.94 5.18
N SER B 159 -7.82 -24.84 5.23
CA SER B 159 -7.89 -24.03 6.44
C SER B 159 -8.27 -24.83 7.68
N ARG B 160 -9.23 -25.73 7.51
CA ARG B 160 -9.73 -26.54 8.64
C ARG B 160 -8.75 -27.61 9.04
N VAL B 161 -8.03 -28.18 8.09
CA VAL B 161 -6.93 -29.13 8.40
C VAL B 161 -5.87 -28.48 9.30
N ILE B 162 -5.56 -27.21 9.02
CA ILE B 162 -4.52 -26.47 9.73
C ILE B 162 -4.93 -26.02 11.13
N MET B 163 -6.22 -25.91 11.41
CA MET B 163 -6.61 -25.50 12.77
C MET B 163 -6.30 -26.43 13.96
N GLU B 164 -5.56 -27.52 13.72
CA GLU B 164 -4.97 -28.35 14.80
C GLU B 164 -3.47 -28.58 14.51
N GLY B 165 -2.61 -28.48 15.51
CA GLY B 165 -1.22 -28.92 15.35
C GLY B 165 -1.19 -30.43 15.52
N HIS B 166 -2.07 -31.13 14.78
CA HIS B 166 -2.12 -32.59 14.78
C HIS B 166 -1.42 -33.00 13.51
N GLN B 167 -0.19 -33.51 13.69
CA GLN B 167 0.83 -33.37 12.68
C GLN B 167 0.97 -34.52 11.73
N GLY B 168 1.24 -35.68 12.30
CA GLY B 168 1.83 -36.77 11.57
C GLY B 168 0.85 -37.52 10.67
N ASP B 169 1.00 -37.37 9.35
CA ASP B 169 1.80 -36.35 8.69
C ASP B 169 0.88 -35.61 7.69
N GLU B 170 -0.31 -35.30 8.20
CA GLU B 170 -1.28 -34.51 7.47
C GLU B 170 -0.84 -33.03 7.45
N TYR B 171 0.30 -32.71 8.07
CA TYR B 171 0.83 -31.34 8.10
C TYR B 171 1.93 -31.04 7.10
N ASP B 172 2.82 -31.98 6.87
CA ASP B 172 3.66 -31.91 5.69
C ASP B 172 2.80 -31.63 4.45
N GLU B 173 1.72 -32.41 4.35
CA GLU B 173 0.76 -32.38 3.22
C GLU B 173 0.07 -31.01 3.12
N ALA B 174 -0.18 -30.41 4.28
CA ALA B 174 -0.90 -29.15 4.35
C ALA B 174 -0.05 -28.01 3.82
N LEU B 175 1.20 -27.92 4.30
CA LEU B 175 2.14 -26.92 3.80
C LEU B 175 2.37 -27.03 2.31
N SER B 176 2.50 -28.26 1.82
CA SER B 176 2.64 -28.49 0.38
C SER B 176 1.47 -27.98 -0.43
N THR B 177 0.27 -28.28 0.04
CA THR B 177 -0.93 -27.82 -0.63
C THR B 177 -0.99 -26.31 -0.58
N LEU B 178 -0.72 -25.72 0.57
CA LEU B 178 -0.63 -24.24 0.65
C LEU B 178 0.23 -23.62 -0.43
N ALA B 179 1.39 -24.21 -0.62
CA ALA B 179 2.36 -23.70 -1.56
C ALA B 179 1.92 -23.90 -3.00
N GLU B 180 1.17 -24.95 -3.26
CA GLU B 180 0.56 -25.15 -4.54
C GLU B 180 -0.51 -24.07 -4.83
N LEU B 181 -1.31 -23.73 -3.82
CA LEU B 181 -2.36 -22.73 -4.00
C LEU B 181 -1.80 -21.34 -4.14
N GLU B 182 -0.73 -21.05 -3.42
CA GLU B 182 -0.05 -19.77 -3.56
C GLU B 182 0.42 -19.62 -4.99
N ASP B 183 1.06 -20.66 -5.50
CA ASP B 183 1.65 -20.61 -6.85
C ASP B 183 0.62 -20.43 -7.95
N ILE B 184 -0.52 -21.10 -7.84
CA ILE B 184 -1.58 -20.94 -8.80
C ILE B 184 -2.05 -19.48 -8.77
N GLY B 185 -2.42 -18.97 -7.60
CA GLY B 185 -2.85 -17.60 -7.47
C GLY B 185 -1.87 -16.59 -8.06
N TRP B 186 -0.59 -16.87 -7.87
CA TRP B 186 0.50 -15.99 -8.28
C TRP B 186 0.54 -15.94 -9.77
N LYS B 187 0.43 -17.11 -10.39
CA LYS B 187 0.46 -17.20 -11.84
C LYS B 187 -0.84 -16.69 -12.48
N VAL B 188 -1.96 -16.82 -11.80
CA VAL B 188 -3.18 -16.22 -12.24
C VAL B 188 -3.04 -14.69 -12.27
N ARG B 189 -2.46 -14.12 -11.23
CA ARG B 189 -2.28 -12.68 -11.22
C ARG B 189 -1.45 -12.24 -12.39
N LEU B 190 -0.36 -12.94 -12.70
CA LEU B 190 0.54 -12.51 -13.80
C LEU B 190 -0.25 -12.51 -15.09
N CYS B 191 -1.03 -13.55 -15.26
CA CYS B 191 -1.88 -13.70 -16.41
C CYS B 191 -2.89 -12.53 -16.54
N LEU B 192 -3.64 -12.25 -15.48
CA LEU B 192 -4.52 -11.07 -15.40
C LEU B 192 -3.85 -9.71 -15.68
N MET B 193 -2.74 -9.44 -15.00
CA MET B 193 -2.00 -8.18 -15.15
C MET B 193 -1.60 -7.92 -16.58
N ASP B 194 -1.18 -8.99 -17.24
CA ASP B 194 -0.66 -8.93 -18.60
C ASP B 194 -1.78 -8.71 -19.61
N THR B 195 -2.88 -9.43 -19.45
CA THR B 195 -4.08 -9.18 -20.23
C THR B 195 -4.59 -7.75 -20.04
N GLN B 196 -4.49 -7.25 -18.82
CA GLN B 196 -4.87 -5.87 -18.57
C GLN B 196 -4.04 -4.89 -19.42
N ARG B 197 -2.72 -5.07 -19.47
CA ARG B 197 -1.86 -4.20 -20.27
C ARG B 197 -2.23 -4.30 -21.72
N ALA B 198 -2.49 -5.53 -22.14
CA ALA B 198 -2.74 -5.82 -23.53
C ALA B 198 -4.00 -5.08 -23.98
N LEU B 199 -5.08 -5.21 -23.19
CA LEU B 199 -6.35 -4.55 -23.48
C LEU B 199 -6.26 -3.03 -23.37
N ASN B 200 -5.47 -2.49 -22.43
CA ASN B 200 -5.31 -1.03 -22.38
C ASN B 200 -4.63 -0.50 -23.62
N PHE B 201 -3.65 -1.25 -24.11
CA PHE B 201 -2.94 -0.92 -25.34
C PHE B 201 -3.92 -0.92 -26.50
N LEU B 202 -4.70 -2.00 -26.60
CA LEU B 202 -5.67 -2.16 -27.67
C LEU B 202 -6.67 -1.02 -27.75
N VAL B 203 -7.12 -0.57 -26.60
CA VAL B 203 -8.12 0.47 -26.54
C VAL B 203 -7.59 1.80 -27.10
N ARG B 204 -6.32 2.08 -26.89
CA ARG B 204 -5.72 3.35 -27.34
C ARG B 204 -5.18 3.31 -28.78
N LYS B 205 -4.85 2.11 -29.22
CA LYS B 205 -4.11 1.87 -30.47
C LYS B 205 -4.92 1.41 -31.68
N ALA B 206 -5.66 0.31 -31.56
CA ALA B 206 -6.42 -0.16 -32.71
C ALA B 206 -7.65 0.68 -32.83
N ARG B 207 -7.91 1.14 -34.04
CA ARG B 207 -9.28 1.40 -34.42
C ARG B 207 -9.96 0.09 -33.99
N LEU B 208 -10.88 0.20 -33.05
CA LEU B 208 -11.61 -0.97 -32.64
C LEU B 208 -13.03 -0.60 -33.03
N PRO B 209 -13.63 -1.42 -33.90
CA PRO B 209 -15.06 -1.17 -34.11
C PRO B 209 -15.82 -1.06 -32.76
N GLY B 210 -16.70 -0.09 -32.64
CA GLY B 210 -17.38 0.22 -31.39
C GLY B 210 -17.99 -0.94 -30.60
N GLY B 211 -18.46 -1.97 -31.32
CA GLY B 211 -18.99 -3.20 -30.68
C GLY B 211 -17.86 -3.93 -29.96
N GLN B 212 -16.69 -3.89 -30.60
CA GLN B 212 -15.44 -4.41 -30.03
C GLN B 212 -14.92 -3.59 -28.87
N LEU B 213 -15.10 -2.28 -28.92
CA LEU B 213 -14.63 -1.41 -27.85
C LEU B 213 -15.33 -1.68 -26.52
N GLU B 214 -16.65 -1.85 -26.57
CA GLU B 214 -17.42 -2.14 -25.37
C GLU B 214 -17.04 -3.51 -24.81
N GLN B 215 -16.83 -4.47 -25.70
CA GLN B 215 -16.40 -5.83 -25.34
C GLN B 215 -15.10 -5.79 -24.55
N ALA B 216 -14.14 -5.03 -25.07
CA ALA B 216 -12.85 -4.84 -24.41
C ALA B 216 -12.99 -4.21 -23.03
N ARG B 217 -13.84 -3.20 -22.93
CA ARG B 217 -14.07 -2.55 -21.64
C ARG B 217 -14.71 -3.51 -20.65
N GLU B 218 -15.63 -4.34 -21.13
CA GLU B 218 -16.25 -5.36 -20.30
C GLU B 218 -15.20 -6.32 -19.72
N ILE B 219 -14.25 -6.73 -20.54
CA ILE B 219 -13.17 -7.60 -20.08
C ILE B 219 -12.29 -6.85 -19.08
N LEU B 220 -11.97 -5.59 -19.37
CA LEU B 220 -11.19 -4.80 -18.44
C LEU B 220 -11.91 -4.70 -17.10
N ARG B 221 -13.22 -4.51 -17.14
CA ARG B 221 -14.04 -4.43 -15.92
C ARG B 221 -13.97 -5.72 -15.13
N ASP B 222 -13.94 -6.85 -15.84
CA ASP B 222 -13.87 -8.17 -15.17
C ASP B 222 -12.54 -8.33 -14.49
N ILE B 223 -11.48 -7.94 -15.19
CA ILE B 223 -10.14 -8.01 -14.63
C ILE B 223 -10.03 -7.14 -13.40
N GLU B 224 -10.54 -5.91 -13.46
CA GLU B 224 -10.50 -5.03 -12.29
C GLU B 224 -11.21 -5.70 -11.12
N SER B 225 -12.23 -6.50 -11.40
CA SER B 225 -12.99 -7.17 -10.34
C SER B 225 -12.38 -8.48 -9.85
N LEU B 226 -11.44 -9.06 -10.58
CA LEU B 226 -10.81 -10.30 -10.15
C LEU B 226 -9.51 -10.07 -9.40
N LEU B 227 -8.78 -9.02 -9.76
CA LEU B 227 -7.50 -8.74 -9.13
C LEU B 227 -7.59 -8.69 -7.62
N PRO B 228 -8.53 -7.94 -7.06
CA PRO B 228 -8.63 -7.94 -5.60
C PRO B 228 -8.79 -9.33 -4.98
N HIS B 229 -9.56 -10.21 -5.59
CA HIS B 229 -9.70 -11.59 -5.08
C HIS B 229 -8.35 -12.24 -4.96
N ASN B 230 -7.55 -12.09 -6.00
CA ASN B 230 -6.21 -12.61 -6.02
C ASN B 230 -5.41 -12.14 -4.83
N GLU B 231 -5.53 -10.87 -4.51
CA GLU B 231 -4.73 -10.24 -3.43
C GLU B 231 -5.21 -10.72 -2.05
N SER B 232 -6.50 -10.98 -1.98
CA SER B 232 -7.14 -11.44 -0.78
C SER B 232 -6.68 -12.87 -0.45
N LEU B 233 -6.53 -13.71 -1.46
CA LEU B 233 -6.01 -15.05 -1.25
C LEU B 233 -4.59 -15.07 -0.71
N PHE B 234 -3.72 -14.19 -1.20
CA PHE B 234 -2.36 -14.11 -0.66
C PHE B 234 -2.33 -13.80 0.84
N GLN B 235 -3.20 -12.92 1.33
CA GLN B 235 -3.24 -12.60 2.74
C GLN B 235 -3.55 -13.84 3.55
N LYS B 236 -4.58 -14.55 3.13
CA LYS B 236 -5.05 -15.76 3.80
C LYS B 236 -3.95 -16.81 3.78
N VAL B 237 -3.39 -17.07 2.61
CA VAL B 237 -2.32 -18.00 2.49
C VAL B 237 -1.17 -17.70 3.42
N ASN B 238 -0.76 -16.44 3.48
CA ASN B 238 0.37 -16.03 4.33
C ASN B 238 0.07 -16.14 5.80
N PHE B 239 -1.19 -15.88 6.17
CA PHE B 239 -1.61 -16.01 7.53
C PHE B 239 -1.65 -17.49 7.93
N LEU B 240 -2.18 -18.33 7.06
CA LEU B 240 -2.23 -19.76 7.32
C LEU B 240 -0.83 -20.33 7.53
N MET B 241 0.10 -19.89 6.72
CA MET B 241 1.50 -20.30 6.84
C MET B 241 2.01 -19.96 8.25
N GLN B 242 1.66 -18.77 8.73
CA GLN B 242 2.11 -18.32 10.03
C GLN B 242 1.53 -19.14 11.15
N ALA B 243 0.26 -19.44 11.03
CA ALA B 243 -0.44 -20.19 12.07
C ALA B 243 0.14 -21.60 12.17
N ALA B 244 0.40 -22.20 11.02
CA ALA B 244 0.99 -23.52 10.94
C ALA B 244 2.31 -23.59 11.69
N MET B 245 3.17 -22.60 11.47
CA MET B 245 4.42 -22.56 12.20
C MET B 245 4.17 -22.47 13.69
N GLY B 246 3.12 -21.77 14.08
CA GLY B 246 2.77 -21.67 15.50
C GLY B 246 2.40 -23.03 16.08
N PHE B 247 1.63 -23.78 15.31
CA PHE B 247 1.20 -25.10 15.75
C PHE B 247 2.37 -26.07 15.80
N ILE B 248 3.23 -25.98 14.80
CA ILE B 248 4.45 -26.78 14.75
C ILE B 248 5.36 -26.51 15.94
N ASN B 249 5.42 -25.27 16.39
CA ASN B 249 6.25 -24.94 17.55
C ASN B 249 5.59 -25.34 18.83
N ILE B 250 4.27 -25.32 18.85
CA ILE B 250 3.56 -25.79 20.03
C ILE B 250 3.78 -27.29 20.19
N GLU B 251 3.69 -27.99 19.08
CA GLU B 251 3.94 -29.42 19.03
C GLU B 251 5.35 -29.76 19.46
N GLN B 252 6.32 -29.03 18.91
CA GLN B 252 7.72 -29.19 19.32
C GLN B 252 7.85 -29.11 20.84
N ASN B 253 7.22 -28.13 21.47
CA ASN B 253 7.24 -27.98 22.93
C ASN B 253 6.65 -29.18 23.63
N ARG B 254 5.58 -29.73 23.09
CA ARG B 254 4.92 -30.89 23.67
C ARG B 254 5.89 -32.05 23.68
N ILE B 255 6.53 -32.27 22.53
CA ILE B 255 7.49 -33.34 22.32
C ILE B 255 8.66 -33.26 23.28
N ILE B 256 9.27 -32.09 23.37
CA ILE B 256 10.42 -31.90 24.25
C ILE B 256 10.06 -32.17 25.70
N LYS B 257 8.88 -31.73 26.14
CA LYS B 257 8.34 -32.06 27.48
C LYS B 257 8.16 -33.59 27.72
N MET C 1 -25.03 10.62 36.52
CA MET C 1 -24.29 11.87 36.84
C MET C 1 -24.65 12.94 35.82
N LEU C 2 -25.33 13.98 36.27
CA LEU C 2 -25.71 15.09 35.39
C LEU C 2 -25.03 16.38 35.81
N SER C 3 -24.29 16.96 34.88
CA SER C 3 -23.64 18.25 35.06
C SER C 3 -24.17 19.13 33.97
N ALA C 4 -24.32 20.41 34.27
CA ALA C 4 -24.75 21.38 33.27
C ALA C 4 -23.89 22.63 33.35
N PHE C 5 -23.69 23.28 32.20
CA PHE C 5 -22.88 24.50 32.08
C PHE C 5 -23.59 25.61 31.32
N GLN C 6 -23.44 26.83 31.79
CA GLN C 6 -23.96 28.00 31.08
C GLN C 6 -22.86 28.97 30.76
N LEU C 7 -23.17 29.91 29.89
CA LEU C 7 -22.19 30.84 29.36
C LEU C 7 -22.31 32.22 30.05
N GLU C 8 -21.15 32.78 30.43
CA GLU C 8 -21.06 34.12 31.03
C GLU C 8 -19.83 34.88 30.53
N ASN C 9 -20.02 35.74 29.54
CA ASN C 9 -18.93 36.41 28.81
C ASN C 9 -18.04 35.43 28.09
N ASN C 10 -18.66 34.56 27.30
CA ASN C 10 -17.96 33.46 26.65
C ASN C 10 -17.09 32.65 27.64
N ARG C 11 -17.60 32.42 28.85
CA ARG C 11 -16.90 31.61 29.86
C ARG C 11 -17.84 30.56 30.41
N LEU C 12 -17.49 29.30 30.20
CA LEU C 12 -18.32 28.20 30.68
C LEU C 12 -18.30 28.19 32.19
N THR C 13 -19.49 28.35 32.79
CA THR C 13 -19.63 28.32 34.24
C THR C 13 -20.59 27.23 34.68
N ARG C 14 -20.19 26.52 35.71
CA ARG C 14 -20.86 25.31 36.13
C ARG C 14 -22.18 25.63 36.81
N LEU C 15 -23.28 25.18 36.22
CA LEU C 15 -24.61 25.32 36.82
C LEU C 15 -24.79 24.32 37.95
N GLU C 16 -25.41 24.76 39.04
CA GLU C 16 -25.80 23.86 40.12
C GLU C 16 -27.12 23.22 39.70
N VAL C 17 -27.17 21.89 39.70
CA VAL C 17 -28.34 21.17 39.14
C VAL C 17 -29.19 20.44 40.18
N GLU C 18 -28.57 19.91 41.23
CA GLU C 18 -29.34 19.44 42.41
C GLU C 18 -30.30 20.52 42.90
N GLU C 19 -29.80 21.75 42.95
CA GLU C 19 -30.54 22.92 43.46
C GLU C 19 -31.19 23.79 42.40
N SER C 20 -30.40 24.29 41.45
CA SER C 20 -30.89 25.27 40.45
C SER C 20 -31.51 24.52 39.27
N GLN C 21 -32.78 24.19 39.44
CA GLN C 21 -33.51 23.30 38.53
C GLN C 21 -33.45 23.73 37.07
N PRO C 22 -33.69 25.03 36.76
CA PRO C 22 -33.74 25.40 35.33
C PRO C 22 -32.52 24.98 34.52
N LEU C 23 -32.73 23.97 33.68
CA LEU C 23 -31.72 23.47 32.75
C LEU C 23 -31.74 24.26 31.47
N VAL C 24 -32.85 24.97 31.23
CA VAL C 24 -33.05 25.70 29.98
C VAL C 24 -31.91 26.72 29.74
N ASN C 25 -31.26 27.17 30.81
CA ASN C 25 -30.19 28.17 30.71
C ASN C 25 -28.85 27.62 30.32
N ALA C 26 -28.75 26.31 30.21
CA ALA C 26 -27.47 25.67 29.91
C ALA C 26 -27.19 25.62 28.41
N VAL C 27 -25.92 25.81 28.06
CA VAL C 27 -25.44 25.60 26.69
C VAL C 27 -24.93 24.17 26.51
N TRP C 28 -24.50 23.55 27.60
CA TRP C 28 -23.90 22.22 27.59
C TRP C 28 -24.42 21.33 28.74
N ILE C 29 -25.04 20.22 28.37
CA ILE C 29 -25.44 19.19 29.33
C ILE C 29 -24.57 17.97 29.12
N ASP C 30 -23.94 17.53 30.20
CA ASP C 30 -22.95 16.46 30.18
C ASP C 30 -23.44 15.32 31.05
N LEU C 31 -23.74 14.19 30.44
CA LEU C 31 -24.18 13.01 31.19
C LEU C 31 -23.16 11.88 31.22
N VAL C 32 -22.90 11.38 32.42
CA VAL C 32 -21.99 10.26 32.64
C VAL C 32 -22.77 9.12 33.31
N GLU C 33 -22.99 8.03 32.59
CA GLU C 33 -23.71 6.85 33.10
C GLU C 33 -24.99 7.29 33.74
N PRO C 34 -25.83 8.00 32.99
CA PRO C 34 -26.98 8.61 33.62
C PRO C 34 -28.10 7.60 33.90
N ASP C 35 -28.70 7.68 35.08
CA ASP C 35 -29.87 6.84 35.40
C ASP C 35 -31.12 7.38 34.72
N ASP C 36 -32.22 6.62 34.79
CA ASP C 36 -33.46 6.96 34.08
C ASP C 36 -34.11 8.23 34.61
N ASP C 37 -33.82 8.58 35.87
CA ASP C 37 -34.26 9.84 36.45
C ASP C 37 -33.63 11.06 35.76
N GLU C 38 -32.34 10.94 35.43
CA GLU C 38 -31.61 12.01 34.77
C GLU C 38 -31.99 12.11 33.28
N ARG C 39 -32.19 10.95 32.66
CA ARG C 39 -32.56 10.89 31.24
C ARG C 39 -33.91 11.56 31.06
N LEU C 40 -34.87 11.14 31.88
CA LEU C 40 -36.24 11.69 31.86
C LEU C 40 -36.28 13.19 32.16
N ARG C 41 -35.37 13.63 33.01
CA ARG C 41 -35.27 15.05 33.33
C ARG C 41 -34.88 15.88 32.11
N VAL C 42 -33.97 15.34 31.31
CA VAL C 42 -33.54 16.00 30.08
C VAL C 42 -34.65 15.94 29.04
N GLN C 43 -35.33 14.80 29.00
CA GLN C 43 -36.46 14.56 28.09
C GLN C 43 -37.58 15.57 28.29
N SER C 44 -37.91 15.85 29.55
CA SER C 44 -39.04 16.72 29.85
C SER C 44 -38.68 18.21 29.87
N GLU C 45 -37.55 18.55 30.50
CA GLU C 45 -37.14 19.96 30.60
C GLU C 45 -36.61 20.53 29.29
N LEU C 46 -35.94 19.71 28.51
CA LEU C 46 -35.58 20.07 27.14
C LEU C 46 -36.31 19.10 26.25
N GLY C 47 -36.11 19.16 24.95
CA GLY C 47 -36.85 18.26 24.08
C GLY C 47 -36.21 16.88 23.91
N GLN C 48 -35.18 16.59 24.71
CA GLN C 48 -34.09 15.73 24.23
C GLN C 48 -34.10 14.26 24.60
N SER C 49 -34.36 13.42 23.60
CA SER C 49 -34.04 12.01 23.69
C SER C 49 -32.54 11.85 23.63
N LEU C 50 -32.04 10.81 24.28
CA LEU C 50 -30.62 10.53 24.25
C LEU C 50 -30.39 9.14 23.71
N ALA C 51 -29.21 8.92 23.17
CA ALA C 51 -28.90 7.63 22.60
C ALA C 51 -28.86 6.53 23.68
N THR C 52 -29.34 5.33 23.37
CA THR C 52 -29.26 4.24 24.34
C THR C 52 -27.88 3.57 24.33
N ARG C 53 -27.61 2.81 25.38
CA ARG C 53 -26.29 2.17 25.60
C ARG C 53 -25.85 1.33 24.40
N PRO C 54 -26.75 0.50 23.85
CA PRO C 54 -26.35 -0.31 22.69
C PRO C 54 -26.17 0.45 21.39
N GLU C 55 -26.73 1.66 21.29
CA GLU C 55 -26.55 2.49 20.11
C GLU C 55 -25.15 3.12 20.08
N LEU C 56 -24.46 3.14 21.21
CA LEU C 56 -23.09 3.65 21.26
C LEU C 56 -22.06 2.61 20.87
N GLU C 57 -22.52 1.38 20.69
CA GLU C 57 -21.66 0.30 20.26
C GLU C 57 -21.56 0.31 18.74
N ASP C 58 -22.57 0.88 18.08
CA ASP C 58 -22.68 0.81 16.64
C ASP C 58 -21.57 1.65 15.98
N ILE C 59 -20.84 1.03 15.05
CA ILE C 59 -19.62 1.63 14.44
C ILE C 59 -19.81 2.13 13.01
N GLU C 60 -20.81 1.57 12.34
CA GLU C 60 -21.36 2.04 11.05
C GLU C 60 -21.54 3.56 11.00
N ALA C 61 -21.00 4.19 9.96
CA ALA C 61 -21.13 5.64 9.76
C ALA C 61 -22.54 6.16 10.00
N SER C 62 -23.52 5.48 9.44
CA SER C 62 -24.91 5.93 9.51
C SER C 62 -25.48 5.87 10.92
N ALA C 63 -24.77 5.21 11.82
CA ALA C 63 -25.20 5.10 13.20
C ALA C 63 -24.47 6.06 14.08
N ARG C 64 -23.44 6.70 13.54
CA ARG C 64 -22.57 7.60 14.28
C ARG C 64 -22.63 9.07 13.83
N PHE C 65 -22.83 9.31 12.53
CA PHE C 65 -22.81 10.64 11.99
C PHE C 65 -24.10 10.84 11.20
N PHE C 66 -25.06 11.50 11.83
CA PHE C 66 -26.39 11.62 11.25
C PHE C 66 -27.20 12.78 11.84
N GLU C 67 -28.21 13.22 11.09
CA GLU C 67 -29.12 14.31 11.48
C GLU C 67 -30.53 13.80 11.52
N ASP C 68 -31.32 14.22 12.50
CA ASP C 68 -32.71 13.80 12.57
C ASP C 68 -33.54 14.76 13.41
N ASP C 69 -34.79 14.42 13.68
CA ASP C 69 -35.63 15.31 14.50
C ASP C 69 -35.03 15.65 15.87
N ASP C 70 -34.19 14.77 16.40
CA ASP C 70 -33.52 15.01 17.68
C ASP C 70 -32.24 15.83 17.57
N GLY C 71 -31.88 16.24 16.36
CA GLY C 71 -30.76 17.17 16.17
C GLY C 71 -29.59 16.58 15.40
N LEU C 72 -28.41 17.13 15.67
CA LEU C 72 -27.20 16.73 14.98
C LEU C 72 -26.36 15.83 15.87
N HIS C 73 -26.09 14.63 15.39
CA HIS C 73 -25.45 13.60 16.19
C HIS C 73 -24.06 13.26 15.69
N ILE C 74 -23.09 13.30 16.59
CA ILE C 74 -21.75 12.83 16.28
C ILE C 74 -21.29 11.86 17.38
N HIS C 75 -21.09 10.60 17.03
CA HIS C 75 -20.54 9.64 17.99
C HIS C 75 -19.06 9.45 17.70
N SER C 76 -18.24 9.51 18.74
CA SER C 76 -16.82 9.54 18.56
C SER C 76 -16.06 8.84 19.67
N PHE C 77 -15.07 8.03 19.27
CA PHE C 77 -14.18 7.37 20.22
C PHE C 77 -13.33 8.38 20.95
N PHE C 78 -13.28 8.23 22.27
CA PHE C 78 -12.36 8.95 23.11
C PHE C 78 -11.43 7.96 23.78
N PHE C 79 -10.18 8.35 23.95
CA PHE C 79 -9.14 7.45 24.46
C PHE C 79 -9.02 7.49 25.98
N PHE C 80 -8.82 6.31 26.60
CA PHE C 80 -8.63 6.25 28.05
C PHE C 80 -7.86 5.00 28.48
N GLU C 81 -7.46 5.00 29.75
CA GLU C 81 -6.76 3.89 30.36
C GLU C 81 -7.62 3.43 31.53
N ASP C 82 -7.92 2.15 31.55
CA ASP C 82 -8.77 1.58 32.61
C ASP C 82 -7.99 1.39 33.91
N ALA C 83 -8.63 0.79 34.89
CA ALA C 83 -8.04 0.73 36.22
C ALA C 83 -6.68 0.01 36.28
N GLU C 84 -6.50 -0.99 35.40
CA GLU C 84 -5.26 -1.78 35.34
C GLU C 84 -4.31 -1.31 34.25
N ASP C 85 -4.43 -0.04 33.90
CA ASP C 85 -3.56 0.62 32.92
C ASP C 85 -3.57 0.03 31.54
N HIS C 86 -4.74 -0.44 31.14
CA HIS C 86 -4.95 -0.97 29.81
C HIS C 86 -5.69 0.00 28.92
N ALA C 87 -5.12 0.29 27.76
CA ALA C 87 -5.69 1.29 26.89
C ALA C 87 -7.05 0.90 26.36
N GLY C 88 -7.90 1.89 26.15
CA GLY C 88 -9.21 1.65 25.58
C GLY C 88 -9.81 2.85 24.88
N ASN C 89 -10.84 2.59 24.11
CA ASN C 89 -11.62 3.64 23.48
C ASN C 89 -13.04 3.64 24.02
N SER C 90 -13.57 4.79 24.39
CA SER C 90 -14.96 4.89 24.83
C SER C 90 -15.72 5.84 23.93
N THR C 91 -16.83 5.36 23.37
CA THR C 91 -17.67 6.14 22.47
C THR C 91 -18.52 7.16 23.25
N VAL C 92 -18.55 8.39 22.74
CA VAL C 92 -19.26 9.48 23.36
C VAL C 92 -20.21 10.00 22.34
N ALA C 93 -21.47 10.12 22.73
CA ALA C 93 -22.47 10.64 21.81
C ALA C 93 -22.63 12.14 21.98
N PHE C 94 -22.20 12.89 20.96
CA PHE C 94 -22.40 14.33 20.92
C PHE C 94 -23.71 14.60 20.19
N THR C 95 -24.52 15.50 20.71
CA THR C 95 -25.76 15.90 20.07
C THR C 95 -25.97 17.41 20.19
N ILE C 96 -26.22 18.06 19.07
CA ILE C 96 -26.40 19.50 19.07
C ILE C 96 -27.80 19.81 18.59
N ARG C 97 -28.53 20.59 19.38
CA ARG C 97 -29.89 20.96 19.03
C ARG C 97 -30.34 22.25 19.69
N ASP C 98 -30.91 23.13 18.87
CA ASP C 98 -31.31 24.47 19.29
C ASP C 98 -30.18 25.13 20.09
N GLY C 99 -28.98 25.17 19.51
CA GLY C 99 -27.83 25.88 20.10
C GLY C 99 -27.25 25.30 21.39
N ARG C 100 -27.73 24.12 21.79
CA ARG C 100 -27.27 23.40 22.99
C ARG C 100 -26.56 22.09 22.68
N LEU C 101 -25.45 21.85 23.35
CA LEU C 101 -24.68 20.64 23.18
C LEU C 101 -24.99 19.62 24.27
N PHE C 102 -25.23 18.38 23.87
CA PHE C 102 -25.40 17.28 24.80
C PHE C 102 -24.27 16.25 24.61
N THR C 103 -23.57 15.92 25.68
CA THR C 103 -22.60 14.86 25.63
C THR C 103 -23.08 13.77 26.54
N LEU C 104 -23.22 12.57 25.98
CA LEU C 104 -23.58 11.37 26.72
C LEU C 104 -22.44 10.36 26.68
N ARG C 105 -21.96 9.99 27.86
CA ARG C 105 -20.83 9.06 27.96
C ARG C 105 -20.94 7.99 29.04
N GLU C 106 -20.15 6.95 28.84
CA GLU C 106 -20.18 5.74 29.66
C GLU C 106 -19.26 5.85 30.86
N ARG C 107 -18.40 6.86 30.90
CA ARG C 107 -17.38 6.93 31.94
C ARG C 107 -16.68 8.28 31.96
N GLU C 108 -15.93 8.53 33.03
CA GLU C 108 -15.07 9.70 33.12
C GLU C 108 -13.99 9.60 32.06
N LEU C 109 -13.55 10.73 31.52
CA LEU C 109 -12.56 10.72 30.43
C LEU C 109 -11.56 11.84 30.57
N PRO C 110 -10.29 11.59 30.22
CA PRO C 110 -9.29 12.60 30.55
C PRO C 110 -9.44 13.89 29.73
N ALA C 111 -9.90 13.79 28.48
CA ALA C 111 -10.12 15.00 27.65
C ALA C 111 -11.15 15.90 28.26
N PHE C 112 -12.23 15.32 28.75
CA PHE C 112 -13.30 16.07 29.38
C PHE C 112 -12.83 16.68 30.68
N ARG C 113 -12.15 15.87 31.49
CA ARG C 113 -11.63 16.39 32.77
C ARG C 113 -10.70 17.57 32.51
N LEU C 114 -9.88 17.46 31.48
CA LEU C 114 -8.95 18.50 31.13
C LEU C 114 -9.63 19.74 30.58
N TYR C 115 -10.61 19.54 29.71
CA TYR C 115 -11.30 20.69 29.12
C TYR C 115 -12.06 21.48 30.18
N ARG C 116 -12.70 20.76 31.10
CA ARG C 116 -13.44 21.37 32.21
C ARG C 116 -12.50 22.17 33.11
N MET C 117 -11.34 21.61 33.45
CA MET C 117 -10.37 22.35 34.28
C MET C 117 -10.03 23.71 33.63
N ARG C 118 -9.69 23.67 32.34
CA ARG C 118 -9.32 24.88 31.59
C ARG C 118 -10.44 25.84 31.42
N ALA C 119 -11.62 25.30 31.16
CA ALA C 119 -12.81 26.09 30.92
C ALA C 119 -13.17 26.97 32.12
N ARG C 120 -12.69 26.57 33.29
CA ARG C 120 -12.66 27.42 34.42
C ARG C 120 -11.40 28.18 34.01
N SER C 121 -11.56 29.48 33.90
CA SER C 121 -10.48 30.40 33.66
C SER C 121 -9.97 30.53 32.22
N GLN C 122 -10.87 30.49 31.26
CA GLN C 122 -10.50 30.61 29.85
C GLN C 122 -11.73 30.91 29.00
N SER C 123 -11.61 31.92 28.14
CA SER C 123 -12.75 32.41 27.38
C SER C 123 -12.88 31.69 26.05
N MET C 124 -14.11 31.30 25.73
CA MET C 124 -14.43 30.85 24.38
C MET C 124 -14.41 32.05 23.45
N VAL C 125 -14.36 31.80 22.14
CA VAL C 125 -14.31 32.88 21.14
C VAL C 125 -15.70 33.36 20.70
N ASP C 126 -16.45 32.47 20.04
CA ASP C 126 -17.78 32.79 19.49
C ASP C 126 -18.85 32.35 20.48
N GLY C 127 -18.47 31.46 21.37
CA GLY C 127 -19.32 31.05 22.47
C GLY C 127 -20.55 30.25 22.10
N ASN C 128 -20.36 29.15 21.37
CA ASN C 128 -21.50 28.34 20.96
C ASN C 128 -21.22 26.86 20.99
N ALA C 129 -22.28 26.07 20.89
CA ALA C 129 -22.23 24.61 20.96
C ALA C 129 -21.27 23.95 19.95
N TYR C 130 -21.18 24.49 18.75
CA TYR C 130 -20.29 23.95 17.72
C TYR C 130 -18.86 24.19 18.12
N GLU C 131 -18.56 25.38 18.62
CA GLU C 131 -17.19 25.65 19.11
C GLU C 131 -16.84 24.70 20.24
N LEU C 132 -17.79 24.49 21.14
CA LEU C 132 -17.60 23.64 22.31
C LEU C 132 -17.23 22.20 21.92
N LEU C 133 -17.99 21.66 20.99
CA LEU C 133 -17.75 20.32 20.46
C LEU C 133 -16.36 20.20 19.87
N LEU C 134 -15.98 21.16 19.05
CA LEU C 134 -14.63 21.19 18.48
C LEU C 134 -13.53 21.39 19.54
N ASP C 135 -13.78 22.23 20.54
CA ASP C 135 -12.84 22.43 21.64
C ASP C 135 -12.52 21.07 22.33
N LEU C 136 -13.56 20.26 22.54
CA LEU C 136 -13.38 18.92 23.09
C LEU C 136 -12.54 18.01 22.16
N PHE C 137 -12.76 18.11 20.86
CA PHE C 137 -11.94 17.37 19.89
C PHE C 137 -10.49 17.85 19.87
N GLU C 138 -10.29 19.17 19.89
CA GLU C 138 -8.94 19.77 20.01
C GLU C 138 -8.17 19.15 21.19
N THR C 139 -8.86 19.06 22.32
CA THR C 139 -8.30 18.54 23.55
C THR C 139 -7.97 17.06 23.41
N LYS C 140 -8.88 16.31 22.81
CA LYS C 140 -8.65 14.92 22.48
C LYS C 140 -7.37 14.74 21.66
N ILE C 141 -7.23 15.49 20.57
CA ILE C 141 -6.04 15.39 19.70
C ILE C 141 -4.76 15.78 20.45
N GLU C 142 -4.84 16.80 21.27
CA GLU C 142 -3.71 17.17 22.09
C GLU C 142 -3.19 15.95 22.89
N GLN C 143 -4.11 15.16 23.43
CA GLN C 143 -3.77 14.05 24.31
C GLN C 143 -3.31 12.87 23.53
N LEU C 144 -3.94 12.60 22.40
CA LEU C 144 -3.47 11.57 21.47
C LEU C 144 -2.03 11.80 21.00
N ALA C 145 -1.68 13.05 20.77
CA ALA C 145 -0.35 13.39 20.35
C ALA C 145 0.64 13.16 21.45
N ASP C 146 0.22 13.45 22.68
CA ASP C 146 1.03 13.15 23.83
C ASP C 146 1.26 11.64 23.96
N GLU C 147 0.22 10.85 23.73
CA GLU C 147 0.36 9.40 23.80
C GLU C 147 1.42 8.91 22.83
N ILE C 148 1.35 9.41 21.61
CA ILE C 148 2.27 8.97 20.56
C ILE C 148 3.70 9.38 20.97
N GLU C 149 3.86 10.62 21.42
CA GLU C 149 5.16 11.08 21.91
C GLU C 149 5.76 10.14 22.93
N ASN C 150 4.94 9.61 23.80
CA ASN C 150 5.43 8.69 24.80
C ASN C 150 5.68 7.28 24.33
N ILE C 151 4.89 6.82 23.39
CA ILE C 151 5.21 5.56 22.75
C ILE C 151 6.61 5.67 22.19
N TYR C 152 6.95 6.80 21.58
CA TYR C 152 8.30 6.96 20.99
C TYR C 152 9.41 6.82 22.00
N SER C 153 9.28 7.49 23.14
CA SER C 153 10.36 7.48 24.13
C SER C 153 10.49 6.15 24.85
N ASP C 154 9.34 5.52 25.10
CA ASP C 154 9.32 4.18 25.70
C ASP C 154 9.89 3.13 24.77
N LEU C 155 9.61 3.30 23.48
CA LEU C 155 10.06 2.37 22.44
C LEU C 155 11.55 2.48 22.23
N GLU C 156 12.05 3.69 22.46
CA GLU C 156 13.46 3.98 22.34
C GLU C 156 14.23 3.24 23.42
N GLN C 157 13.74 3.29 24.65
CA GLN C 157 14.41 2.60 25.75
C GLN C 157 14.32 1.09 25.55
N LEU C 158 13.12 0.63 25.22
CA LEU C 158 12.86 -0.77 25.00
C LEU C 158 13.73 -1.32 23.87
N SER C 159 13.95 -0.52 22.84
CA SER C 159 14.79 -0.90 21.72
C SER C 159 16.16 -1.36 22.17
N ARG C 160 16.71 -0.65 23.15
CA ARG C 160 18.06 -0.93 23.64
C ARG C 160 18.10 -2.17 24.48
N VAL C 161 17.05 -2.42 25.26
CA VAL C 161 16.93 -3.69 26.01
C VAL C 161 16.96 -4.91 25.08
N ILE C 162 16.30 -4.79 23.93
CA ILE C 162 16.19 -5.87 22.96
C ILE C 162 17.47 -6.14 22.17
N MET C 163 18.39 -5.18 22.12
CA MET C 163 19.72 -5.43 21.53
C MET C 163 20.76 -6.17 22.42
N GLN C 167 19.76 -13.18 30.40
CA GLN C 167 19.43 -13.88 29.16
C GLN C 167 18.14 -13.34 28.52
N GLY C 168 16.97 -13.29 29.20
CA GLY C 168 16.73 -13.76 30.59
C GLY C 168 15.33 -13.50 31.14
N ASP C 169 15.19 -13.00 32.37
CA ASP C 169 13.90 -12.50 32.88
C ASP C 169 13.56 -11.16 32.21
N GLU C 170 14.56 -10.39 31.75
CA GLU C 170 14.30 -9.06 31.15
C GLU C 170 13.74 -9.13 29.70
N TYR C 171 13.59 -10.34 29.14
CA TYR C 171 13.06 -10.53 27.79
C TYR C 171 11.60 -10.88 27.75
N ASP C 172 11.15 -11.71 28.68
CA ASP C 172 9.71 -11.83 28.87
C ASP C 172 9.08 -10.44 28.99
N GLU C 173 9.74 -9.62 29.82
CA GLU C 173 9.29 -8.27 30.15
C GLU C 173 9.28 -7.36 28.93
N ALA C 174 10.24 -7.59 28.05
CA ALA C 174 10.41 -6.76 26.87
C ALA C 174 9.27 -7.00 25.89
N LEU C 175 9.00 -8.28 25.59
CA LEU C 175 7.92 -8.65 24.70
C LEU C 175 6.61 -8.12 25.21
N SER C 176 6.39 -8.19 26.51
CA SER C 176 5.17 -7.67 27.14
C SER C 176 5.00 -6.18 26.96
N THR C 177 6.08 -5.45 27.17
CA THR C 177 6.08 -4.01 26.96
C THR C 177 5.84 -3.70 25.48
N LEU C 178 6.53 -4.38 24.58
CA LEU C 178 6.26 -4.21 23.14
C LEU C 178 4.78 -4.31 22.81
N ALA C 179 4.14 -5.34 23.35
CA ALA C 179 2.75 -5.61 23.06
C ALA C 179 1.83 -4.56 23.67
N GLU C 180 2.23 -3.99 24.81
CA GLU C 180 1.52 -2.88 25.39
C GLU C 180 1.61 -1.63 24.51
N LEU C 181 2.79 -1.38 23.95
CA LEU C 181 2.98 -0.21 23.10
C LEU C 181 2.26 -0.35 21.76
N GLU C 182 2.26 -1.57 21.23
CA GLU C 182 1.54 -1.82 20.00
C GLU C 182 0.06 -1.50 20.24
N ASP C 183 -0.47 -1.98 21.34
CA ASP C 183 -1.89 -1.84 21.62
C ASP C 183 -2.31 -0.38 21.82
N ILE C 184 -1.45 0.40 22.45
CA ILE C 184 -1.75 1.80 22.66
C ILE C 184 -1.80 2.47 21.30
N GLY C 185 -0.75 2.31 20.51
CA GLY C 185 -0.71 2.88 19.15
C GLY C 185 -1.90 2.49 18.28
N TRP C 186 -2.33 1.25 18.42
CA TRP C 186 -3.45 0.72 17.67
C TRP C 186 -4.73 1.41 18.04
N LYS C 187 -4.94 1.57 19.33
CA LYS C 187 -6.13 2.22 19.83
C LYS C 187 -6.11 3.74 19.61
N VAL C 188 -4.93 4.35 19.60
CA VAL C 188 -4.81 5.72 19.22
C VAL C 188 -5.23 5.90 17.76
N ARG C 189 -4.78 5.02 16.88
CA ARG C 189 -5.15 5.15 15.49
C ARG C 189 -6.65 5.08 15.34
N LEU C 190 -7.32 4.16 16.01
CA LEU C 190 -8.78 4.01 15.88
C LEU C 190 -9.44 5.30 16.29
N CYS C 191 -8.95 5.84 17.37
CA CYS C 191 -9.46 7.10 17.88
C CYS C 191 -9.29 8.25 16.86
N LEU C 192 -8.09 8.45 16.35
CA LEU C 192 -7.83 9.39 15.25
C LEU C 192 -8.70 9.20 14.01
N MET C 193 -8.74 7.99 13.49
CA MET C 193 -9.50 7.67 12.26
C MET C 193 -10.95 8.06 12.37
N ASP C 194 -11.49 7.83 13.57
CA ASP C 194 -12.88 8.07 13.84
C ASP C 194 -13.18 9.54 13.97
N THR C 195 -12.33 10.26 14.68
CA THR C 195 -12.43 11.70 14.75
C THR C 195 -12.30 12.33 13.37
N GLN C 196 -11.44 11.75 12.54
CA GLN C 196 -11.33 12.23 11.18
C GLN C 196 -12.65 12.12 10.38
N ARG C 197 -13.34 10.97 10.47
CA ARG C 197 -14.63 10.82 9.81
C ARG C 197 -15.62 11.80 10.35
N ALA C 198 -15.59 11.97 11.66
CA ALA C 198 -16.54 12.82 12.34
C ALA C 198 -16.40 14.26 11.85
N LEU C 199 -15.18 14.77 11.83
CA LEU C 199 -14.91 16.12 11.34
C LEU C 199 -15.17 16.29 9.85
N ASN C 200 -14.90 15.29 9.04
CA ASN C 200 -15.24 15.41 7.61
C ASN C 200 -16.74 15.54 7.42
N PHE C 201 -17.51 14.81 8.22
CA PHE C 201 -18.96 14.85 8.17
C PHE C 201 -19.43 16.24 8.55
N LEU C 202 -18.90 16.73 9.65
CA LEU C 202 -19.26 18.03 10.17
C LEU C 202 -19.04 19.15 9.16
N VAL C 203 -17.94 19.05 8.43
CA VAL C 203 -17.58 20.07 7.48
C VAL C 203 -18.59 20.17 6.34
N ARG C 204 -19.15 19.06 5.94
CA ARG C 204 -20.09 19.03 4.81
C ARG C 204 -21.54 19.27 5.21
N LYS C 205 -21.83 18.96 6.47
CA LYS C 205 -23.20 18.85 6.99
C LYS C 205 -23.70 20.05 7.81
N ALA C 206 -22.99 20.42 8.87
CA ALA C 206 -23.47 21.50 9.72
C ALA C 206 -23.12 22.77 9.03
N ARG C 207 -24.10 23.68 8.97
CA ARG C 207 -23.79 25.09 8.93
C ARG C 207 -22.78 25.18 10.09
N LEU C 208 -21.55 25.54 9.79
CA LEU C 208 -20.56 25.74 10.82
C LEU C 208 -20.24 27.21 10.67
N PRO C 209 -20.46 27.97 11.72
CA PRO C 209 -19.97 29.34 11.63
C PRO C 209 -18.49 29.35 11.19
N GLY C 210 -18.13 30.25 10.29
CA GLY C 210 -16.79 30.28 9.69
C GLY C 210 -15.60 30.20 10.63
N GLY C 211 -15.74 30.73 11.85
CA GLY C 211 -14.68 30.64 12.87
C GLY C 211 -14.52 29.18 13.30
N GLN C 212 -15.66 28.50 13.37
CA GLN C 212 -15.72 27.07 13.64
C GLN C 212 -15.19 26.23 12.48
N LEU C 213 -15.40 26.67 11.25
CA LEU C 213 -14.93 25.93 10.08
C LEU C 213 -13.42 25.85 10.00
N GLU C 214 -12.75 26.95 10.26
CA GLU C 214 -11.29 26.98 10.27
C GLU C 214 -10.75 26.10 11.41
N GLN C 215 -11.42 26.15 12.56
CA GLN C 215 -11.05 25.34 13.74
C GLN C 215 -11.07 23.87 13.40
N ALA C 216 -12.14 23.45 12.76
CA ALA C 216 -12.30 22.07 12.31
C ALA C 216 -11.20 21.65 11.34
N ARG C 217 -10.89 22.53 10.40
CA ARG C 217 -9.85 22.22 9.43
C ARG C 217 -8.51 22.10 10.12
N GLU C 218 -8.28 22.94 11.12
CA GLU C 218 -7.04 22.88 11.91
C GLU C 218 -6.89 21.50 12.59
N ILE C 219 -7.98 21.00 13.13
CA ILE C 219 -7.97 19.70 13.78
C ILE C 219 -7.76 18.61 12.73
N LEU C 220 -8.42 18.73 11.59
CA LEU C 220 -8.20 17.78 10.48
C LEU C 220 -6.74 17.76 10.06
N ARG C 221 -6.13 18.93 9.97
CA ARG C 221 -4.71 19.07 9.62
C ARG C 221 -3.81 18.39 10.63
N ASP C 222 -4.18 18.50 11.91
CA ASP C 222 -3.41 17.86 12.98
C ASP C 222 -3.49 16.34 12.84
N ILE C 223 -4.70 15.84 12.60
CA ILE C 223 -4.90 14.42 12.46
C ILE C 223 -4.09 13.92 11.28
N GLU C 224 -4.14 14.63 10.15
CA GLU C 224 -3.40 14.20 8.98
C GLU C 224 -1.93 14.08 9.35
N SER C 225 -1.46 14.92 10.27
CA SER C 225 -0.05 14.94 10.63
C SER C 225 0.32 13.93 11.71
N LEU C 226 -0.66 13.38 12.39
CA LEU C 226 -0.39 12.39 13.42
C LEU C 226 -0.48 10.95 12.91
N LEU C 227 -1.38 10.70 11.97
CA LEU C 227 -1.57 9.35 11.45
C LEU C 227 -0.27 8.70 10.94
N PRO C 228 0.52 9.39 10.14
CA PRO C 228 1.79 8.78 9.73
C PRO C 228 2.68 8.33 10.89
N HIS C 229 2.75 9.11 11.97
CA HIS C 229 3.53 8.71 13.15
C HIS C 229 3.07 7.39 13.66
N ASN C 230 1.77 7.24 13.77
CA ASN C 230 1.17 5.99 14.18
C ASN C 230 1.65 4.82 13.35
N GLU C 231 1.71 5.01 12.04
CA GLU C 231 2.05 3.92 11.11
C GLU C 231 3.54 3.57 11.21
N SER C 232 4.32 4.59 11.51
CA SER C 232 5.74 4.46 11.65
C SER C 232 6.10 3.63 12.86
N LEU C 233 5.37 3.82 13.96
CA LEU C 233 5.57 3.03 15.15
C LEU C 233 5.28 1.55 14.90
N PHE C 234 4.24 1.23 14.14
CA PHE C 234 3.96 -0.19 13.86
C PHE C 234 5.11 -0.89 13.15
N GLN C 235 5.80 -0.20 12.24
CA GLN C 235 6.92 -0.80 11.55
C GLN C 235 8.02 -1.16 12.49
N LYS C 236 8.38 -0.21 13.35
CA LYS C 236 9.41 -0.39 14.37
C LYS C 236 9.02 -1.52 15.32
N VAL C 237 7.81 -1.47 15.84
CA VAL C 237 7.33 -2.52 16.71
C VAL C 237 7.41 -3.91 16.10
N ASN C 238 7.02 -4.03 14.84
CA ASN C 238 7.04 -5.32 14.15
C ASN C 238 8.43 -5.82 13.88
N PHE C 239 9.32 -4.90 13.59
CA PHE C 239 10.69 -5.24 13.36
C PHE C 239 11.32 -5.70 14.67
N LEU C 240 11.04 -4.98 15.75
CA LEU C 240 11.60 -5.33 17.06
C LEU C 240 11.18 -6.72 17.45
N MET C 241 9.91 -7.04 17.19
CA MET C 241 9.36 -8.35 17.48
C MET C 241 10.18 -9.40 16.72
N GLN C 242 10.52 -9.11 15.49
CA GLN C 242 11.25 -10.05 14.66
C GLN C 242 12.67 -10.27 15.15
N ALA C 243 13.31 -9.20 15.54
CA ALA C 243 14.69 -9.26 16.02
C ALA C 243 14.75 -10.09 17.33
N ALA C 244 13.77 -9.86 18.20
CA ALA C 244 13.66 -10.57 19.44
C ALA C 244 13.61 -12.08 19.21
N MET C 245 12.80 -12.49 18.25
CA MET C 245 12.69 -13.91 17.95
C MET C 245 14.03 -14.44 17.46
N GLY C 246 14.77 -13.61 16.76
CA GLY C 246 16.11 -13.99 16.32
C GLY C 246 17.06 -14.24 17.48
N PHE C 247 16.99 -13.37 18.48
CA PHE C 247 17.85 -13.47 19.63
C PHE C 247 17.46 -14.67 20.49
N ILE C 248 16.17 -14.89 20.62
CA ILE C 248 15.64 -16.06 21.32
C ILE C 248 16.08 -17.37 20.69
N ASN C 249 16.17 -17.41 19.37
CA ASN C 249 16.62 -18.61 18.67
C ASN C 249 18.10 -18.77 18.77
N ILE C 250 18.82 -17.66 18.79
CA ILE C 250 20.28 -17.74 18.94
C ILE C 250 20.57 -18.28 20.33
N GLU C 251 19.83 -17.79 21.31
CA GLU C 251 19.94 -18.26 22.68
C GLU C 251 19.61 -19.75 22.81
N GLN C 252 18.51 -20.17 22.22
CA GLN C 252 18.15 -21.58 22.17
C GLN C 252 19.31 -22.43 21.65
N ASN C 253 19.96 -21.99 20.58
CA ASN C 253 21.13 -22.69 20.04
C ASN C 253 22.29 -22.77 21.01
N ARG C 254 22.53 -21.69 21.76
CA ARG C 254 23.59 -21.65 22.76
C ARG C 254 23.32 -22.71 23.82
N ILE C 255 22.08 -22.73 24.31
CA ILE C 255 21.60 -23.67 25.32
C ILE C 255 21.78 -25.13 24.90
N ILE C 256 21.29 -25.47 23.72
CA ILE C 256 21.33 -26.84 23.23
C ILE C 256 22.77 -27.31 23.11
N LYS C 257 23.67 -26.45 22.63
CA LYS C 257 25.12 -26.73 22.60
C LYS C 257 25.71 -26.99 24.01
N MET D 1 24.38 29.04 25.30
CA MET D 1 25.35 29.40 24.22
C MET D 1 24.65 30.28 23.19
N LEU D 2 25.07 31.54 23.10
CA LEU D 2 24.48 32.47 22.17
C LEU D 2 25.51 32.91 21.14
N SER D 3 25.18 32.67 19.87
CA SER D 3 25.97 33.15 18.75
C SER D 3 25.06 34.03 17.92
N ALA D 4 25.62 35.07 17.34
CA ALA D 4 24.88 35.98 16.46
C ALA D 4 25.67 36.27 15.20
N PHE D 5 24.95 36.45 14.10
CA PHE D 5 25.54 36.67 12.78
C PHE D 5 24.91 37.87 12.09
N GLN D 6 25.75 38.67 11.44
CA GLN D 6 25.27 39.77 10.59
C GLN D 6 25.74 39.61 9.16
N LEU D 7 25.13 40.37 8.27
CA LEU D 7 25.37 40.26 6.83
C LEU D 7 26.32 41.37 6.30
N GLU D 8 27.30 40.98 5.50
CA GLU D 8 28.27 41.91 4.87
C GLU D 8 28.61 41.46 3.45
N ASN D 9 27.93 42.07 2.48
CA ASN D 9 28.00 41.66 1.06
C ASN D 9 27.46 40.28 0.85
N ASN D 10 26.25 40.05 1.37
CA ASN D 10 25.66 38.71 1.39
C ASN D 10 26.65 37.66 1.94
N ARG D 11 27.40 38.00 2.99
CA ARG D 11 28.28 37.04 3.66
C ARG D 11 28.01 37.05 5.15
N LEU D 12 27.59 35.91 5.69
CA LEU D 12 27.32 35.81 7.11
C LEU D 12 28.62 35.96 7.85
N THR D 13 28.71 36.99 8.69
CA THR D 13 29.90 37.24 9.51
C THR D 13 29.54 37.19 11.00
N ARG D 14 30.39 36.48 11.74
CA ARG D 14 30.11 36.17 13.12
C ARG D 14 30.26 37.40 13.99
N LEU D 15 29.16 37.83 14.59
CA LEU D 15 29.18 38.95 15.54
C LEU D 15 29.79 38.50 16.87
N GLU D 16 30.60 39.36 17.47
CA GLU D 16 31.08 39.13 18.82
C GLU D 16 29.99 39.59 19.78
N VAL D 17 29.57 38.71 20.69
CA VAL D 17 28.40 38.99 21.54
C VAL D 17 28.73 39.21 23.02
N GLU D 18 29.74 38.52 23.54
CA GLU D 18 30.29 38.84 24.87
C GLU D 18 30.64 40.33 24.96
N GLU D 19 31.27 40.84 23.89
CA GLU D 19 31.74 42.23 23.79
C GLU D 19 30.81 43.20 23.05
N SER D 20 30.47 42.88 21.80
CA SER D 20 29.69 43.80 20.94
C SER D 20 28.20 43.60 21.19
N GLN D 21 27.72 44.31 22.22
CA GLN D 21 26.37 44.11 22.77
C GLN D 21 25.25 44.22 21.72
N PRO D 22 25.25 45.27 20.87
CA PRO D 22 24.13 45.40 19.93
C PRO D 22 23.81 44.14 19.10
N LEU D 23 22.71 43.50 19.47
CA LEU D 23 22.19 42.34 18.76
C LEU D 23 21.30 42.78 17.62
N VAL D 24 20.83 44.02 17.66
CA VAL D 24 19.89 44.53 16.67
C VAL D 24 20.45 44.41 15.24
N ASN D 25 21.77 44.38 15.10
CA ASN D 25 22.41 44.29 13.80
C ASN D 25 22.48 42.89 13.21
N ALA D 26 22.03 41.89 13.96
CA ALA D 26 22.12 40.52 13.50
C ALA D 26 20.94 40.14 12.62
N VAL D 27 21.22 39.33 11.60
CA VAL D 27 20.19 38.67 10.79
C VAL D 27 19.80 37.27 11.35
N TRP D 28 20.74 36.66 12.06
CA TRP D 28 20.58 35.31 12.60
C TRP D 28 21.09 35.23 14.05
N ILE D 29 20.19 34.88 14.96
CA ILE D 29 20.57 34.53 16.30
C ILE D 29 20.38 33.00 16.49
N ASP D 30 21.44 32.36 16.97
CA ASP D 30 21.51 30.91 17.11
C ASP D 30 21.74 30.52 18.56
N LEU D 31 20.74 29.89 19.18
CA LEU D 31 20.84 29.50 20.57
C LEU D 31 20.97 28.00 20.75
N VAL D 32 21.96 27.59 21.53
CA VAL D 32 22.18 26.18 21.91
C VAL D 32 22.10 26.03 23.44
N GLU D 33 21.04 25.37 23.93
CA GLU D 33 20.84 25.15 25.37
C GLU D 33 21.03 26.45 26.10
N PRO D 34 20.26 27.48 25.71
CA PRO D 34 20.49 28.77 26.27
C PRO D 34 19.97 28.90 27.70
N ASP D 35 20.77 29.50 28.57
CA ASP D 35 20.36 29.80 29.95
C ASP D 35 19.42 31.00 29.99
N ASP D 36 18.81 31.26 31.14
CA ASP D 36 17.77 32.30 31.29
C ASP D 36 18.31 33.71 31.10
N ASP D 37 19.62 33.87 31.30
CA ASP D 37 20.31 35.13 30.98
C ASP D 37 20.33 35.42 29.48
N GLU D 38 20.56 34.39 28.67
CA GLU D 38 20.58 34.53 27.21
C GLU D 38 19.17 34.71 26.62
N ARG D 39 18.20 33.97 27.18
CA ARG D 39 16.80 34.07 26.75
C ARG D 39 16.29 35.48 26.99
N LEU D 40 16.47 35.96 28.21
CA LEU D 40 16.06 37.31 28.62
C LEU D 40 16.74 38.39 27.79
N ARG D 41 17.99 38.14 27.41
CA ARG D 41 18.72 39.09 26.59
C ARG D 41 18.08 39.26 25.22
N VAL D 42 17.60 38.17 24.65
CA VAL D 42 16.92 38.18 23.37
C VAL D 42 15.54 38.82 23.52
N GLN D 43 14.89 38.50 24.65
CA GLN D 43 13.58 39.07 25.00
C GLN D 43 13.60 40.60 25.06
N SER D 44 14.63 41.16 25.69
CA SER D 44 14.67 42.60 25.90
C SER D 44 15.29 43.36 24.73
N GLU D 45 16.39 42.86 24.18
CA GLU D 45 17.07 43.56 23.07
C GLU D 45 16.33 43.42 21.73
N LEU D 46 15.69 42.28 21.52
CA LEU D 46 14.77 42.13 20.39
C LEU D 46 13.41 41.87 21.01
N GLY D 47 12.38 41.66 20.21
CA GLY D 47 11.05 41.50 20.79
C GLY D 47 10.75 40.09 21.24
N GLN D 48 11.77 39.22 21.23
CA GLN D 48 11.57 37.81 20.94
C GLN D 48 11.44 36.83 22.11
N SER D 49 10.22 36.34 22.30
CA SER D 49 10.01 35.14 23.11
C SER D 49 10.52 33.95 22.34
N LEU D 50 10.99 32.96 23.08
CA LEU D 50 11.47 31.74 22.47
C LEU D 50 10.70 30.57 23.01
N ALA D 51 10.63 29.51 22.22
CA ALA D 51 9.85 28.35 22.60
C ALA D 51 10.47 27.67 23.82
N THR D 52 9.65 27.17 24.72
CA THR D 52 10.17 26.46 25.87
C THR D 52 10.53 25.03 25.49
N ARG D 53 11.31 24.40 26.35
CA ARG D 53 11.79 23.03 26.14
C ARG D 53 10.66 22.01 25.86
N PRO D 54 9.56 22.04 26.64
CA PRO D 54 8.48 21.08 26.38
C PRO D 54 7.65 21.37 25.14
N GLU D 55 7.71 22.59 24.62
CA GLU D 55 7.02 22.95 23.38
C GLU D 55 7.74 22.37 22.15
N LEU D 56 9.01 22.03 22.29
CA LEU D 56 9.76 21.38 21.21
C LEU D 56 9.48 19.87 21.14
N GLU D 57 8.76 19.33 22.11
CA GLU D 57 8.41 17.92 22.14
C GLU D 57 7.13 17.70 21.36
N ASP D 58 6.35 18.75 21.21
CA ASP D 58 5.04 18.64 20.58
C ASP D 58 5.21 18.34 19.07
N ILE D 59 4.51 17.31 18.60
CA ILE D 59 4.66 16.80 17.24
C ILE D 59 3.50 17.11 16.27
N GLU D 60 2.35 17.36 16.84
CA GLU D 60 1.17 17.96 16.19
C GLU D 60 1.49 19.15 15.27
N ALA D 61 1.04 19.08 14.03
CA ALA D 61 1.28 20.15 13.03
C ALA D 61 1.07 21.56 13.59
N SER D 62 -0.03 21.75 14.29
CA SER D 62 -0.37 23.07 14.81
C SER D 62 0.59 23.57 15.89
N ALA D 63 1.45 22.70 16.38
CA ALA D 63 2.40 23.07 17.39
C ALA D 63 3.76 23.27 16.81
N ARG D 64 3.91 22.93 15.54
CA ARG D 64 5.20 22.98 14.83
C ARG D 64 5.23 23.98 13.69
N PHE D 65 4.11 24.15 12.99
CA PHE D 65 4.07 25.02 11.82
C PHE D 65 2.91 26.01 12.01
N PHE D 66 3.26 27.22 12.44
CA PHE D 66 2.26 28.19 12.82
C PHE D 66 2.80 29.61 12.81
N GLU D 67 1.87 30.57 12.73
CA GLU D 67 2.16 32.02 12.73
C GLU D 67 1.47 32.68 13.89
N ASP D 68 2.13 33.62 14.55
CA ASP D 68 1.48 34.36 15.64
C ASP D 68 2.17 35.70 15.90
N ASP D 69 1.80 36.40 16.96
CA ASP D 69 2.42 37.69 17.26
C ASP D 69 3.95 37.62 17.38
N ASP D 70 4.48 36.45 17.75
CA ASP D 70 5.94 36.27 17.84
C ASP D 70 6.61 35.92 16.51
N GLY D 71 5.84 35.82 15.44
CA GLY D 71 6.41 35.63 14.10
C GLY D 71 6.04 34.33 13.44
N LEU D 72 6.91 33.88 12.54
CA LEU D 72 6.70 32.64 11.77
C LEU D 72 7.53 31.49 12.35
N HIS D 73 6.85 30.42 12.75
CA HIS D 73 7.49 29.34 13.48
C HIS D 73 7.53 28.06 12.68
N ILE D 74 8.71 27.48 12.56
CA ILE D 74 8.87 26.16 11.97
C ILE D 74 9.71 25.30 12.90
N HIS D 75 9.09 24.27 13.46
CA HIS D 75 9.84 23.30 14.25
C HIS D 75 10.14 22.06 13.40
N SER D 76 11.40 21.64 13.40
CA SER D 76 11.84 20.61 12.49
C SER D 76 12.88 19.68 13.09
N PHE D 77 12.67 18.37 12.88
CA PHE D 77 13.65 17.38 13.30
C PHE D 77 14.95 17.55 12.52
N PHE D 78 16.05 17.52 13.25
CA PHE D 78 17.39 17.44 12.68
C PHE D 78 18.07 16.16 13.17
N PHE D 79 18.84 15.53 12.30
CA PHE D 79 19.40 14.21 12.56
C PHE D 79 20.78 14.29 13.22
N PHE D 80 21.03 13.40 14.17
CA PHE D 80 22.34 13.34 14.84
C PHE D 80 22.64 11.97 15.42
N GLU D 81 23.88 11.79 15.85
CA GLU D 81 24.33 10.57 16.54
C GLU D 81 24.83 10.96 17.91
N ASP D 82 24.29 10.33 18.95
CA ASP D 82 24.61 10.68 20.33
C ASP D 82 25.95 10.11 20.76
N ALA D 83 26.30 10.31 22.02
CA ALA D 83 27.63 9.95 22.50
C ALA D 83 27.96 8.47 22.37
N GLU D 84 26.92 7.62 22.48
CA GLU D 84 27.05 6.16 22.32
C GLU D 84 26.70 5.65 20.90
N ASP D 85 26.85 6.53 19.91
CA ASP D 85 26.66 6.22 18.49
C ASP D 85 25.29 5.69 18.14
N HIS D 86 24.29 6.21 18.82
CA HIS D 86 22.90 5.87 18.52
C HIS D 86 22.25 7.01 17.78
N ALA D 87 21.60 6.69 16.67
CA ALA D 87 20.96 7.72 15.88
C ALA D 87 19.81 8.39 16.60
N GLY D 88 19.60 9.65 16.31
CA GLY D 88 18.54 10.40 16.96
C GLY D 88 18.09 11.60 16.14
N ASN D 89 16.91 12.09 16.50
CA ASN D 89 16.36 13.31 15.92
C ASN D 89 16.23 14.37 16.99
N SER D 90 16.70 15.57 16.73
CA SER D 90 16.54 16.69 17.68
C SER D 90 15.76 17.80 17.04
N THR D 91 14.67 18.20 17.69
CA THR D 91 13.80 19.26 17.18
C THR D 91 14.47 20.63 17.36
N VAL D 92 14.43 21.43 16.32
CA VAL D 92 14.99 22.76 16.31
C VAL D 92 13.87 23.73 15.99
N ALA D 93 13.73 24.73 16.81
CA ALA D 93 12.69 25.74 16.57
C ALA D 93 13.23 26.88 15.74
N PHE D 94 12.76 27.00 14.50
CA PHE D 94 13.07 28.14 13.63
C PHE D 94 11.99 29.18 13.78
N THR D 95 12.39 30.43 13.92
CA THR D 95 11.44 31.55 14.07
C THR D 95 11.91 32.74 13.25
N ILE D 96 11.04 33.26 12.40
CA ILE D 96 11.40 34.38 11.55
C ILE D 96 10.50 35.55 11.88
N ARG D 97 11.12 36.69 12.18
CA ARG D 97 10.37 37.88 12.54
C ARG D 97 11.14 39.16 12.27
N ASP D 98 10.45 40.08 11.60
CA ASP D 98 11.06 41.33 11.15
C ASP D 98 12.41 41.07 10.48
N GLY D 99 12.41 40.18 9.49
CA GLY D 99 13.61 39.89 8.67
C GLY D 99 14.78 39.20 9.36
N ARG D 100 14.58 38.79 10.62
CA ARG D 100 15.59 38.08 11.43
C ARG D 100 15.22 36.63 11.73
N LEU D 101 16.19 35.74 11.59
CA LEU D 101 16.00 34.32 11.89
C LEU D 101 16.50 33.95 13.28
N PHE D 102 15.68 33.23 14.03
CA PHE D 102 16.09 32.69 15.31
C PHE D 102 16.08 31.17 15.25
N THR D 103 17.19 30.54 15.61
CA THR D 103 17.23 29.09 15.74
C THR D 103 17.51 28.72 17.16
N LEU D 104 16.60 27.93 17.74
CA LEU D 104 16.72 27.50 19.12
C LEU D 104 16.85 26.00 19.14
N ARG D 105 17.95 25.52 19.71
CA ARG D 105 18.21 24.08 19.75
C ARG D 105 18.79 23.53 21.06
N GLU D 106 18.61 22.23 21.21
CA GLU D 106 18.92 21.52 22.45
C GLU D 106 20.37 21.05 22.46
N ARG D 107 21.07 21.12 21.33
CA ARG D 107 22.39 20.51 21.23
C ARG D 107 23.08 20.90 19.95
N GLU D 108 24.38 20.61 19.90
CA GLU D 108 25.16 20.81 18.68
C GLU D 108 24.62 19.85 17.63
N LEU D 109 24.66 20.27 16.38
CA LEU D 109 24.12 19.46 15.28
C LEU D 109 25.01 19.51 14.05
N PRO D 110 25.17 18.39 13.36
CA PRO D 110 26.14 18.40 12.27
C PRO D 110 25.76 19.31 11.09
N ALA D 111 24.48 19.43 10.78
CA ALA D 111 24.05 20.36 9.72
C ALA D 111 24.45 21.80 10.02
N PHE D 112 24.21 22.23 11.26
CA PHE D 112 24.56 23.61 11.67
C PHE D 112 26.07 23.83 11.70
N ARG D 113 26.78 22.86 12.26
CA ARG D 113 28.22 22.90 12.29
C ARG D 113 28.77 23.02 10.87
N LEU D 114 28.20 22.27 9.94
CA LEU D 114 28.61 22.31 8.56
C LEU D 114 28.24 23.60 7.86
N TYR D 115 27.02 24.08 8.07
CA TYR D 115 26.60 25.31 7.41
C TYR D 115 27.44 26.51 7.87
N ARG D 116 27.74 26.56 9.16
CA ARG D 116 28.57 27.62 9.72
C ARG D 116 29.98 27.60 9.15
N MET D 117 30.58 26.41 9.05
CA MET D 117 31.90 26.30 8.48
C MET D 117 31.92 26.89 7.04
N ARG D 118 30.94 26.51 6.21
CA ARG D 118 30.82 27.02 4.84
C ARG D 118 30.51 28.51 4.75
N ALA D 119 29.62 28.96 5.62
CA ALA D 119 29.20 30.35 5.66
C ALA D 119 30.34 31.32 5.91
N ARG D 120 31.44 30.84 6.51
CA ARG D 120 32.65 31.66 6.68
C ARG D 120 33.36 32.09 5.40
N SER D 121 33.05 31.46 4.27
CA SER D 121 33.76 31.79 3.03
C SER D 121 32.85 31.49 1.86
N GLN D 122 31.64 32.03 1.88
CA GLN D 122 30.65 31.73 0.88
C GLN D 122 29.53 32.75 0.92
N SER D 123 29.17 33.25 -0.25
CA SER D 123 28.17 34.31 -0.36
C SER D 123 26.75 33.76 -0.47
N MET D 124 25.82 34.35 0.26
CA MET D 124 24.38 34.13 0.04
C MET D 124 23.96 34.84 -1.23
N VAL D 125 22.80 34.49 -1.75
CA VAL D 125 22.29 35.10 -3.00
C VAL D 125 21.48 36.39 -2.75
N ASP D 126 20.32 36.26 -2.10
CA ASP D 126 19.41 37.39 -1.86
C ASP D 126 19.71 37.95 -0.48
N GLY D 127 20.35 37.15 0.35
CA GLY D 127 20.80 37.57 1.68
C GLY D 127 19.74 37.84 2.72
N ASN D 128 18.84 36.88 2.96
CA ASN D 128 17.76 37.12 3.92
C ASN D 128 17.44 35.89 4.75
N ALA D 129 16.68 36.11 5.81
CA ALA D 129 16.31 35.07 6.78
C ALA D 129 15.64 33.84 6.18
N TYR D 130 14.82 34.03 5.15
CA TYR D 130 14.13 32.90 4.49
C TYR D 130 15.15 32.07 3.73
N GLU D 131 16.06 32.73 3.03
CA GLU D 131 17.13 32.00 2.33
C GLU D 131 17.94 31.19 3.34
N LEU D 132 18.25 31.82 4.47
CA LEU D 132 19.09 31.23 5.49
C LEU D 132 18.46 29.94 6.02
N LEU D 133 17.18 30.03 6.32
CA LEU D 133 16.42 28.88 6.82
C LEU D 133 16.46 27.72 5.82
N LEU D 134 16.23 28.03 4.55
CA LEU D 134 16.27 27.03 3.50
C LEU D 134 17.68 26.48 3.28
N ASP D 135 18.71 27.32 3.41
CA ASP D 135 20.10 26.87 3.31
C ASP D 135 20.36 25.79 4.36
N LEU D 136 19.88 26.01 5.57
CA LEU D 136 20.04 25.03 6.63
C LEU D 136 19.31 23.71 6.29
N PHE D 137 18.12 23.80 5.69
CA PHE D 137 17.37 22.61 5.24
C PHE D 137 18.09 21.88 4.11
N GLU D 138 18.59 22.63 3.13
CA GLU D 138 19.43 22.08 2.06
C GLU D 138 20.55 21.22 2.65
N THR D 139 21.22 21.77 3.67
CA THR D 139 22.35 21.12 4.32
C THR D 139 21.90 19.85 5.01
N LYS D 140 20.78 19.94 5.70
CA LYS D 140 20.17 18.79 6.35
C LYS D 140 19.98 17.66 5.35
N ILE D 141 19.32 17.96 4.24
CA ILE D 141 19.03 16.95 3.20
C ILE D 141 20.33 16.36 2.65
N GLU D 142 21.31 17.21 2.42
CA GLU D 142 22.60 16.74 1.95
C GLU D 142 23.14 15.62 2.86
N GLN D 143 22.97 15.78 4.17
CA GLN D 143 23.51 14.85 5.16
C GLN D 143 22.65 13.62 5.28
N LEU D 144 21.34 13.80 5.24
CA LEU D 144 20.43 12.65 5.20
C LEU D 144 20.71 11.72 4.02
N ALA D 145 21.01 12.31 2.88
CA ALA D 145 21.31 11.56 1.70
C ALA D 145 22.62 10.80 1.87
N ASP D 146 23.59 11.42 2.54
CA ASP D 146 24.84 10.74 2.89
C ASP D 146 24.58 9.57 3.82
N GLU D 147 23.69 9.75 4.80
CA GLU D 147 23.33 8.64 5.69
C GLU D 147 22.77 7.43 4.91
N ILE D 148 21.84 7.72 4.00
CA ILE D 148 21.19 6.67 3.22
C ILE D 148 22.25 5.98 2.38
N GLU D 149 23.09 6.76 1.72
CA GLU D 149 24.18 6.19 0.95
C GLU D 149 24.98 5.20 1.76
N ASN D 150 25.24 5.52 3.03
CA ASN D 150 26.04 4.65 3.86
C ASN D 150 25.30 3.46 4.41
N ILE D 151 24.02 3.61 4.64
CA ILE D 151 23.22 2.46 4.95
C ILE D 151 23.37 1.45 3.81
N TYR D 152 23.35 1.92 2.56
CA TYR D 152 23.44 1.02 1.41
C TYR D 152 24.73 0.23 1.42
N SER D 153 25.86 0.90 1.62
CA SER D 153 27.15 0.23 1.52
C SER D 153 27.40 -0.69 2.70
N ASP D 154 26.94 -0.30 3.88
CA ASP D 154 27.02 -1.15 5.07
C ASP D 154 26.14 -2.38 4.96
N LEU D 155 24.97 -2.20 4.34
CA LEU D 155 24.00 -3.25 4.17
C LEU D 155 24.48 -4.26 3.14
N GLU D 156 25.25 -3.76 2.19
CA GLU D 156 25.85 -4.58 1.14
C GLU D 156 26.86 -5.54 1.76
N GLN D 157 27.70 -5.04 2.66
CA GLN D 157 28.73 -5.87 3.28
C GLN D 157 28.06 -6.87 4.20
N LEU D 158 27.13 -6.37 4.98
CA LEU D 158 26.40 -7.18 5.93
C LEU D 158 25.63 -8.29 5.23
N SER D 159 25.10 -7.99 4.05
CA SER D 159 24.38 -8.98 3.27
C SER D 159 25.21 -10.24 3.00
N ARG D 160 26.49 -10.03 2.73
CA ARG D 160 27.40 -11.13 2.41
C ARG D 160 27.80 -11.93 3.63
N VAL D 161 27.94 -11.28 4.78
CA VAL D 161 28.14 -12.00 6.06
C VAL D 161 26.99 -12.98 6.35
N ILE D 162 25.76 -12.53 6.05
CA ILE D 162 24.55 -13.30 6.35
C ILE D 162 24.35 -14.50 5.42
N MET D 163 24.99 -14.50 4.25
CA MET D 163 25.01 -15.72 3.43
C MET D 163 26.00 -16.82 3.87
N GLU D 164 27.08 -16.41 4.49
CA GLU D 164 27.83 -17.33 5.38
C GLU D 164 27.06 -17.52 6.69
N GLY D 165 26.04 -18.39 6.68
CA GLY D 165 25.14 -18.49 7.84
C GLY D 165 25.63 -19.34 9.00
N HIS D 166 26.95 -19.39 9.20
CA HIS D 166 27.60 -20.52 9.90
C HIS D 166 27.93 -20.36 11.37
N GLN D 167 28.88 -19.46 11.67
CA GLN D 167 29.41 -19.30 13.02
C GLN D 167 28.42 -18.53 13.89
N GLY D 168 28.39 -18.84 15.19
CA GLY D 168 27.48 -18.22 16.15
C GLY D 168 27.93 -16.81 16.53
N ASP D 169 29.24 -16.56 16.43
CA ASP D 169 29.85 -15.28 16.91
C ASP D 169 29.65 -14.12 15.92
N GLU D 170 29.96 -14.34 14.64
CA GLU D 170 29.78 -13.30 13.62
C GLU D 170 28.28 -13.11 13.25
N TYR D 171 27.38 -13.88 13.87
CA TYR D 171 25.94 -13.79 13.63
C TYR D 171 25.18 -12.99 14.66
N ASP D 172 25.53 -13.14 15.91
CA ASP D 172 25.06 -12.17 16.90
C ASP D 172 25.31 -10.77 16.37
N GLU D 173 26.55 -10.56 15.88
CA GLU D 173 27.05 -9.27 15.42
C GLU D 173 26.25 -8.79 14.22
N ALA D 174 25.82 -9.73 13.40
CA ALA D 174 25.12 -9.42 12.16
C ALA D 174 23.71 -8.89 12.43
N LEU D 175 22.96 -9.61 13.26
CA LEU D 175 21.65 -9.14 13.69
C LEU D 175 21.69 -7.79 14.35
N SER D 176 22.69 -7.56 15.20
CA SER D 176 22.88 -6.27 15.86
C SER D 176 23.11 -5.15 14.88
N THR D 177 23.96 -5.40 13.90
CA THR D 177 24.23 -4.43 12.85
C THR D 177 22.97 -4.16 12.02
N LEU D 178 22.27 -5.21 11.62
CA LEU D 178 20.99 -5.04 10.96
C LEU D 178 20.06 -4.08 11.69
N ALA D 179 19.95 -4.28 13.00
CA ALA D 179 19.02 -3.50 13.82
C ALA D 179 19.47 -2.06 13.96
N GLU D 180 20.77 -1.85 13.94
CA GLU D 180 21.33 -0.53 13.95
C GLU D 180 21.05 0.21 12.60
N LEU D 181 21.12 -0.51 11.48
CA LEU D 181 20.82 0.08 10.17
C LEU D 181 19.34 0.35 10.00
N GLU D 182 18.50 -0.56 10.50
CA GLU D 182 17.06 -0.33 10.48
C GLU D 182 16.72 0.96 11.22
N ASP D 183 17.31 1.14 12.39
CA ASP D 183 17.02 2.29 13.22
C ASP D 183 17.46 3.60 12.59
N ILE D 184 18.61 3.58 11.94
CA ILE D 184 19.09 4.79 11.29
C ILE D 184 18.10 5.15 10.19
N GLY D 185 17.80 4.21 9.30
CA GLY D 185 16.84 4.45 8.22
C GLY D 185 15.51 4.97 8.70
N TRP D 186 15.07 4.45 9.83
CA TRP D 186 13.79 4.79 10.42
C TRP D 186 13.80 6.23 10.84
N LYS D 187 14.88 6.63 11.49
CA LYS D 187 15.02 7.99 11.98
C LYS D 187 15.30 8.98 10.86
N VAL D 188 15.96 8.54 9.82
CA VAL D 188 16.11 9.36 8.64
C VAL D 188 14.74 9.63 8.01
N ARG D 189 13.90 8.61 7.90
CA ARG D 189 12.57 8.84 7.34
C ARG D 189 11.79 9.84 8.14
N LEU D 190 11.80 9.76 9.47
CA LEU D 190 11.07 10.71 10.30
C LEU D 190 11.57 12.12 10.00
N CYS D 191 12.88 12.25 9.94
CA CYS D 191 13.49 13.53 9.66
C CYS D 191 13.01 14.09 8.29
N LEU D 192 13.11 13.29 7.24
CA LEU D 192 12.59 13.66 5.89
C LEU D 192 11.12 14.04 5.87
N MET D 193 10.27 13.19 6.42
CA MET D 193 8.83 13.44 6.45
C MET D 193 8.46 14.78 7.07
N ASP D 194 9.18 15.13 8.12
CA ASP D 194 8.92 16.30 8.92
C ASP D 194 9.38 17.55 8.19
N THR D 195 10.56 17.49 7.61
CA THR D 195 11.02 18.56 6.71
C THR D 195 10.07 18.77 5.53
N GLN D 196 9.53 17.68 5.03
CA GLN D 196 8.55 17.78 3.95
C GLN D 196 7.31 18.60 4.38
N ARG D 197 6.74 18.31 5.55
CA ARG D 197 5.59 19.07 6.05
C ARG D 197 5.97 20.52 6.21
N ALA D 198 7.17 20.74 6.71
CA ALA D 198 7.61 22.06 7.06
C ALA D 198 7.69 22.90 5.81
N LEU D 199 8.34 22.37 4.77
CA LEU D 199 8.45 23.06 3.49
C LEU D 199 7.11 23.22 2.76
N ASN D 200 6.20 22.25 2.85
CA ASN D 200 4.88 22.43 2.26
C ASN D 200 4.12 23.56 2.93
N PHE D 201 4.26 23.68 4.25
CA PHE D 201 3.65 24.77 5.01
C PHE D 201 4.23 26.10 4.54
N LEU D 202 5.55 26.16 4.47
CA LEU D 202 6.26 27.38 4.05
C LEU D 202 5.81 27.88 2.68
N VAL D 203 5.60 26.96 1.76
CA VAL D 203 5.25 27.32 0.41
C VAL D 203 3.88 27.98 0.35
N ARG D 204 2.95 27.56 1.19
CA ARG D 204 1.57 28.10 1.17
C ARG D 204 1.42 29.37 2.05
N LYS D 205 2.28 29.48 3.05
CA LYS D 205 2.14 30.47 4.14
C LYS D 205 3.02 31.71 4.02
N ALA D 206 4.34 31.56 3.91
CA ALA D 206 5.20 32.73 3.87
C ALA D 206 5.16 33.27 2.49
N ARG D 207 4.96 34.58 2.40
CA ARG D 207 5.47 35.31 1.26
C ARG D 207 6.93 34.82 1.23
N LEU D 208 7.29 34.15 0.15
CA LEU D 208 8.65 33.67 -0.01
C LEU D 208 9.12 34.42 -1.23
N PRO D 209 10.17 35.22 -1.09
CA PRO D 209 10.73 35.81 -2.31
C PRO D 209 10.99 34.72 -3.38
N GLY D 210 10.65 34.99 -4.62
CA GLY D 210 10.67 33.98 -5.68
C GLY D 210 11.94 33.14 -5.83
N GLY D 211 13.09 33.73 -5.48
CA GLY D 211 14.36 32.99 -5.50
C GLY D 211 14.35 31.92 -4.41
N GLN D 212 13.73 32.28 -3.30
CA GLN D 212 13.49 31.35 -2.18
C GLN D 212 12.47 30.27 -2.51
N LEU D 213 11.46 30.62 -3.30
CA LEU D 213 10.40 29.66 -3.63
C LEU D 213 10.94 28.50 -4.45
N GLU D 214 11.78 28.81 -5.43
CA GLU D 214 12.37 27.77 -6.27
C GLU D 214 13.31 26.88 -5.41
N GLN D 215 14.05 27.51 -4.50
CA GLN D 215 14.94 26.80 -3.58
C GLN D 215 14.19 25.77 -2.76
N ALA D 216 13.06 26.20 -2.21
CA ALA D 216 12.21 25.34 -1.44
C ALA D 216 11.70 24.16 -2.28
N ARG D 217 11.27 24.44 -3.50
CA ARG D 217 10.75 23.38 -4.36
C ARG D 217 11.85 22.38 -4.69
N GLU D 218 13.07 22.88 -4.86
CA GLU D 218 14.22 22.02 -5.11
C GLU D 218 14.44 21.05 -3.95
N ILE D 219 14.34 21.57 -2.73
CA ILE D 219 14.47 20.72 -1.55
C ILE D 219 13.32 19.72 -1.47
N LEU D 220 12.10 20.18 -1.75
CA LEU D 220 10.96 19.26 -1.80
C LEU D 220 11.18 18.16 -2.81
N ARG D 221 11.71 18.50 -3.97
CA ARG D 221 12.00 17.52 -5.02
C ARG D 221 13.03 16.50 -4.53
N ASP D 222 14.01 16.96 -3.76
CA ASP D 222 15.06 16.06 -3.24
C ASP D 222 14.47 15.08 -2.26
N ILE D 223 13.64 15.60 -1.38
CA ILE D 223 12.96 14.77 -0.42
C ILE D 223 12.11 13.70 -1.14
N GLU D 224 11.32 14.12 -2.13
CA GLU D 224 10.50 13.16 -2.87
C GLU D 224 11.39 12.04 -3.43
N SER D 225 12.64 12.38 -3.78
CA SER D 225 13.54 11.41 -4.38
C SER D 225 14.31 10.57 -3.39
N LEU D 226 14.32 10.96 -2.13
CA LEU D 226 15.02 10.18 -1.09
C LEU D 226 14.12 9.23 -0.34
N LEU D 227 12.87 9.59 -0.17
CA LEU D 227 11.93 8.75 0.53
C LEU D 227 11.84 7.32 -0.02
N PRO D 228 11.67 7.14 -1.33
CA PRO D 228 11.66 5.77 -1.83
C PRO D 228 12.88 4.94 -1.46
N HIS D 229 14.07 5.53 -1.47
CA HIS D 229 15.29 4.82 -1.04
C HIS D 229 15.10 4.27 0.35
N ASN D 230 14.60 5.12 1.23
CA ASN D 230 14.35 4.73 2.59
C ASN D 230 13.48 3.51 2.66
N GLU D 231 12.44 3.48 1.85
CA GLU D 231 11.44 2.39 1.91
C GLU D 231 12.03 1.09 1.35
N SER D 232 12.92 1.25 0.40
CA SER D 232 13.59 0.16 -0.23
C SER D 232 14.51 -0.53 0.75
N LEU D 233 15.21 0.24 1.58
CA LEU D 233 16.09 -0.33 2.59
C LEU D 233 15.32 -1.15 3.59
N PHE D 234 14.13 -0.72 3.99
CA PHE D 234 13.32 -1.53 4.92
C PHE D 234 12.96 -2.89 4.38
N GLN D 235 12.66 -3.01 3.10
CA GLN D 235 12.36 -4.31 2.51
C GLN D 235 13.53 -5.26 2.62
N LYS D 236 14.71 -4.75 2.24
CA LYS D 236 15.97 -5.51 2.28
C LYS D 236 16.27 -5.92 3.70
N VAL D 237 16.21 -4.98 4.61
CA VAL D 237 16.47 -5.28 5.99
C VAL D 237 15.57 -6.35 6.52
N ASN D 238 14.28 -6.28 6.19
CA ASN D 238 13.31 -7.27 6.70
C ASN D 238 13.51 -8.63 6.10
N PHE D 239 13.93 -8.66 4.84
CA PHE D 239 14.20 -9.89 4.18
C PHE D 239 15.46 -10.52 4.77
N LEU D 240 16.48 -9.71 5.01
CA LEU D 240 17.72 -10.22 5.60
C LEU D 240 17.47 -10.81 6.98
N MET D 241 16.63 -10.17 7.77
CA MET D 241 16.23 -10.66 9.06
C MET D 241 15.61 -12.06 8.93
N GLN D 242 14.77 -12.24 7.93
CA GLN D 242 14.10 -13.51 7.70
C GLN D 242 15.09 -14.60 7.32
N ALA D 243 16.04 -14.26 6.46
CA ALA D 243 16.98 -15.25 5.95
C ALA D 243 17.86 -15.73 7.10
N ALA D 244 18.27 -14.77 7.92
CA ALA D 244 19.08 -15.07 9.10
C ALA D 244 18.41 -16.08 10.01
N MET D 245 17.12 -15.88 10.26
CA MET D 245 16.38 -16.81 11.10
C MET D 245 16.35 -18.18 10.47
N GLY D 246 16.31 -18.21 9.15
CA GLY D 246 16.39 -19.49 8.44
C GLY D 246 17.69 -20.23 8.67
N PHE D 247 18.78 -19.48 8.61
CA PHE D 247 20.11 -20.05 8.81
C PHE D 247 20.31 -20.49 10.25
N ILE D 248 19.80 -19.69 11.18
CA ILE D 248 19.82 -20.05 12.59
C ILE D 248 19.03 -21.32 12.87
N ASN D 249 17.92 -21.53 12.17
CA ASN D 249 17.12 -22.75 12.38
C ASN D 249 17.77 -23.93 11.70
N ILE D 250 18.46 -23.67 10.59
CA ILE D 250 19.18 -24.74 9.95
C ILE D 250 20.30 -25.21 10.87
N GLU D 251 21.01 -24.24 11.45
CA GLU D 251 22.07 -24.52 12.41
C GLU D 251 21.56 -25.27 13.63
N GLN D 252 20.44 -24.81 14.17
CA GLN D 252 19.79 -25.53 15.28
C GLN D 252 19.58 -27.00 14.95
N ASN D 253 19.07 -27.29 13.77
CA ASN D 253 18.89 -28.66 13.33
C ASN D 253 20.17 -29.45 13.28
N ARG D 254 21.24 -28.81 12.82
CA ARG D 254 22.52 -29.46 12.73
C ARG D 254 22.98 -29.88 14.11
N ILE D 255 22.87 -28.94 15.05
CA ILE D 255 23.25 -29.13 16.45
C ILE D 255 22.50 -30.27 17.10
N ILE D 256 21.18 -30.27 16.98
CA ILE D 256 20.34 -31.31 17.60
C ILE D 256 20.69 -32.67 17.06
N LYS D 257 20.94 -32.78 15.75
CA LYS D 257 21.43 -34.03 15.13
C LYS D 257 22.79 -34.49 15.70
N MET E 1 40.75 5.72 -19.39
CA MET E 1 40.39 5.19 -20.74
C MET E 1 39.48 6.18 -21.44
N LEU E 2 39.97 6.75 -22.52
CA LEU E 2 39.19 7.71 -23.28
C LEU E 2 38.91 7.17 -24.67
N SER E 3 37.63 7.11 -25.02
CA SER E 3 37.18 6.74 -26.35
C SER E 3 36.33 7.90 -26.85
N ALA E 4 36.40 8.16 -28.14
CA ALA E 4 35.62 9.22 -28.75
C ALA E 4 35.01 8.72 -30.04
N PHE E 5 33.81 9.23 -30.34
CA PHE E 5 33.04 8.81 -31.52
C PHE E 5 32.52 10.01 -32.30
N GLN E 6 32.59 9.92 -33.62
CA GLN E 6 32.01 10.92 -34.49
C GLN E 6 30.96 10.31 -35.40
N LEU E 7 30.17 11.16 -36.04
CA LEU E 7 29.05 10.74 -36.86
C LEU E 7 29.36 10.81 -38.37
N GLU E 8 29.00 9.74 -39.08
CA GLU E 8 29.18 9.63 -40.55
C GLU E 8 27.99 8.91 -41.22
N ASN E 9 27.06 9.70 -41.76
CA ASN E 9 25.75 9.19 -42.27
C ASN E 9 24.92 8.58 -41.17
N ASN E 10 24.76 9.32 -40.08
CA ASN E 10 24.11 8.81 -38.89
C ASN E 10 24.68 7.45 -38.46
N ARG E 11 26.00 7.28 -38.55
CA ARG E 11 26.68 6.07 -38.06
C ARG E 11 27.81 6.44 -37.12
N LEU E 12 27.74 5.99 -35.88
CA LEU E 12 28.78 6.28 -34.92
C LEU E 12 30.04 5.58 -35.33
N THR E 13 31.09 6.36 -35.59
CA THR E 13 32.37 5.79 -35.97
C THR E 13 33.44 6.18 -34.97
N ARG E 14 34.23 5.18 -34.59
CA ARG E 14 35.20 5.32 -33.53
C ARG E 14 36.38 6.18 -33.95
N LEU E 15 36.53 7.32 -33.31
CA LEU E 15 37.68 8.20 -33.53
C LEU E 15 38.93 7.62 -32.88
N GLU E 16 40.05 7.71 -33.57
CA GLU E 16 41.35 7.36 -32.98
C GLU E 16 41.79 8.56 -32.15
N VAL E 17 42.10 8.34 -30.88
CA VAL E 17 42.38 9.46 -29.96
C VAL E 17 43.83 9.56 -29.49
N GLU E 18 44.50 8.42 -29.34
CA GLU E 18 45.96 8.40 -29.13
C GLU E 18 46.67 9.20 -30.24
N GLU E 19 46.21 9.00 -31.48
CA GLU E 19 46.77 9.65 -32.68
C GLU E 19 46.01 10.90 -33.17
N SER E 20 44.72 10.77 -33.44
CA SER E 20 43.93 11.86 -34.08
C SER E 20 43.43 12.80 -32.98
N GLN E 21 44.28 13.74 -32.63
CA GLN E 21 44.07 14.60 -31.46
C GLN E 21 42.71 15.34 -31.47
N PRO E 22 42.30 15.94 -32.60
CA PRO E 22 41.09 16.77 -32.55
C PRO E 22 39.87 16.01 -31.99
N LEU E 23 39.50 16.39 -30.78
CA LEU E 23 38.32 15.86 -30.10
C LEU E 23 37.10 16.67 -30.50
N VAL E 24 37.32 17.86 -31.01
CA VAL E 24 36.24 18.78 -31.33
C VAL E 24 35.24 18.13 -32.32
N ASN E 25 35.70 17.16 -33.11
CA ASN E 25 34.85 16.50 -34.10
C ASN E 25 33.95 15.41 -33.56
N ALA E 26 34.08 15.11 -32.28
CA ALA E 26 33.31 14.03 -31.69
C ALA E 26 31.92 14.49 -31.26
N VAL E 27 30.94 13.59 -31.42
CA VAL E 27 29.59 13.76 -30.86
C VAL E 27 29.49 13.13 -29.46
N TRP E 28 30.32 12.13 -29.22
CA TRP E 28 30.28 11.35 -27.97
C TRP E 28 31.69 11.11 -27.45
N ILE E 29 31.95 11.60 -26.24
CA ILE E 29 33.15 11.23 -25.50
C ILE E 29 32.76 10.31 -24.35
N ASP E 30 33.43 9.17 -24.28
CA ASP E 30 33.13 8.10 -23.30
C ASP E 30 34.33 7.82 -22.41
N LEU E 31 34.21 8.14 -21.13
CA LEU E 31 35.33 7.97 -20.19
C LEU E 31 35.09 6.85 -19.20
N VAL E 32 36.07 5.96 -19.09
CA VAL E 32 36.06 4.87 -18.13
C VAL E 32 37.25 4.99 -17.19
N GLU E 33 37.01 5.31 -15.91
CA GLU E 33 38.06 5.45 -14.91
C GLU E 33 39.16 6.34 -15.42
N PRO E 34 38.79 7.56 -15.83
CA PRO E 34 39.76 8.37 -16.51
C PRO E 34 40.76 8.98 -15.54
N ASP E 35 42.03 8.94 -15.91
CA ASP E 35 43.06 9.59 -15.12
C ASP E 35 43.04 11.10 -15.34
N ASP E 36 43.81 11.84 -14.55
CA ASP E 36 43.77 13.31 -14.58
C ASP E 36 44.30 13.91 -15.90
N ASP E 37 45.12 13.14 -16.60
CA ASP E 37 45.57 13.51 -17.94
C ASP E 37 44.41 13.53 -18.96
N GLU E 38 43.50 12.57 -18.86
CA GLU E 38 42.33 12.48 -19.73
C GLU E 38 41.26 13.52 -19.37
N ARG E 39 41.08 13.73 -18.08
CA ARG E 39 40.12 14.72 -17.59
C ARG E 39 40.52 16.09 -18.08
N LEU E 40 41.78 16.44 -17.83
CA LEU E 40 42.35 17.73 -18.25
C LEU E 40 42.30 17.93 -19.76
N ARG E 41 42.46 16.84 -20.50
CA ARG E 41 42.38 16.90 -21.96
C ARG E 41 40.99 17.33 -22.44
N VAL E 42 39.97 16.83 -21.77
CA VAL E 42 38.59 17.18 -22.08
C VAL E 42 38.32 18.62 -21.65
N GLN E 43 38.88 18.98 -20.50
CA GLN E 43 38.74 20.32 -19.93
C GLN E 43 39.28 21.38 -20.86
N SER E 44 40.43 21.12 -21.46
CA SER E 44 41.08 22.13 -22.29
C SER E 44 40.61 22.10 -23.76
N GLU E 45 40.47 20.92 -24.35
CA GLU E 45 40.04 20.80 -25.76
C GLU E 45 38.56 21.09 -25.97
N LEU E 46 37.74 20.72 -25.00
CA LEU E 46 36.34 21.13 -24.99
C LEU E 46 36.19 21.97 -23.75
N GLY E 47 34.99 22.45 -23.46
CA GLY E 47 34.86 23.34 -22.31
C GLY E 47 34.70 22.60 -20.98
N GLN E 48 34.87 21.28 -21.00
CA GLN E 48 34.09 20.41 -20.15
C GLN E 48 34.71 19.96 -18.84
N SER E 49 34.17 20.49 -17.75
CA SER E 49 34.35 19.86 -16.43
C SER E 49 33.57 18.57 -16.36
N LEU E 50 34.09 17.63 -15.60
CA LEU E 50 33.44 16.36 -15.42
C LEU E 50 33.20 16.14 -13.96
N ALA E 51 32.20 15.34 -13.65
CA ALA E 51 31.86 15.09 -12.27
C ALA E 51 32.98 14.33 -11.56
N THR E 52 33.25 14.66 -10.30
CA THR E 52 34.24 13.92 -9.55
C THR E 52 33.66 12.60 -9.01
N ARG E 53 34.56 11.71 -8.60
CA ARG E 53 34.20 10.37 -8.12
C ARG E 53 33.15 10.40 -6.99
N PRO E 54 33.33 11.29 -5.97
CA PRO E 54 32.35 11.33 -4.89
C PRO E 54 31.02 11.95 -5.26
N GLU E 55 30.98 12.70 -6.36
CA GLU E 55 29.72 13.30 -6.84
C GLU E 55 28.83 12.26 -7.53
N LEU E 56 29.40 11.14 -7.92
CA LEU E 56 28.63 10.03 -8.47
C LEU E 56 28.01 9.14 -7.40
N GLU E 57 28.35 9.40 -6.14
CA GLU E 57 27.78 8.66 -5.00
C GLU E 57 26.50 9.32 -4.56
N ASP E 58 26.35 10.60 -4.90
CA ASP E 58 25.20 11.37 -4.47
C ASP E 58 23.92 10.88 -5.16
N ILE E 59 22.90 10.59 -4.34
CA ILE E 59 21.65 9.98 -4.82
C ILE E 59 20.44 10.93 -4.89
N GLU E 60 20.52 12.00 -4.12
CA GLU E 60 19.61 13.17 -4.16
C GLU E 60 19.30 13.65 -5.58
N ALA E 61 18.02 13.78 -5.91
CA ALA E 61 17.59 14.25 -7.25
C ALA E 61 18.39 15.46 -7.75
N SER E 62 18.56 16.45 -6.89
CA SER E 62 19.26 17.69 -7.27
C SER E 62 20.76 17.50 -7.56
N ALA E 63 21.29 16.34 -7.24
CA ALA E 63 22.68 16.01 -7.50
C ALA E 63 22.82 15.12 -8.70
N ARG E 64 21.70 14.63 -9.21
CA ARG E 64 21.67 13.70 -10.33
C ARG E 64 20.99 14.24 -11.61
N PHE E 65 19.98 15.08 -11.46
CA PHE E 65 19.22 15.58 -12.60
C PHE E 65 19.14 17.09 -12.51
N PHE E 66 20.03 17.75 -13.24
CA PHE E 66 20.21 19.19 -13.10
C PHE E 66 20.87 19.81 -14.32
N GLU E 67 20.66 21.12 -14.47
CA GLU E 67 21.21 21.92 -15.57
C GLU E 67 22.08 23.03 -14.99
N ASP E 68 23.21 23.32 -15.62
CA ASP E 68 24.08 24.42 -15.16
C ASP E 68 24.98 24.90 -16.28
N ASP E 69 25.92 25.78 -15.98
CA ASP E 69 26.84 26.29 -17.01
C ASP E 69 27.59 25.19 -17.75
N ASP E 70 27.79 24.05 -17.10
CA ASP E 70 28.46 22.90 -17.73
C ASP E 70 27.54 22.02 -18.56
N GLY E 71 26.26 22.36 -18.65
CA GLY E 71 25.34 21.68 -19.54
C GLY E 71 24.21 20.95 -18.84
N LEU E 72 23.71 19.91 -19.50
CA LEU E 72 22.62 19.10 -18.98
C LEU E 72 23.14 17.78 -18.41
N HIS E 73 22.86 17.55 -17.15
CA HIS E 73 23.42 16.41 -16.42
C HIS E 73 22.38 15.37 -16.04
N ILE E 74 22.63 14.11 -16.39
CA ILE E 74 21.79 13.02 -15.94
C ILE E 74 22.66 11.92 -15.37
N HIS E 75 22.56 11.68 -14.06
CA HIS E 75 23.30 10.57 -13.44
C HIS E 75 22.34 9.42 -13.27
N SER E 76 22.77 8.23 -13.68
CA SER E 76 21.88 7.08 -13.73
C SER E 76 22.55 5.78 -13.40
N PHE E 77 21.91 4.98 -12.56
CA PHE E 77 22.38 3.65 -12.24
C PHE E 77 22.35 2.75 -13.48
N PHE E 78 23.46 2.05 -13.71
CA PHE E 78 23.54 0.99 -14.70
C PHE E 78 23.89 -0.33 -14.00
N PHE E 79 23.29 -1.40 -14.47
CA PHE E 79 23.34 -2.69 -13.78
C PHE E 79 24.54 -3.52 -14.25
N PHE E 80 25.18 -4.21 -13.30
CA PHE E 80 26.28 -5.11 -13.67
C PHE E 80 26.50 -6.22 -12.65
N GLU E 81 27.34 -7.17 -13.03
CA GLU E 81 27.73 -8.29 -12.17
C GLU E 81 29.23 -8.23 -12.02
N ASP E 82 29.70 -8.21 -10.77
CA ASP E 82 31.13 -8.06 -10.50
C ASP E 82 31.87 -9.37 -10.73
N ALA E 83 33.15 -9.38 -10.42
CA ALA E 83 34.00 -10.52 -10.76
C ALA E 83 33.55 -11.84 -10.12
N GLU E 84 32.96 -11.75 -8.93
CA GLU E 84 32.47 -12.92 -8.18
C GLU E 84 30.95 -13.16 -8.36
N ASP E 85 30.42 -12.69 -9.49
CA ASP E 85 29.02 -12.87 -9.86
C ASP E 85 28.00 -12.30 -8.90
N HIS E 86 28.34 -11.18 -8.30
CA HIS E 86 27.44 -10.48 -7.42
C HIS E 86 26.84 -9.24 -8.10
N ALA E 87 25.52 -9.10 -8.06
CA ALA E 87 24.87 -7.98 -8.74
C ALA E 87 25.24 -6.63 -8.14
N GLY E 88 25.29 -5.61 -8.98
CA GLY E 88 25.55 -4.26 -8.54
C GLY E 88 25.01 -3.19 -9.49
N ASN E 89 24.92 -1.97 -8.95
CA ASN E 89 24.58 -0.80 -9.74
C ASN E 89 25.76 0.17 -9.79
N SER E 90 26.09 0.66 -10.97
CA SER E 90 27.17 1.63 -11.11
C SER E 90 26.61 2.89 -11.73
N THR E 91 26.80 4.01 -11.06
CA THR E 91 26.30 5.30 -11.52
C THR E 91 27.14 5.80 -12.67
N VAL E 92 26.48 6.30 -13.70
CA VAL E 92 27.14 6.83 -14.87
C VAL E 92 26.66 8.25 -15.04
N ALA E 93 27.61 9.17 -15.18
CA ALA E 93 27.25 10.57 -15.37
C ALA E 93 27.14 10.92 -16.84
N PHE E 94 25.91 11.17 -17.30
CA PHE E 94 25.65 11.66 -18.67
C PHE E 94 25.63 13.18 -18.65
N THR E 95 26.31 13.80 -19.61
CA THR E 95 26.31 15.25 -19.71
C THR E 95 26.17 15.64 -21.19
N ILE E 96 25.21 16.52 -21.48
CA ILE E 96 25.01 16.98 -22.84
C ILE E 96 25.25 18.48 -22.92
N ARG E 97 26.13 18.87 -23.83
CA ARG E 97 26.46 20.28 -23.99
C ARG E 97 26.95 20.61 -25.40
N ASP E 98 26.37 21.66 -25.98
CA ASP E 98 26.64 22.06 -27.36
C ASP E 98 26.59 20.86 -28.29
N GLY E 99 25.48 20.11 -28.22
CA GLY E 99 25.24 18.97 -29.12
C GLY E 99 26.14 17.75 -28.95
N ARG E 100 26.97 17.76 -27.91
CA ARG E 100 27.89 16.65 -27.60
C ARG E 100 27.53 15.92 -26.32
N LEU E 101 27.58 14.61 -26.37
CA LEU E 101 27.34 13.78 -25.19
C LEU E 101 28.62 13.33 -24.50
N PHE E 102 28.68 13.51 -23.18
CA PHE E 102 29.77 12.97 -22.37
C PHE E 102 29.26 11.89 -21.43
N THR E 103 29.87 10.72 -21.46
CA THR E 103 29.55 9.68 -20.47
C THR E 103 30.78 9.40 -19.65
N LEU E 104 30.62 9.53 -18.35
CA LEU E 104 31.69 9.28 -17.40
C LEU E 104 31.28 8.11 -16.52
N ARG E 105 32.10 7.07 -16.51
CA ARG E 105 31.83 5.90 -15.71
C ARG E 105 33.04 5.27 -14.99
N GLU E 106 32.72 4.48 -13.98
CA GLU E 106 33.68 3.89 -13.08
C GLU E 106 34.20 2.55 -13.57
N ARG E 107 33.57 1.99 -14.58
CA ARG E 107 33.89 0.63 -14.98
C ARG E 107 33.25 0.28 -16.30
N GLU E 108 33.69 -0.83 -16.87
CA GLU E 108 33.06 -1.39 -18.05
C GLU E 108 31.64 -1.82 -17.69
N LEU E 109 30.72 -1.70 -18.64
CA LEU E 109 29.30 -2.02 -18.38
C LEU E 109 28.68 -2.75 -19.54
N PRO E 110 27.82 -3.74 -19.26
CA PRO E 110 27.34 -4.54 -20.38
C PRO E 110 26.43 -3.78 -21.38
N ALA E 111 25.66 -2.82 -20.89
CA ALA E 111 24.85 -1.98 -21.81
C ALA E 111 25.71 -1.21 -22.81
N PHE E 112 26.79 -0.60 -22.32
CA PHE E 112 27.69 0.15 -23.17
C PHE E 112 28.43 -0.76 -24.13
N ARG E 113 28.93 -1.85 -23.61
CA ARG E 113 29.63 -2.82 -24.43
C ARG E 113 28.72 -3.31 -25.56
N LEU E 114 27.45 -3.54 -25.24
CA LEU E 114 26.47 -3.97 -26.21
C LEU E 114 26.11 -2.86 -27.21
N TYR E 115 25.91 -1.65 -26.73
CA TYR E 115 25.53 -0.57 -27.64
C TYR E 115 26.64 -0.28 -28.63
N ARG E 116 27.87 -0.32 -28.15
CA ARG E 116 29.04 -0.08 -28.99
C ARG E 116 29.19 -1.15 -30.05
N MET E 117 29.01 -2.41 -29.70
CA MET E 117 29.04 -3.49 -30.67
C MET E 117 28.07 -3.15 -31.80
N ARG E 118 26.83 -2.83 -31.44
CA ARG E 118 25.76 -2.60 -32.42
C ARG E 118 25.99 -1.37 -33.25
N ALA E 119 26.48 -0.33 -32.58
CA ALA E 119 26.74 0.95 -33.22
C ALA E 119 27.76 0.85 -34.36
N ARG E 120 28.60 -0.19 -34.34
CA ARG E 120 29.53 -0.45 -35.45
C ARG E 120 28.88 -0.79 -36.79
N SER E 121 27.61 -1.14 -36.82
CA SER E 121 26.97 -1.54 -38.07
C SER E 121 25.50 -1.25 -37.99
N GLN E 122 25.16 -0.02 -37.65
CA GLN E 122 23.77 0.34 -37.42
C GLN E 122 23.61 1.85 -37.42
N SER E 123 22.62 2.33 -38.15
CA SER E 123 22.41 3.75 -38.33
C SER E 123 21.52 4.35 -37.25
N MET E 124 21.92 5.50 -36.75
CA MET E 124 21.03 6.33 -35.94
C MET E 124 19.98 6.98 -36.83
N VAL E 125 18.91 7.50 -36.24
CA VAL E 125 17.81 8.13 -36.99
C VAL E 125 18.05 9.63 -37.25
N ASP E 126 18.05 10.43 -36.18
CA ASP E 126 18.20 11.90 -36.28
C ASP E 126 19.65 12.24 -36.08
N GLY E 127 20.39 11.33 -35.48
CA GLY E 127 21.82 11.45 -35.30
C GLY E 127 22.31 12.52 -34.34
N ASN E 128 21.84 12.50 -33.10
CA ASN E 128 22.25 13.53 -32.14
C ASN E 128 22.45 12.98 -30.75
N ALA E 129 23.06 13.80 -29.91
CA ALA E 129 23.40 13.46 -28.52
C ALA E 129 22.22 12.99 -27.67
N TYR E 130 21.05 13.59 -27.86
CA TYR E 130 19.85 13.20 -27.10
C TYR E 130 19.41 11.82 -27.56
N GLU E 131 19.42 11.55 -28.86
CA GLU E 131 19.09 10.20 -29.33
C GLU E 131 20.06 9.17 -28.74
N LEU E 132 21.33 9.52 -28.73
CA LEU E 132 22.41 8.64 -28.26
C LEU E 132 22.19 8.25 -26.80
N LEU E 133 21.91 9.25 -25.97
CA LEU E 133 21.62 9.03 -24.57
C LEU E 133 20.45 8.08 -24.38
N LEU E 134 19.36 8.30 -25.11
CA LEU E 134 18.20 7.45 -25.04
C LEU E 134 18.49 6.05 -25.58
N ASP E 135 19.30 5.94 -26.63
CA ASP E 135 19.70 4.63 -27.18
C ASP E 135 20.38 3.80 -26.08
N LEU E 136 21.24 4.44 -25.31
CA LEU E 136 21.88 3.75 -24.20
C LEU E 136 20.88 3.30 -23.14
N PHE E 137 19.87 4.13 -22.86
CA PHE E 137 18.80 3.76 -21.90
C PHE E 137 17.91 2.62 -22.40
N GLU E 138 17.56 2.69 -23.68
CA GLU E 138 16.89 1.57 -24.37
C GLU E 138 17.61 0.24 -24.12
N THR E 139 18.93 0.27 -24.32
CA THR E 139 19.78 -0.90 -24.20
C THR E 139 19.81 -1.40 -22.77
N LYS E 140 19.93 -0.47 -21.84
CA LYS E 140 19.83 -0.76 -20.41
C LYS E 140 18.55 -1.53 -20.08
N ILE E 141 17.40 -0.99 -20.49
CA ILE E 141 16.09 -1.62 -20.22
C ILE E 141 16.00 -3.02 -20.85
N GLU E 142 16.52 -3.15 -22.06
CA GLU E 142 16.54 -4.45 -22.72
C GLU E 142 17.21 -5.53 -21.83
N GLN E 143 18.29 -5.13 -21.17
CA GLN E 143 19.06 -6.04 -20.34
C GLN E 143 18.41 -6.27 -19.00
N LEU E 144 17.85 -5.23 -18.39
CA LEU E 144 17.06 -5.37 -17.15
C LEU E 144 15.89 -6.33 -17.31
N ALA E 145 15.25 -6.28 -18.46
CA ALA E 145 14.14 -7.18 -18.75
C ALA E 145 14.62 -8.62 -18.90
N ASP E 146 15.78 -8.81 -19.50
CA ASP E 146 16.40 -10.12 -19.54
C ASP E 146 16.75 -10.63 -18.13
N GLU E 147 17.27 -9.76 -17.26
CA GLU E 147 17.52 -10.18 -15.88
C GLU E 147 16.26 -10.71 -15.21
N ILE E 148 15.18 -9.96 -15.33
CA ILE E 148 13.92 -10.32 -14.69
C ILE E 148 13.45 -11.68 -15.24
N GLU E 149 13.51 -11.82 -16.55
CA GLU E 149 13.14 -13.08 -17.18
C GLU E 149 13.89 -14.25 -16.57
N ASN E 150 15.16 -14.05 -16.26
CA ASN E 150 15.97 -15.12 -15.66
C ASN E 150 15.74 -15.34 -14.19
N ILE E 151 15.41 -14.29 -13.46
CA ILE E 151 14.97 -14.50 -12.10
C ILE E 151 13.77 -15.42 -12.11
N TYR E 152 12.84 -15.23 -13.04
CA TYR E 152 11.64 -16.07 -13.08
C TYR E 152 11.98 -17.54 -13.24
N SER E 153 12.86 -17.87 -14.20
CA SER E 153 13.12 -19.27 -14.53
C SER E 153 13.95 -19.93 -13.46
N ASP E 154 14.87 -19.18 -12.87
CA ASP E 154 15.68 -19.68 -11.73
C ASP E 154 14.83 -19.92 -10.51
N LEU E 155 13.85 -19.04 -10.30
CA LEU E 155 12.96 -19.09 -9.15
C LEU E 155 11.99 -20.25 -9.28
N GLU E 156 11.67 -20.59 -10.52
CA GLU E 156 10.81 -21.72 -10.84
C GLU E 156 11.51 -23.00 -10.46
N GLN E 157 12.79 -23.14 -10.80
CA GLN E 157 13.53 -24.35 -10.46
C GLN E 157 13.73 -24.45 -8.96
N LEU E 158 14.12 -23.33 -8.37
CA LEU E 158 14.37 -23.26 -6.94
C LEU E 158 13.12 -23.57 -6.15
N SER E 159 11.99 -23.16 -6.68
CA SER E 159 10.70 -23.44 -6.04
C SER E 159 10.49 -24.95 -5.81
N ARG E 160 10.91 -25.75 -6.77
CA ARG E 160 10.73 -27.19 -6.71
C ARG E 160 11.70 -27.87 -5.76
N VAL E 161 12.92 -27.37 -5.67
CA VAL E 161 13.88 -27.82 -4.64
C VAL E 161 13.31 -27.65 -3.21
N ILE E 162 12.66 -26.50 -2.98
CA ILE E 162 12.10 -26.15 -1.68
C ILE E 162 10.84 -26.97 -1.31
N MET E 163 10.13 -27.54 -2.28
CA MET E 163 8.99 -28.42 -2.01
C MET E 163 9.41 -29.87 -1.97
N GLU E 164 10.39 -30.22 -2.79
CA GLU E 164 10.86 -31.59 -3.01
C GLU E 164 12.28 -31.70 -2.48
N GLN E 167 16.39 -32.18 3.02
CA GLN E 167 17.74 -32.49 3.46
C GLN E 167 18.39 -31.24 3.96
N GLY E 168 19.50 -31.37 4.68
CA GLY E 168 20.04 -30.15 5.27
C GLY E 168 20.99 -29.45 4.33
N ASP E 169 21.59 -30.22 3.41
CA ASP E 169 22.67 -29.73 2.51
C ASP E 169 22.14 -28.94 1.32
N GLU E 170 21.17 -29.51 0.62
CA GLU E 170 20.55 -28.86 -0.54
C GLU E 170 19.63 -27.68 -0.11
N TYR E 171 19.51 -27.46 1.21
CA TYR E 171 18.66 -26.39 1.78
C TYR E 171 19.39 -25.17 2.22
N ASP E 172 20.58 -25.32 2.81
CA ASP E 172 21.49 -24.19 2.91
C ASP E 172 21.61 -23.52 1.57
N GLU E 173 21.84 -24.33 0.54
CA GLU E 173 22.07 -23.88 -0.84
C GLU E 173 20.82 -23.16 -1.39
N ALA E 174 19.65 -23.63 -0.98
CA ALA E 174 18.39 -23.09 -1.48
C ALA E 174 18.14 -21.69 -0.94
N LEU E 175 18.28 -21.53 0.38
CA LEU E 175 18.18 -20.22 1.01
C LEU E 175 19.18 -19.22 0.45
N SER E 176 20.40 -19.66 0.20
CA SER E 176 21.42 -18.81 -0.41
C SER E 176 21.05 -18.35 -1.79
N THR E 177 20.55 -19.28 -2.60
CA THR E 177 20.07 -18.94 -3.94
C THR E 177 18.90 -17.96 -3.86
N LEU E 178 17.93 -18.25 -3.02
CA LEU E 178 16.84 -17.31 -2.79
C LEU E 178 17.31 -15.90 -2.54
N ALA E 179 18.30 -15.77 -1.66
CA ALA E 179 18.83 -14.48 -1.27
C ALA E 179 19.61 -13.81 -2.42
N GLU E 180 20.25 -14.60 -3.27
CA GLU E 180 20.88 -14.09 -4.48
C GLU E 180 19.80 -13.51 -5.45
N LEU E 181 18.68 -14.21 -5.59
CA LEU E 181 17.62 -13.78 -6.50
C LEU E 181 16.91 -12.54 -5.97
N GLU E 182 16.72 -12.49 -4.65
CA GLU E 182 16.11 -11.32 -4.03
C GLU E 182 16.98 -10.13 -4.34
N ASP E 183 18.28 -10.29 -4.15
CA ASP E 183 19.21 -9.20 -4.32
C ASP E 183 19.25 -8.68 -5.76
N ILE E 184 19.21 -9.59 -6.72
CA ILE E 184 19.23 -9.18 -8.11
C ILE E 184 17.98 -8.33 -8.35
N GLY E 185 16.82 -8.88 -8.01
CA GLY E 185 15.55 -8.18 -8.23
C GLY E 185 15.51 -6.83 -7.58
N TRP E 186 16.11 -6.75 -6.40
CA TRP E 186 16.19 -5.52 -5.64
C TRP E 186 17.01 -4.48 -6.37
N LYS E 187 18.15 -4.89 -6.88
CA LYS E 187 19.04 -4.02 -7.60
C LYS E 187 18.53 -3.64 -8.98
N VAL E 188 17.77 -4.54 -9.60
CA VAL E 188 17.10 -4.20 -10.83
C VAL E 188 16.07 -3.10 -10.57
N ARG E 189 15.31 -3.23 -9.49
CA ARG E 189 14.31 -2.20 -9.21
C ARG E 189 14.95 -0.84 -9.04
N LEU E 190 16.06 -0.76 -8.32
CA LEU E 190 16.73 0.53 -8.07
C LEU E 190 17.13 1.10 -9.39
N CYS E 191 17.69 0.25 -10.25
CA CYS E 191 18.08 0.66 -11.58
C CYS E 191 16.89 1.21 -12.42
N LEU E 192 15.81 0.46 -12.50
CA LEU E 192 14.56 0.95 -13.13
C LEU E 192 13.99 2.25 -12.57
N MET E 193 13.84 2.34 -11.25
CA MET E 193 13.29 3.52 -10.60
C MET E 193 14.05 4.77 -10.95
N ASP E 194 15.37 4.61 -11.03
CA ASP E 194 16.29 5.72 -11.23
C ASP E 194 16.28 6.21 -12.66
N THR E 195 16.29 5.26 -13.59
CA THR E 195 16.04 5.57 -14.99
C THR E 195 14.67 6.25 -15.20
N GLN E 196 13.67 5.82 -14.47
CA GLN E 196 12.37 6.46 -14.56
C GLN E 196 12.42 7.93 -14.16
N ARG E 197 13.08 8.25 -13.06
CA ARG E 197 13.23 9.67 -12.62
C ARG E 197 13.98 10.44 -13.67
N ALA E 198 15.01 9.80 -14.21
CA ALA E 198 15.88 10.45 -15.17
C ALA E 198 15.13 10.84 -16.43
N LEU E 199 14.37 9.89 -16.98
CA LEU E 199 13.53 10.15 -18.15
C LEU E 199 12.39 11.15 -17.88
N ASN E 200 11.76 11.10 -16.70
CA ASN E 200 10.73 12.09 -16.40
C ASN E 200 11.31 13.49 -16.41
N PHE E 201 12.52 13.62 -15.86
CA PHE E 201 13.20 14.89 -15.79
C PHE E 201 13.49 15.38 -17.20
N LEU E 202 14.04 14.49 -18.00
CA LEU E 202 14.34 14.80 -19.40
C LEU E 202 13.15 15.31 -20.19
N VAL E 203 11.99 14.71 -19.98
CA VAL E 203 10.81 15.05 -20.74
C VAL E 203 10.37 16.46 -20.46
N ARG E 204 10.54 16.92 -19.23
CA ARG E 204 10.06 18.25 -18.84
C ARG E 204 11.11 19.34 -19.10
N LYS E 205 12.37 18.94 -19.11
CA LYS E 205 13.52 19.85 -19.06
C LYS E 205 14.22 20.12 -20.40
N ALA E 206 14.66 19.08 -21.09
CA ALA E 206 15.35 19.28 -22.35
C ALA E 206 14.30 19.54 -23.40
N ARG E 207 14.53 20.58 -24.20
CA ARG E 207 14.00 20.59 -25.54
C ARG E 207 14.47 19.22 -26.04
N LEU E 208 13.52 18.36 -26.38
CA LEU E 208 13.85 17.06 -26.91
C LEU E 208 13.26 17.11 -28.30
N PRO E 209 14.11 16.94 -29.32
CA PRO E 209 13.49 16.82 -30.67
C PRO E 209 12.38 15.75 -30.67
N GLY E 210 11.26 16.03 -31.30
CA GLY E 210 10.06 15.19 -31.22
C GLY E 210 10.25 13.70 -31.47
N GLY E 211 11.23 13.34 -32.29
CA GLY E 211 11.58 11.92 -32.53
C GLY E 211 12.16 11.29 -31.26
N GLN E 212 12.93 12.11 -30.56
CA GLN E 212 13.48 11.76 -29.26
C GLN E 212 12.41 11.68 -28.19
N LEU E 213 11.41 12.53 -28.27
CA LEU E 213 10.37 12.56 -27.25
C LEU E 213 9.58 11.27 -27.21
N GLU E 214 9.21 10.79 -28.38
CA GLU E 214 8.46 9.55 -28.46
C GLU E 214 9.32 8.37 -27.98
N GLN E 215 10.60 8.41 -28.32
CA GLN E 215 11.57 7.38 -27.88
C GLN E 215 11.64 7.28 -26.37
N ALA E 216 11.73 8.42 -25.72
CA ALA E 216 11.73 8.52 -24.27
C ALA E 216 10.43 7.99 -23.66
N ARG E 217 9.31 8.34 -24.24
CA ARG E 217 8.01 7.85 -23.75
C ARG E 217 7.93 6.33 -23.89
N GLU E 218 8.47 5.80 -24.98
CA GLU E 218 8.52 4.36 -25.21
C GLU E 218 9.30 3.67 -24.09
N ILE E 219 10.43 4.25 -23.71
CA ILE E 219 11.23 3.70 -22.63
C ILE E 219 10.48 3.81 -21.30
N LEU E 220 9.83 4.95 -21.08
CA LEU E 220 9.00 5.10 -19.88
C LEU E 220 7.92 4.04 -19.81
N ARG E 221 7.29 3.75 -20.95
CA ARG E 221 6.24 2.75 -21.04
C ARG E 221 6.80 1.37 -20.70
N ASP E 222 8.03 1.11 -21.11
CA ASP E 222 8.64 -0.19 -20.83
C ASP E 222 8.91 -0.35 -19.36
N ILE E 223 9.43 0.70 -18.76
CA ILE E 223 9.67 0.72 -17.33
C ILE E 223 8.38 0.52 -16.55
N GLU E 224 7.32 1.22 -16.92
CA GLU E 224 6.03 1.02 -16.25
C GLU E 224 5.63 -0.44 -16.29
N SER E 225 5.97 -1.12 -17.38
CA SER E 225 5.57 -2.50 -17.55
C SER E 225 6.49 -3.50 -16.90
N LEU E 226 7.68 -3.08 -16.50
CA LEU E 226 8.63 -4.00 -15.86
C LEU E 226 8.59 -3.94 -14.33
N LEU E 227 8.33 -2.75 -13.79
CA LEU E 227 8.24 -2.59 -12.34
C LEU E 227 7.29 -3.59 -11.65
N PRO E 228 6.06 -3.75 -12.13
CA PRO E 228 5.20 -4.75 -11.48
C PRO E 228 5.79 -6.17 -11.44
N HIS E 229 6.47 -6.61 -12.50
CA HIS E 229 7.15 -7.91 -12.46
C HIS E 229 8.12 -8.00 -11.31
N ASN E 230 8.92 -6.96 -11.14
CA ASN E 230 9.81 -6.88 -10.02
C ASN E 230 9.11 -7.11 -8.70
N GLU E 231 7.95 -6.48 -8.52
CA GLU E 231 7.25 -6.52 -7.22
C GLU E 231 6.65 -7.90 -6.98
N SER E 232 6.27 -8.53 -8.08
CA SER E 232 5.68 -9.82 -8.07
C SER E 232 6.71 -10.86 -7.61
N LEU E 233 7.94 -10.73 -8.05
CA LEU E 233 8.99 -11.62 -7.62
C LEU E 233 9.21 -11.54 -6.12
N PHE E 234 9.17 -10.34 -5.54
CA PHE E 234 9.40 -10.19 -4.09
C PHE E 234 8.37 -10.96 -3.29
N GLN E 235 7.11 -10.99 -3.74
CA GLN E 235 6.09 -11.75 -3.03
C GLN E 235 6.40 -13.22 -2.99
N LYS E 236 6.77 -13.76 -4.14
CA LYS E 236 7.11 -15.18 -4.31
C LYS E 236 8.34 -15.52 -3.49
N VAL E 237 9.38 -14.72 -3.63
CA VAL E 237 10.58 -14.90 -2.81
C VAL E 237 10.29 -14.94 -1.30
N ASN E 238 9.48 -14.01 -0.81
CA ASN E 238 9.17 -13.93 0.61
C ASN E 238 8.33 -15.08 1.08
N PHE E 239 7.44 -15.55 0.21
CA PHE E 239 6.61 -16.69 0.53
C PHE E 239 7.47 -17.96 0.57
N LEU E 240 8.39 -18.10 -0.40
CA LEU E 240 9.30 -19.24 -0.43
C LEU E 240 10.17 -19.30 0.83
N MET E 241 10.66 -18.15 1.28
CA MET E 241 11.41 -18.05 2.50
C MET E 241 10.57 -18.59 3.66
N GLN E 242 9.30 -18.24 3.70
CA GLN E 242 8.43 -18.64 4.79
C GLN E 242 8.19 -20.14 4.78
N ALA E 243 7.97 -20.69 3.60
CA ALA E 243 7.68 -22.12 3.44
C ALA E 243 8.89 -22.96 3.87
N ALA E 244 10.07 -22.50 3.47
CA ALA E 244 11.31 -23.12 3.86
C ALA E 244 11.45 -23.22 5.38
N MET E 245 11.16 -22.13 6.08
CA MET E 245 11.26 -22.14 7.54
C MET E 245 10.27 -23.13 8.09
N GLY E 246 9.14 -23.28 7.43
CA GLY E 246 8.13 -24.26 7.87
C GLY E 246 8.63 -25.67 7.76
N PHE E 247 9.31 -25.94 6.65
CA PHE E 247 9.84 -27.25 6.39
C PHE E 247 11.01 -27.59 7.31
N ILE E 248 11.86 -26.60 7.55
CA ILE E 248 12.94 -26.72 8.53
C ILE E 248 12.41 -27.02 9.95
N ASN E 249 11.28 -26.44 10.34
CA ASN E 249 10.72 -26.69 11.68
C ASN E 249 10.02 -28.01 11.74
N ILE E 250 9.44 -28.43 10.63
CA ILE E 250 8.82 -29.75 10.60
C ILE E 250 9.92 -30.79 10.74
N GLU E 251 11.01 -30.57 10.02
CA GLU E 251 12.16 -31.45 10.04
C GLU E 251 12.76 -31.53 11.45
N GLN E 252 12.93 -30.38 12.08
CA GLN E 252 13.40 -30.32 13.45
C GLN E 252 12.56 -31.22 14.35
N ASN E 253 11.25 -31.16 14.22
CA ASN E 253 10.35 -32.04 14.99
C ASN E 253 10.57 -33.51 14.72
N ARG E 254 10.82 -33.85 13.47
CA ARG E 254 11.07 -35.23 13.08
C ARG E 254 12.32 -35.72 13.79
N ILE E 255 13.37 -34.90 13.71
CA ILE E 255 14.65 -35.20 14.33
C ILE E 255 14.55 -35.43 15.83
N ILE E 256 13.90 -34.52 16.52
CA ILE E 256 13.79 -34.60 17.98
C ILE E 256 13.04 -35.87 18.39
N LYS E 257 11.99 -36.23 17.65
CA LYS E 257 11.28 -37.51 17.87
C LYS E 257 12.19 -38.74 17.67
MG MG F . -16.57 -19.72 -14.00
MG MG G . 6.92 -12.90 9.17
MG MG H . 12.70 -23.91 17.29
MG MG I . 15.47 -9.48 -24.50
MG MG J . -25.18 -3.12 14.82
C5 PG0 K . -9.62 2.09 11.52
O2 PG0 K . -8.43 2.71 11.03
C4 PG0 K . -7.27 1.89 10.70
C3 PG0 K . -7.28 1.37 9.24
O1 PG0 K . -6.26 1.97 8.39
C2 PG0 K . -6.51 1.94 6.96
C1 PG0 K . -6.59 3.32 6.26
OTT PG0 K . -5.36 4.09 6.24
MG MG L . 0.94 18.30 23.52
C5 PG0 M . 5.09 16.48 12.27
O2 PG0 M . 5.65 15.81 11.12
C4 PG0 M . 4.70 14.89 10.53
C3 PG0 M . 5.30 13.96 9.47
O1 PG0 M . 5.94 12.82 10.09
C2 PG0 M . 5.36 11.55 9.78
C1 PG0 M . 6.31 10.39 10.09
OTT PG0 M . 6.26 9.36 9.07
MG MG N . 26.56 14.51 -0.96
C5 PG0 O . 10.45 0.62 -4.46
O2 PG0 O . 11.77 1.03 -4.82
C4 PG0 O . 12.19 2.21 -4.13
C3 PG0 O . 13.64 2.56 -4.42
O1 PG0 O . 13.80 3.48 -5.52
C2 PG0 O . 14.92 4.37 -5.37
C1 PG0 O . 15.23 5.29 -6.57
OTT PG0 O . 14.55 6.58 -6.51
#